data_6GWK
#
_entry.id   6GWK
#
_cell.length_a   97.322
_cell.length_b   97.322
_cell.length_c   203.640
_cell.angle_alpha   90.000
_cell.angle_beta   90.000
_cell.angle_gamma   90.000
#
_symmetry.space_group_name_H-M   'P 43'
#
loop_
_entity.id
_entity.type
_entity.pdbx_description
1 polymer 'RNA-binding protein Hfq'
2 water water
#
_entity_poly.entity_id   1
_entity_poly.type   'polypeptide(L)'
_entity_poly.pdbx_seq_one_letter_code
;MSAEKKQNLQDTFLNSVRKSKTPLTIFLVNGVKLQGVVSWFDNFCVLLRRDGQSQLVYKHAISTIMPAQPVQLYEPSADA
DD
;
_entity_poly.pdbx_strand_id   A,B,C,D,E,F,G,H,I,J,K,L,M,N,O,P,Q,R,S,T,U,V,W,X
#
# COMPACT_ATOMS: atom_id res chain seq x y z
N GLN A 7 26.17 11.91 -54.91
CA GLN A 7 25.15 12.95 -54.85
C GLN A 7 24.84 13.35 -53.41
N ASN A 8 23.55 13.49 -53.09
CA ASN A 8 23.14 13.90 -51.76
C ASN A 8 23.25 12.74 -50.78
N LEU A 9 23.32 13.10 -49.49
CA LEU A 9 23.52 12.09 -48.45
C LEU A 9 22.31 11.17 -48.32
N GLN A 10 21.12 11.75 -48.22
CA GLN A 10 19.93 10.92 -48.01
C GLN A 10 19.68 9.99 -49.19
N ASP A 11 19.84 10.50 -50.42
CA ASP A 11 19.67 9.65 -51.59
C ASP A 11 20.74 8.57 -51.64
N THR A 12 21.99 8.93 -51.32
CA THR A 12 23.06 7.94 -51.29
C THR A 12 22.79 6.90 -50.21
N PHE A 13 22.41 7.35 -49.01
CA PHE A 13 22.18 6.43 -47.91
C PHE A 13 21.01 5.48 -48.22
N LEU A 14 19.90 6.03 -48.72
CA LEU A 14 18.73 5.20 -48.97
C LEU A 14 18.96 4.25 -50.14
N ASN A 15 19.57 4.73 -51.22
CA ASN A 15 19.87 3.86 -52.35
C ASN A 15 20.85 2.77 -51.96
N SER A 16 21.77 3.07 -51.05
CA SER A 16 22.75 2.05 -50.62
C SER A 16 22.06 0.92 -49.88
N VAL A 17 21.26 1.24 -48.86
CA VAL A 17 20.58 0.19 -48.11
C VAL A 17 19.47 -0.47 -48.91
N ARG A 18 19.02 0.17 -50.00
CA ARG A 18 18.03 -0.44 -50.87
C ARG A 18 18.69 -1.41 -51.85
N LYS A 19 19.78 -0.98 -52.48
CA LYS A 19 20.48 -1.85 -53.43
C LYS A 19 21.07 -3.06 -52.74
N SER A 20 21.61 -2.88 -51.54
CA SER A 20 22.20 -3.98 -50.79
C SER A 20 21.18 -4.70 -49.90
N LYS A 21 19.94 -4.22 -49.85
CA LYS A 21 18.87 -4.85 -49.08
C LYS A 21 19.28 -5.09 -47.64
N THR A 22 19.97 -4.11 -47.06
CA THR A 22 20.47 -4.24 -45.70
C THR A 22 19.31 -4.11 -44.71
N PRO A 23 19.19 -5.01 -43.74
CA PRO A 23 18.19 -4.81 -42.68
C PRO A 23 18.54 -3.60 -41.83
N LEU A 24 17.51 -2.84 -41.47
CA LEU A 24 17.70 -1.59 -40.74
C LEU A 24 16.59 -1.43 -39.73
N THR A 25 16.77 -0.46 -38.83
CA THR A 25 15.79 -0.12 -37.81
C THR A 25 15.35 1.32 -38.00
N ILE A 26 14.05 1.52 -38.21
CA ILE A 26 13.45 2.85 -38.35
C ILE A 26 12.91 3.27 -37.00
N PHE A 27 13.50 4.31 -36.43
CA PHE A 27 13.01 4.89 -35.19
C PHE A 27 12.07 6.05 -35.53
N LEU A 28 10.84 5.97 -35.05
CA LEU A 28 9.87 7.02 -35.30
C LEU A 28 9.91 8.06 -34.18
N VAL A 29 9.40 9.25 -34.50
CA VAL A 29 9.44 10.35 -33.53
C VAL A 29 8.57 10.08 -32.31
N ASN A 30 7.58 9.20 -32.43
CA ASN A 30 6.74 8.84 -31.28
C ASN A 30 7.32 7.69 -30.47
N GLY A 31 8.54 7.26 -30.78
CA GLY A 31 9.23 6.23 -30.04
C GLY A 31 9.11 4.84 -30.61
N VAL A 32 8.17 4.61 -31.52
CA VAL A 32 7.98 3.28 -32.09
C VAL A 32 9.17 2.92 -32.96
N LYS A 33 9.60 1.66 -32.87
CA LYS A 33 10.70 1.14 -33.66
C LYS A 33 10.17 0.19 -34.72
N LEU A 34 10.61 0.40 -35.96
CA LEU A 34 10.24 -0.46 -37.07
C LEU A 34 11.49 -1.13 -37.63
N GLN A 35 11.36 -2.38 -38.01
CA GLN A 35 12.46 -3.13 -38.61
C GLN A 35 12.03 -3.68 -39.96
N GLY A 36 13.00 -3.79 -40.86
CA GLY A 36 12.72 -4.30 -42.19
C GLY A 36 13.77 -3.82 -43.17
N VAL A 37 13.43 -3.91 -44.46
CA VAL A 37 14.31 -3.53 -45.55
C VAL A 37 13.58 -2.51 -46.42
N VAL A 38 14.28 -1.44 -46.77
CA VAL A 38 13.73 -0.43 -47.67
C VAL A 38 13.78 -0.96 -49.09
N SER A 39 12.60 -1.12 -49.71
CA SER A 39 12.50 -1.60 -51.07
C SER A 39 12.24 -0.50 -52.09
N TRP A 40 11.86 0.69 -51.63
CA TRP A 40 11.48 1.79 -52.51
C TRP A 40 11.32 3.04 -51.66
N PHE A 41 11.70 4.19 -52.22
CA PHE A 41 11.57 5.45 -51.51
C PHE A 41 11.42 6.58 -52.51
N ASP A 42 10.76 7.66 -52.07
CA ASP A 42 10.68 8.88 -52.86
C ASP A 42 11.04 10.08 -52.01
N ASN A 43 10.55 11.26 -52.36
CA ASN A 43 10.93 12.47 -51.64
C ASN A 43 10.36 12.52 -50.23
N PHE A 44 9.20 11.89 -50.02
CA PHE A 44 8.51 12.00 -48.74
C PHE A 44 8.33 10.68 -48.01
N CYS A 45 8.44 9.54 -48.68
CA CYS A 45 8.13 8.25 -48.08
C CYS A 45 9.20 7.23 -48.40
N VAL A 46 9.19 6.13 -47.64
CA VAL A 46 9.97 4.95 -47.90
C VAL A 46 9.05 3.74 -47.77
N LEU A 47 9.35 2.69 -48.52
CA LEU A 47 8.58 1.44 -48.49
C LEU A 47 9.39 0.42 -47.72
N LEU A 48 8.98 0.18 -46.47
CA LEU A 48 9.67 -0.76 -45.59
C LEU A 48 8.97 -2.11 -45.65
N ARG A 49 9.71 -3.14 -46.05
CA ARG A 49 9.16 -4.49 -46.18
C ARG A 49 9.79 -5.39 -45.13
N ARG A 50 8.93 -6.11 -44.39
CA ARG A 50 9.40 -7.11 -43.43
C ARG A 50 8.47 -8.31 -43.47
N ASP A 51 9.04 -9.49 -43.70
CA ASP A 51 8.29 -10.75 -43.71
C ASP A 51 7.15 -10.73 -44.72
N GLY A 52 7.42 -10.15 -45.90
CA GLY A 52 6.44 -10.08 -46.96
C GLY A 52 5.42 -8.96 -46.84
N GLN A 53 5.32 -8.33 -45.67
CA GLN A 53 4.41 -7.20 -45.49
C GLN A 53 5.14 -5.90 -45.74
N SER A 54 4.58 -5.08 -46.63
CA SER A 54 5.16 -3.79 -46.99
C SER A 54 4.40 -2.67 -46.30
N GLN A 55 5.12 -1.65 -45.88
CA GLN A 55 4.56 -0.57 -45.06
C GLN A 55 5.06 0.77 -45.56
N LEU A 56 4.14 1.68 -45.84
CA LEU A 56 4.50 3.02 -46.27
C LEU A 56 4.80 3.88 -45.05
N VAL A 57 6.05 4.31 -44.91
CA VAL A 57 6.50 5.12 -43.79
C VAL A 57 6.82 6.52 -44.30
N TYR A 58 6.28 7.52 -43.62
CA TYR A 58 6.50 8.92 -44.00
C TYR A 58 7.77 9.44 -43.35
N LYS A 59 8.66 10.02 -44.18
CA LYS A 59 9.94 10.48 -43.67
C LYS A 59 9.77 11.49 -42.55
N HIS A 60 8.76 12.35 -42.64
CA HIS A 60 8.55 13.36 -41.60
C HIS A 60 8.24 12.75 -40.25
N ALA A 61 7.90 11.46 -40.19
CA ALA A 61 7.67 10.77 -38.93
C ALA A 61 8.90 10.01 -38.44
N ILE A 62 9.95 9.92 -39.24
CA ILE A 62 11.16 9.18 -38.89
C ILE A 62 12.09 10.09 -38.10
N SER A 63 12.68 9.55 -37.03
CA SER A 63 13.70 10.27 -36.29
C SER A 63 15.10 9.87 -36.77
N THR A 64 15.41 8.57 -36.75
CA THR A 64 16.71 8.08 -37.19
C THR A 64 16.56 6.72 -37.87
N ILE A 65 17.49 6.43 -38.77
CA ILE A 65 17.53 5.17 -39.52
C ILE A 65 18.88 4.53 -39.24
N MET A 66 18.87 3.43 -38.50
CA MET A 66 20.12 2.74 -38.16
C MET A 66 20.17 1.39 -38.86
N PRO A 67 21.13 1.17 -39.75
CA PRO A 67 21.28 -0.16 -40.35
C PRO A 67 21.88 -1.15 -39.35
N ALA A 68 21.56 -2.42 -39.57
CA ALA A 68 22.12 -3.47 -38.72
C ALA A 68 23.56 -3.79 -39.08
N GLN A 69 23.89 -3.78 -40.36
CA GLN A 69 25.25 -4.06 -40.83
C GLN A 69 26.07 -2.78 -40.92
N LYS B 6 29.75 34.31 -45.86
CA LYS B 6 29.68 33.17 -46.77
C LYS B 6 28.67 32.13 -46.28
N GLN B 7 29.13 31.21 -45.45
CA GLN B 7 28.25 30.18 -44.92
C GLN B 7 27.30 30.75 -43.89
N ASN B 8 26.13 30.12 -43.76
CA ASN B 8 25.18 30.47 -42.72
C ASN B 8 25.53 29.73 -41.42
N LEU B 9 24.70 29.92 -40.40
CA LEU B 9 24.99 29.34 -39.10
C LEU B 9 24.98 27.81 -39.16
N GLN B 10 23.92 27.23 -39.73
CA GLN B 10 23.80 25.77 -39.74
C GLN B 10 24.93 25.12 -40.53
N ASP B 11 25.24 25.68 -41.71
CA ASP B 11 26.31 25.11 -42.52
C ASP B 11 27.66 25.30 -41.86
N THR B 12 27.89 26.45 -41.22
CA THR B 12 29.13 26.66 -40.49
C THR B 12 29.25 25.68 -39.33
N PHE B 13 28.17 25.54 -38.56
CA PHE B 13 28.18 24.65 -37.40
C PHE B 13 28.47 23.21 -37.81
N LEU B 14 27.74 22.71 -38.81
CA LEU B 14 27.86 21.30 -39.18
C LEU B 14 29.19 21.01 -39.86
N ASN B 15 29.63 21.90 -40.76
CA ASN B 15 30.92 21.71 -41.40
C ASN B 15 32.06 21.79 -40.40
N SER B 16 31.92 22.61 -39.37
CA SER B 16 32.98 22.73 -38.37
C SER B 16 33.11 21.45 -37.55
N VAL B 17 32.00 21.00 -36.96
CA VAL B 17 32.04 19.78 -36.17
C VAL B 17 32.34 18.56 -37.02
N ARG B 18 32.12 18.63 -38.33
CA ARG B 18 32.51 17.54 -39.20
C ARG B 18 34.01 17.61 -39.52
N LYS B 19 34.50 18.80 -39.87
CA LYS B 19 35.91 18.94 -40.22
C LYS B 19 36.82 18.68 -39.02
N SER B 20 36.39 19.11 -37.84
CA SER B 20 37.16 18.85 -36.62
C SER B 20 36.80 17.52 -35.97
N LYS B 21 35.80 16.80 -36.49
CA LYS B 21 35.34 15.54 -35.93
C LYS B 21 35.01 15.67 -34.45
N THR B 22 34.32 16.76 -34.11
CA THR B 22 34.01 17.04 -32.72
C THR B 22 32.94 16.07 -32.21
N PRO B 23 33.15 15.43 -31.06
CA PRO B 23 32.09 14.61 -30.49
C PRO B 23 30.89 15.46 -30.10
N LEU B 24 29.70 14.97 -30.44
CA LEU B 24 28.47 15.73 -30.25
C LEU B 24 27.47 14.90 -29.48
N THR B 25 26.48 15.60 -28.92
CA THR B 25 25.29 14.98 -28.34
C THR B 25 24.08 15.60 -29.03
N ILE B 26 23.43 14.83 -29.89
CA ILE B 26 22.27 15.32 -30.63
C ILE B 26 21.02 15.00 -29.81
N PHE B 27 20.34 16.06 -29.37
CA PHE B 27 19.11 15.92 -28.60
C PHE B 27 17.93 15.87 -29.55
N LEU B 28 17.14 14.81 -29.48
CA LEU B 28 15.95 14.69 -30.29
C LEU B 28 14.77 15.34 -29.58
N VAL B 29 13.73 15.66 -30.36
CA VAL B 29 12.55 16.32 -29.79
C VAL B 29 11.81 15.39 -28.85
N ASN B 30 11.88 14.07 -29.08
CA ASN B 30 11.15 13.12 -28.24
C ASN B 30 11.90 12.76 -26.96
N GLY B 31 13.03 13.42 -26.68
CA GLY B 31 13.72 13.27 -25.43
C GLY B 31 14.94 12.39 -25.46
N VAL B 32 15.11 11.56 -26.48
CA VAL B 32 16.26 10.66 -26.54
C VAL B 32 17.47 11.41 -27.05
N LYS B 33 18.65 10.99 -26.59
CA LYS B 33 19.91 11.65 -26.88
C LYS B 33 20.79 10.74 -27.73
N LEU B 34 21.31 11.28 -28.82
CA LEU B 34 22.23 10.56 -29.69
C LEU B 34 23.62 11.16 -29.56
N GLN B 35 24.64 10.31 -29.58
CA GLN B 35 26.03 10.73 -29.50
C GLN B 35 26.81 10.22 -30.70
N GLY B 36 27.84 10.95 -31.07
CA GLY B 36 28.70 10.54 -32.17
C GLY B 36 29.34 11.74 -32.82
N VAL B 37 29.78 11.54 -34.06
CA VAL B 37 30.45 12.55 -34.86
C VAL B 37 29.72 12.66 -36.19
N VAL B 38 29.46 13.89 -36.62
CA VAL B 38 28.82 14.14 -37.91
C VAL B 38 29.86 13.94 -39.00
N SER B 39 29.62 12.96 -39.87
CA SER B 39 30.51 12.69 -40.99
C SER B 39 29.99 13.21 -42.32
N TRP B 40 28.71 13.55 -42.40
CA TRP B 40 28.07 13.96 -43.64
C TRP B 40 26.70 14.54 -43.31
N PHE B 41 26.29 15.55 -44.06
CA PHE B 41 25.00 16.18 -43.82
C PHE B 41 24.52 16.84 -45.10
N ASP B 42 23.20 16.94 -45.24
CA ASP B 42 22.60 17.66 -46.35
C ASP B 42 21.52 18.61 -45.83
N ASN B 43 20.52 18.92 -46.67
CA ASN B 43 19.51 19.89 -46.27
C ASN B 43 18.59 19.35 -45.19
N PHE B 44 18.36 18.03 -45.16
CA PHE B 44 17.38 17.44 -44.29
C PHE B 44 17.92 16.40 -43.31
N CYS B 45 19.13 15.89 -43.53
CA CYS B 45 19.64 14.79 -42.74
C CYS B 45 21.06 15.05 -42.27
N VAL B 46 21.45 14.28 -41.26
CA VAL B 46 22.80 14.29 -40.69
C VAL B 46 23.18 12.85 -40.43
N LEU B 47 24.33 12.43 -40.95
CA LEU B 47 24.83 11.08 -40.72
C LEU B 47 25.77 11.10 -39.52
N LEU B 48 25.36 10.46 -38.44
CA LEU B 48 26.12 10.42 -37.20
C LEU B 48 26.87 9.11 -37.10
N ARG B 49 28.19 9.19 -36.91
CA ARG B 49 29.04 8.01 -36.83
C ARG B 49 29.47 7.77 -35.40
N ARG B 50 29.34 6.52 -34.95
CA ARG B 50 29.63 6.12 -33.58
C ARG B 50 30.23 4.72 -33.62
N ASP B 51 31.52 4.62 -33.30
CA ASP B 51 32.37 3.45 -33.61
C ASP B 51 32.37 3.29 -35.13
N GLY B 52 32.06 2.12 -35.66
CA GLY B 52 31.97 1.89 -37.08
C GLY B 52 30.53 1.79 -37.54
N GLN B 53 29.61 2.39 -36.79
CA GLN B 53 28.20 2.42 -37.14
C GLN B 53 27.81 3.83 -37.58
N SER B 54 27.10 3.92 -38.70
CA SER B 54 26.63 5.19 -39.23
C SER B 54 25.11 5.14 -39.33
N GLN B 55 24.45 6.13 -38.75
CA GLN B 55 22.99 6.18 -38.74
C GLN B 55 22.51 7.54 -39.26
N LEU B 56 21.50 7.50 -40.10
CA LEU B 56 20.92 8.71 -40.67
C LEU B 56 20.00 9.36 -39.65
N VAL B 57 20.25 10.62 -39.34
CA VAL B 57 19.44 11.40 -38.40
C VAL B 57 18.73 12.48 -39.19
N TYR B 58 17.42 12.53 -39.09
CA TYR B 58 16.61 13.52 -39.79
C TYR B 58 16.54 14.81 -38.98
N LYS B 59 16.83 15.93 -39.64
CA LYS B 59 16.90 17.20 -38.93
C LYS B 59 15.56 17.58 -38.31
N HIS B 60 14.44 17.14 -38.91
CA HIS B 60 13.14 17.47 -38.36
C HIS B 60 12.87 16.83 -37.00
N ALA B 61 13.68 15.85 -36.60
CA ALA B 61 13.57 15.25 -35.28
C ALA B 61 14.58 15.81 -34.29
N ILE B 62 15.44 16.73 -34.72
CA ILE B 62 16.50 17.27 -33.87
C ILE B 62 15.99 18.51 -33.17
N SER B 63 16.22 18.58 -31.86
CA SER B 63 15.95 19.81 -31.10
C SER B 63 17.23 20.63 -31.03
N THR B 64 18.23 20.14 -30.32
CA THR B 64 19.50 20.84 -30.14
C THR B 64 20.66 19.94 -30.53
N ILE B 65 21.80 20.56 -30.80
CA ILE B 65 23.06 19.86 -31.04
C ILE B 65 24.09 20.45 -30.09
N MET B 66 24.69 19.59 -29.27
CA MET B 66 25.61 20.03 -28.22
C MET B 66 27.00 19.48 -28.45
N PRO B 67 27.99 20.32 -28.76
CA PRO B 67 29.37 19.82 -28.91
C PRO B 67 29.98 19.49 -27.56
N ALA B 68 30.79 18.43 -27.53
CA ALA B 68 31.41 18.00 -26.28
C ALA B 68 32.48 18.99 -25.83
N GLN B 69 33.13 19.67 -26.75
CA GLN B 69 34.17 20.64 -26.44
C GLN B 69 33.86 21.94 -27.14
N PRO B 70 34.41 23.06 -26.65
CA PRO B 70 34.24 24.33 -27.37
C PRO B 70 34.70 24.21 -28.82
N VAL B 71 33.94 24.83 -29.72
CA VAL B 71 34.15 24.71 -31.15
C VAL B 71 34.23 26.10 -31.76
N GLN B 72 35.17 26.29 -32.68
CA GLN B 72 35.37 27.59 -33.31
C GLN B 72 34.38 27.77 -34.46
N LEU B 73 33.55 28.81 -34.37
CA LEU B 73 32.52 29.05 -35.37
C LEU B 73 32.63 30.40 -36.07
N TYR B 74 33.45 31.32 -35.55
CA TYR B 74 33.56 32.67 -36.10
C TYR B 74 32.19 33.35 -36.14
N GLU B 75 31.53 33.36 -34.99
CA GLU B 75 30.22 33.98 -34.87
C GLU B 75 30.32 35.47 -35.16
N PRO B 76 29.24 36.08 -35.67
CA PRO B 76 29.27 37.53 -35.91
C PRO B 76 29.40 38.30 -34.61
N SER B 77 30.17 39.38 -34.65
CA SER B 77 30.33 40.24 -33.50
C SER B 77 29.01 40.95 -33.19
N ALA B 78 28.68 41.03 -31.90
CA ALA B 78 27.42 41.66 -31.49
C ALA B 78 27.38 43.15 -31.77
N ASP B 79 28.52 43.77 -32.08
CA ASP B 79 28.57 45.22 -32.27
C ASP B 79 28.11 45.65 -33.65
N ALA B 80 28.15 44.77 -34.65
CA ALA B 80 27.76 45.10 -36.00
C ALA B 80 26.58 44.24 -36.43
N ASP B 81 26.02 44.57 -37.59
CA ASP B 81 24.86 43.87 -38.13
C ASP B 81 25.32 42.80 -39.12
N ASP B 82 24.60 41.68 -39.12
CA ASP B 82 24.96 40.51 -39.90
C ASP B 82 24.18 40.46 -41.21
N ASN C 8 5.44 8.48 -58.52
CA ASN C 8 6.44 8.13 -57.52
C ASN C 8 5.94 7.01 -56.62
N LEU C 9 6.66 6.76 -55.52
CA LEU C 9 6.28 5.69 -54.61
C LEU C 9 4.97 6.00 -53.91
N GLN C 10 4.86 7.21 -53.35
CA GLN C 10 3.67 7.55 -52.58
C GLN C 10 2.43 7.55 -53.45
N ASP C 11 2.52 8.11 -54.65
CA ASP C 11 1.36 8.16 -55.53
C ASP C 11 0.98 6.77 -56.01
N THR C 12 1.97 5.94 -56.35
CA THR C 12 1.69 4.57 -56.76
C THR C 12 1.02 3.78 -55.65
N PHE C 13 1.56 3.90 -54.42
CA PHE C 13 1.01 3.16 -53.29
C PHE C 13 -0.41 3.60 -52.98
N LEU C 14 -0.63 4.92 -52.93
CA LEU C 14 -1.95 5.43 -52.57
C LEU C 14 -2.98 5.14 -53.65
N ASN C 15 -2.61 5.32 -54.91
CA ASN C 15 -3.51 4.96 -56.01
C ASN C 15 -3.85 3.47 -55.97
N SER C 16 -2.86 2.63 -55.67
CA SER C 16 -3.08 1.19 -55.66
C SER C 16 -4.09 0.80 -54.59
N VAL C 17 -3.90 1.28 -53.36
CA VAL C 17 -4.82 0.93 -52.28
C VAL C 17 -6.16 1.64 -52.46
N ARG C 18 -6.22 2.68 -53.29
CA ARG C 18 -7.49 3.36 -53.55
C ARG C 18 -8.31 2.59 -54.57
N LYS C 19 -7.74 2.38 -55.76
CA LYS C 19 -8.45 1.66 -56.82
C LYS C 19 -8.84 0.27 -56.39
N SER C 20 -8.01 -0.38 -55.55
CA SER C 20 -8.33 -1.71 -55.05
C SER C 20 -9.25 -1.67 -53.84
N LYS C 21 -9.50 -0.50 -53.26
CA LYS C 21 -10.31 -0.36 -52.05
C LYS C 21 -9.79 -1.25 -50.93
N THR C 22 -8.46 -1.27 -50.78
CA THR C 22 -7.83 -2.15 -49.80
C THR C 22 -8.08 -1.64 -48.39
N PRO C 23 -8.53 -2.49 -47.46
CA PRO C 23 -8.64 -2.06 -46.07
C PRO C 23 -7.25 -1.73 -45.50
N LEU C 24 -7.15 -0.55 -44.91
CA LEU C 24 -5.88 -0.03 -44.44
C LEU C 24 -5.93 0.23 -42.94
N THR C 25 -4.74 0.40 -42.36
CA THR C 25 -4.58 0.83 -40.98
C THR C 25 -3.57 1.97 -40.97
N ILE C 26 -4.04 3.18 -40.68
CA ILE C 26 -3.22 4.37 -40.69
C ILE C 26 -2.78 4.67 -39.28
N PHE C 27 -1.47 4.65 -39.05
CA PHE C 27 -0.90 5.01 -37.75
C PHE C 27 -0.55 6.49 -37.78
N LEU C 28 -1.04 7.23 -36.79
CA LEU C 28 -0.75 8.65 -36.70
C LEU C 28 0.46 8.87 -35.80
N VAL C 29 0.99 10.10 -35.85
CA VAL C 29 2.20 10.40 -35.09
C VAL C 29 1.93 10.40 -33.58
N ASN C 30 0.70 10.67 -33.18
CA ASN C 30 0.33 10.65 -31.77
C ASN C 30 -0.10 9.27 -31.30
N GLY C 31 0.11 8.23 -32.12
CA GLY C 31 -0.09 6.87 -31.70
C GLY C 31 -1.47 6.28 -31.98
N VAL C 32 -2.48 7.11 -32.20
CA VAL C 32 -3.82 6.59 -32.41
C VAL C 32 -3.89 5.86 -33.75
N LYS C 33 -4.76 4.86 -33.81
CA LYS C 33 -4.88 3.98 -34.97
C LYS C 33 -6.19 4.27 -35.70
N LEU C 34 -6.11 4.32 -37.02
CA LEU C 34 -7.27 4.57 -37.88
C LEU C 34 -7.47 3.41 -38.84
N GLN C 35 -8.69 2.91 -38.90
CA GLN C 35 -9.06 1.84 -39.82
C GLN C 35 -10.03 2.38 -40.87
N GLY C 36 -9.87 1.91 -42.11
CA GLY C 36 -10.76 2.34 -43.17
C GLY C 36 -10.09 2.17 -44.52
N VAL C 37 -10.77 2.72 -45.53
CA VAL C 37 -10.35 2.63 -46.93
C VAL C 37 -10.09 4.05 -47.43
N VAL C 38 -9.00 4.21 -48.18
CA VAL C 38 -8.66 5.50 -48.77
C VAL C 38 -9.42 5.65 -50.08
N SER C 39 -10.29 6.66 -50.15
CA SER C 39 -11.07 6.93 -51.35
C SER C 39 -10.59 8.14 -52.14
N TRP C 40 -9.69 8.94 -51.57
CA TRP C 40 -9.23 10.17 -52.20
C TRP C 40 -8.01 10.67 -51.44
N PHE C 41 -7.09 11.28 -52.18
CA PHE C 41 -5.90 11.87 -51.56
C PHE C 41 -5.36 12.96 -52.48
N ASP C 42 -4.72 13.95 -51.86
CA ASP C 42 -4.06 15.01 -52.62
C ASP C 42 -2.64 15.19 -52.12
N ASN C 43 -2.11 16.40 -52.22
CA ASN C 43 -0.73 16.65 -51.80
C ASN C 43 -0.56 16.71 -50.30
N PHE C 44 -1.63 16.97 -49.55
CA PHE C 44 -1.52 17.15 -48.11
CA PHE C 44 -1.57 17.21 -48.11
C PHE C 44 -2.46 16.30 -47.28
N CYS C 45 -3.51 15.74 -47.86
CA CYS C 45 -4.50 15.02 -47.08
C CYS C 45 -4.84 13.68 -47.72
N VAL C 46 -5.54 12.87 -46.94
CA VAL C 46 -6.05 11.57 -47.38
CA VAL C 46 -6.06 11.59 -47.40
C VAL C 46 -7.48 11.43 -46.88
N LEU C 47 -8.38 10.99 -47.74
CA LEU C 47 -9.78 10.79 -47.38
C LEU C 47 -9.98 9.33 -47.01
N LEU C 48 -10.20 9.07 -45.72
CA LEU C 48 -10.39 7.71 -45.21
C LEU C 48 -11.88 7.48 -44.99
N ARG C 49 -12.41 6.45 -45.63
CA ARG C 49 -13.83 6.10 -45.54
C ARG C 49 -14.00 4.83 -44.73
N ARG C 50 -14.83 4.91 -43.68
CA ARG C 50 -15.17 3.75 -42.87
C ARG C 50 -16.67 3.80 -42.59
N ASP C 51 -17.40 2.77 -43.02
CA ASP C 51 -18.85 2.80 -43.03
C ASP C 51 -19.35 3.95 -43.88
N GLY C 52 -20.30 4.71 -43.34
CA GLY C 52 -20.81 5.89 -43.99
C GLY C 52 -20.07 7.13 -43.52
N GLN C 53 -18.96 6.90 -42.82
CA GLN C 53 -18.16 7.98 -42.26
C GLN C 53 -17.00 8.31 -43.20
N SER C 54 -16.78 9.61 -43.39
CA SER C 54 -15.64 10.13 -44.12
C SER C 54 -14.82 11.00 -43.18
N GLN C 55 -13.50 10.76 -43.16
CA GLN C 55 -12.60 11.44 -42.23
C GLN C 55 -11.40 11.96 -43.02
N LEU C 56 -11.28 13.28 -43.10
CA LEU C 56 -10.10 13.88 -43.72
C LEU C 56 -8.90 13.72 -42.79
N VAL C 57 -7.82 13.13 -43.29
CA VAL C 57 -6.60 12.91 -42.52
C VAL C 57 -5.47 13.64 -43.22
N TYR C 58 -4.74 14.45 -42.47
CA TYR C 58 -3.62 15.20 -43.04
C TYR C 58 -2.39 14.30 -43.14
N LYS C 59 -1.68 14.42 -44.26
CA LYS C 59 -0.49 13.60 -44.45
C LYS C 59 0.57 13.93 -43.42
N HIS C 60 0.68 15.20 -43.03
CA HIS C 60 1.70 15.62 -42.08
C HIS C 60 1.53 14.97 -40.72
N ALA C 61 0.36 14.42 -40.42
CA ALA C 61 0.09 13.79 -39.14
C ALA C 61 0.15 12.27 -39.20
N ILE C 62 0.41 11.70 -40.37
CA ILE C 62 0.49 10.26 -40.53
C ILE C 62 1.93 9.81 -40.32
N SER C 63 2.10 8.66 -39.66
CA SER C 63 3.40 8.02 -39.54
C SER C 63 3.56 6.89 -40.55
N THR C 64 2.71 5.86 -40.46
CA THR C 64 2.74 4.74 -41.38
C THR C 64 1.34 4.46 -41.93
N ILE C 65 1.32 3.79 -43.08
CA ILE C 65 0.10 3.27 -43.67
C ILE C 65 0.36 1.81 -44.03
N MET C 66 -0.37 0.90 -43.41
CA MET C 66 -0.16 -0.51 -43.71
C MET C 66 -1.45 -1.15 -44.21
N PRO C 67 -1.42 -1.82 -45.36
CA PRO C 67 -2.62 -2.54 -45.83
C PRO C 67 -2.83 -3.83 -45.05
N ALA C 68 -4.10 -4.18 -44.88
CA ALA C 68 -4.44 -5.44 -44.24
C ALA C 68 -3.98 -6.63 -45.09
N GLN C 69 -4.27 -6.60 -46.38
CA GLN C 69 -3.86 -7.60 -47.34
C GLN C 69 -2.69 -7.09 -48.17
N PRO C 70 -1.86 -7.99 -48.71
CA PRO C 70 -0.65 -7.55 -49.41
C PRO C 70 -0.97 -6.74 -50.67
N VAL C 71 -0.13 -5.73 -50.92
CA VAL C 71 -0.28 -4.83 -52.05
C VAL C 71 0.76 -5.18 -53.10
N GLN C 72 0.39 -5.02 -54.37
CA GLN C 72 1.25 -5.32 -55.50
C GLN C 72 1.66 -4.02 -56.18
N LEU C 73 2.95 -3.72 -56.16
CA LEU C 73 3.49 -2.51 -56.76
C LEU C 73 4.58 -2.86 -57.75
N TYR C 74 4.66 -2.08 -58.82
CA TYR C 74 5.70 -2.20 -59.82
C TYR C 74 6.74 -1.11 -59.58
N GLU C 75 7.97 -1.52 -59.27
CA GLU C 75 9.04 -0.61 -58.93
C GLU C 75 10.05 -0.53 -60.07
N PRO C 76 10.71 0.64 -60.25
CA PRO C 76 11.72 0.91 -61.29
C PRO C 76 12.71 -0.22 -61.53
N LYS D 6 -11.07 19.55 -60.95
CA LYS D 6 -10.96 20.97 -60.63
C LYS D 6 -10.28 21.17 -59.27
N GLN D 7 -11.07 21.11 -58.20
CA GLN D 7 -10.53 21.28 -56.86
C GLN D 7 -9.91 19.97 -56.36
N ASN D 8 -8.93 20.12 -55.46
CA ASN D 8 -8.26 18.96 -54.88
C ASN D 8 -9.15 18.25 -53.87
N LEU D 9 -8.55 17.48 -52.97
CA LEU D 9 -9.33 16.85 -51.91
C LEU D 9 -9.60 17.82 -50.77
N GLN D 10 -8.59 18.60 -50.37
CA GLN D 10 -8.74 19.46 -49.20
C GLN D 10 -9.69 20.61 -49.48
N ASP D 11 -9.52 21.29 -50.62
CA ASP D 11 -10.41 22.40 -50.94
C ASP D 11 -11.84 21.92 -51.14
N THR D 12 -12.01 20.78 -51.80
CA THR D 12 -13.34 20.21 -51.95
C THR D 12 -13.96 19.90 -50.59
N PHE D 13 -13.20 19.23 -49.73
CA PHE D 13 -13.71 18.88 -48.40
C PHE D 13 -14.04 20.13 -47.59
N LEU D 14 -13.12 21.08 -47.54
CA LEU D 14 -13.31 22.25 -46.68
C LEU D 14 -14.40 23.17 -47.21
N ASN D 15 -14.45 23.37 -48.53
CA ASN D 15 -15.51 24.19 -49.10
C ASN D 15 -16.87 23.53 -48.93
N SER D 16 -16.92 22.20 -49.01
CA SER D 16 -18.20 21.50 -48.87
C SER D 16 -18.75 21.65 -47.46
N VAL D 17 -17.93 21.36 -46.44
CA VAL D 17 -18.39 21.44 -45.06
C VAL D 17 -18.63 22.88 -44.64
N ARG D 18 -18.08 23.85 -45.35
CA ARG D 18 -18.34 25.25 -45.05
C ARG D 18 -19.64 25.72 -45.71
N LYS D 19 -19.82 25.41 -46.99
CA LYS D 19 -21.02 25.82 -47.70
C LYS D 19 -22.27 25.16 -47.09
N SER D 20 -22.14 23.93 -46.63
CA SER D 20 -23.25 23.22 -46.00
C SER D 20 -23.32 23.48 -44.50
N LYS D 21 -22.34 24.19 -43.93
CA LYS D 21 -22.31 24.48 -42.50
C LYS D 21 -22.40 23.20 -41.68
N THR D 22 -21.71 22.16 -42.13
CA THR D 22 -21.77 20.87 -41.46
C THR D 22 -21.05 20.94 -40.12
N PRO D 23 -21.70 20.55 -39.02
CA PRO D 23 -20.99 20.47 -37.74
C PRO D 23 -19.83 19.48 -37.84
N LEU D 24 -18.68 19.88 -37.33
CA LEU D 24 -17.46 19.11 -37.46
CA LEU D 24 -17.47 19.08 -37.46
C LEU D 24 -16.86 18.84 -36.09
N THR D 25 -15.84 17.98 -36.09
CA THR D 25 -14.98 17.76 -34.93
C THR D 25 -13.55 17.76 -35.44
N ILE D 26 -12.73 18.66 -34.91
CA ILE D 26 -11.32 18.73 -35.27
C ILE D 26 -10.52 17.96 -34.23
N PHE D 27 -9.72 17.01 -34.69
CA PHE D 27 -8.81 16.26 -33.83
C PHE D 27 -7.43 16.84 -34.03
N LEU D 28 -7.01 17.71 -33.11
CA LEU D 28 -5.65 18.21 -33.13
C LEU D 28 -4.67 17.09 -32.80
N VAL D 29 -3.43 17.26 -33.25
CA VAL D 29 -2.42 16.22 -33.07
C VAL D 29 -2.14 15.98 -31.59
N ASN D 30 -2.29 17.01 -30.76
CA ASN D 30 -2.04 16.88 -29.33
C ASN D 30 -3.20 16.24 -28.57
N GLY D 31 -4.21 15.72 -29.26
CA GLY D 31 -5.33 15.08 -28.62
C GLY D 31 -6.50 15.99 -28.28
N VAL D 32 -6.33 17.31 -28.41
CA VAL D 32 -7.42 18.24 -28.17
C VAL D 32 -8.46 18.11 -29.28
N LYS D 33 -9.73 18.18 -28.92
CA LYS D 33 -10.84 18.07 -29.87
C LYS D 33 -11.64 19.36 -29.84
N LEU D 34 -11.79 19.98 -31.01
CA LEU D 34 -12.57 21.20 -31.16
C LEU D 34 -13.76 20.92 -32.07
N GLN D 35 -14.88 21.56 -31.75
CA GLN D 35 -16.11 21.38 -32.50
C GLN D 35 -16.62 22.72 -33.00
N GLY D 36 -17.41 22.67 -34.05
CA GLY D 36 -17.99 23.86 -34.65
C GLY D 36 -18.24 23.63 -36.13
N VAL D 37 -18.13 24.72 -36.88
CA VAL D 37 -18.29 24.69 -38.33
C VAL D 37 -17.20 25.55 -38.96
N VAL D 38 -16.72 25.12 -40.13
CA VAL D 38 -15.76 25.92 -40.88
C VAL D 38 -16.49 27.08 -41.53
N SER D 39 -16.08 28.30 -41.18
CA SER D 39 -16.61 29.49 -41.83
C SER D 39 -15.64 30.08 -42.85
N TRP D 40 -14.35 29.76 -42.75
CA TRP D 40 -13.33 30.32 -43.62
C TRP D 40 -12.06 29.50 -43.46
N PHE D 41 -11.30 29.41 -44.54
CA PHE D 41 -10.04 28.67 -44.53
C PHE D 41 -9.15 29.18 -45.64
N ASP D 42 -7.85 29.17 -45.39
CA ASP D 42 -6.87 29.47 -46.43
C ASP D 42 -5.88 28.31 -46.56
N ASN D 43 -4.63 28.61 -46.92
CA ASN D 43 -3.67 27.55 -47.17
C ASN D 43 -3.05 26.98 -45.91
N PHE D 44 -3.13 27.69 -44.78
CA PHE D 44 -2.45 27.25 -43.57
C PHE D 44 -3.34 27.13 -42.34
N CYS D 45 -4.55 27.68 -42.35
CA CYS D 45 -5.38 27.66 -41.17
C CYS D 45 -6.85 27.54 -41.54
N VAL D 46 -7.67 27.28 -40.53
CA VAL D 46 -9.11 27.14 -40.67
CA VAL D 46 -9.10 27.16 -40.68
C VAL D 46 -9.76 27.97 -39.58
N LEU D 47 -10.79 28.72 -39.93
CA LEU D 47 -11.54 29.53 -38.98
C LEU D 47 -12.75 28.74 -38.52
N LEU D 48 -12.76 28.36 -37.25
CA LEU D 48 -13.80 27.53 -36.68
C LEU D 48 -14.79 28.41 -35.93
N ARG D 49 -16.04 28.43 -36.38
CA ARG D 49 -17.09 29.19 -35.72
C ARG D 49 -17.88 28.28 -34.79
N ARG D 50 -18.06 28.72 -33.55
CA ARG D 50 -18.75 27.94 -32.54
C ARG D 50 -19.53 28.91 -31.66
N ASP D 51 -20.86 28.81 -31.69
CA ASP D 51 -21.75 29.81 -31.09
C ASP D 51 -21.44 31.13 -31.77
N GLY D 52 -21.06 32.18 -31.06
CA GLY D 52 -20.70 33.42 -31.71
C GLY D 52 -19.20 33.61 -31.78
N GLN D 53 -18.45 32.71 -31.16
CA GLN D 53 -16.99 32.83 -31.09
C GLN D 53 -16.34 32.03 -32.21
N SER D 54 -15.45 32.69 -32.95
CA SER D 54 -14.66 32.05 -33.99
C SER D 54 -13.19 32.03 -33.56
N GLN D 55 -12.53 30.90 -33.78
CA GLN D 55 -11.14 30.75 -33.41
C GLN D 55 -10.32 30.27 -34.59
N LEU D 56 -9.09 30.76 -34.69
CA LEU D 56 -8.20 30.36 -35.75
C LEU D 56 -7.48 29.07 -35.38
N VAL D 57 -7.55 28.08 -36.25
CA VAL D 57 -6.88 26.80 -36.05
C VAL D 57 -5.94 26.58 -37.21
N TYR D 58 -4.66 26.36 -36.91
CA TYR D 58 -3.66 26.14 -37.93
C TYR D 58 -3.76 24.74 -38.50
N LYS D 59 -3.79 24.63 -39.83
CA LYS D 59 -3.85 23.32 -40.46
C LYS D 59 -2.71 22.43 -40.00
N HIS D 60 -1.53 23.00 -39.79
CA HIS D 60 -0.36 22.22 -39.39
C HIS D 60 -0.53 21.58 -38.01
N ALA D 61 -1.57 21.96 -37.26
CA ALA D 61 -1.82 21.41 -35.94
C ALA D 61 -2.97 20.42 -35.93
N ILE D 62 -3.58 20.16 -37.08
CA ILE D 62 -4.77 19.32 -37.19
C ILE D 62 -4.36 17.94 -37.68
N SER D 63 -4.95 16.90 -37.09
CA SER D 63 -4.75 15.53 -37.54
CA SER D 63 -4.75 15.53 -37.54
C SER D 63 -5.89 15.07 -38.44
N THR D 64 -7.11 15.07 -37.92
CA THR D 64 -8.28 14.68 -38.70
C THR D 64 -9.41 15.69 -38.51
N ILE D 65 -10.27 15.79 -39.52
CA ILE D 65 -11.49 16.57 -39.46
C ILE D 65 -12.64 15.63 -39.78
N MET D 66 -13.52 15.43 -38.80
CA MET D 66 -14.60 14.45 -38.91
C MET D 66 -15.95 15.16 -38.95
N PRO D 67 -16.69 15.06 -40.04
CA PRO D 67 -18.04 15.65 -40.06
C PRO D 67 -19.01 14.82 -39.24
N ALA D 68 -19.96 15.52 -38.61
CA ALA D 68 -20.97 14.83 -37.80
C ALA D 68 -21.92 14.02 -38.65
N GLN D 69 -22.18 14.46 -39.88
CA GLN D 69 -23.03 13.75 -40.82
C GLN D 69 -22.29 13.59 -42.14
N PRO D 70 -22.64 12.58 -42.92
CA PRO D 70 -21.98 12.38 -44.22
C PRO D 70 -22.12 13.61 -45.11
N VAL D 71 -21.06 13.92 -45.85
CA VAL D 71 -21.01 15.10 -46.70
C VAL D 71 -20.66 14.66 -48.11
N GLN D 72 -21.25 15.34 -49.10
CA GLN D 72 -21.06 14.98 -50.51
C GLN D 72 -19.81 15.66 -51.04
N LEU D 73 -18.82 14.85 -51.42
CA LEU D 73 -17.54 15.35 -51.91
C LEU D 73 -17.27 15.01 -53.36
N TYR D 74 -18.09 14.19 -53.99
CA TYR D 74 -17.86 13.75 -55.37
C TYR D 74 -16.46 13.16 -55.51
N GLU D 75 -16.14 12.23 -54.60
CA GLU D 75 -14.84 11.59 -54.61
C GLU D 75 -14.67 10.77 -55.89
N PRO D 76 -13.44 10.63 -56.38
CA PRO D 76 -13.24 9.87 -57.62
C PRO D 76 -13.62 8.41 -57.44
N SER D 77 -14.09 7.82 -58.53
CA SER D 77 -14.44 6.41 -58.54
C SER D 77 -13.17 5.56 -58.59
N ALA D 78 -13.20 4.45 -57.85
CA ALA D 78 -12.07 3.53 -57.80
C ALA D 78 -11.98 2.64 -59.04
N ASP D 79 -12.63 3.04 -60.15
CA ASP D 79 -12.56 2.28 -61.39
C ASP D 79 -11.66 2.91 -62.44
N ALA D 80 -11.31 4.18 -62.28
CA ALA D 80 -10.46 4.88 -63.25
C ALA D 80 -9.46 5.75 -62.49
N ASP D 81 -8.57 6.39 -63.25
CA ASP D 81 -7.48 7.16 -62.68
C ASP D 81 -7.94 8.57 -62.31
N ASP D 82 -7.04 9.30 -61.67
CA ASP D 82 -7.25 10.71 -61.36
C ASP D 82 -6.75 11.59 -62.49
N GLN E 7 -5.11 39.78 -49.44
CA GLN E 7 -5.27 39.40 -48.03
C GLN E 7 -5.99 38.07 -47.90
N ASN E 8 -5.63 37.30 -46.88
CA ASN E 8 -6.22 35.99 -46.61
C ASN E 8 -6.81 35.96 -45.20
N LEU E 9 -7.18 34.77 -44.74
CA LEU E 9 -7.84 34.63 -43.46
C LEU E 9 -6.88 34.89 -42.30
N GLN E 10 -5.68 34.30 -42.35
CA GLN E 10 -4.75 34.43 -41.24
C GLN E 10 -4.33 35.89 -41.05
N ASP E 11 -4.00 36.57 -42.15
CA ASP E 11 -3.63 37.98 -42.06
C ASP E 11 -4.78 38.82 -41.52
N THR E 12 -5.98 38.62 -42.07
CA THR E 12 -7.15 39.35 -41.60
C THR E 12 -7.41 39.09 -40.12
N PHE E 13 -7.33 37.82 -39.72
CA PHE E 13 -7.58 37.47 -38.32
C PHE E 13 -6.54 38.12 -37.41
N LEU E 14 -5.26 38.00 -37.76
CA LEU E 14 -4.22 38.52 -36.89
C LEU E 14 -4.22 40.04 -36.89
N ASN E 15 -4.42 40.67 -38.05
CA ASN E 15 -4.51 42.13 -38.09
C ASN E 15 -5.70 42.63 -37.30
N SER E 16 -6.81 41.89 -37.32
CA SER E 16 -8.00 42.30 -36.58
C SER E 16 -7.74 42.24 -35.08
N VAL E 17 -7.27 41.10 -34.57
CA VAL E 17 -7.03 40.98 -33.14
C VAL E 17 -5.88 41.86 -32.68
N ARG E 18 -5.04 42.33 -33.61
CA ARG E 18 -4.02 43.31 -33.23
C ARG E 18 -4.60 44.72 -33.18
N LYS E 19 -5.23 45.16 -34.28
CA LYS E 19 -5.76 46.51 -34.34
C LYS E 19 -6.76 46.79 -33.22
N SER E 20 -7.39 45.76 -32.67
CA SER E 20 -8.42 45.93 -31.66
C SER E 20 -7.93 45.67 -30.24
N LYS E 21 -6.62 45.42 -30.06
CA LYS E 21 -6.04 45.15 -28.75
C LYS E 21 -6.71 43.96 -28.07
N THR E 22 -7.27 43.06 -28.87
CA THR E 22 -8.13 42.00 -28.34
C THR E 22 -7.35 41.03 -27.47
N PRO E 23 -7.73 40.83 -26.21
CA PRO E 23 -7.13 39.75 -25.41
C PRO E 23 -7.54 38.41 -25.99
N LEU E 24 -6.57 37.49 -26.03
CA LEU E 24 -6.79 36.19 -26.65
C LEU E 24 -6.05 35.13 -25.85
N THR E 25 -6.27 33.87 -26.25
CA THR E 25 -5.60 32.73 -25.64
C THR E 25 -4.91 31.93 -26.73
N ILE E 26 -3.59 31.84 -26.65
CA ILE E 26 -2.80 31.03 -27.56
C ILE E 26 -2.66 29.63 -26.96
N PHE E 27 -3.20 28.64 -27.66
CA PHE E 27 -3.04 27.25 -27.26
C PHE E 27 -1.90 26.64 -28.07
N LEU E 28 -0.90 26.14 -27.38
CA LEU E 28 0.27 25.58 -28.04
C LEU E 28 0.10 24.08 -28.27
N VAL E 29 0.86 23.56 -29.23
CA VAL E 29 0.76 22.15 -29.59
CA VAL E 29 0.76 22.15 -29.59
C VAL E 29 1.18 21.24 -28.44
N ASN E 30 1.97 21.73 -27.51
CA ASN E 30 2.36 20.93 -26.35
C ASN E 30 1.35 21.01 -25.22
N GLY E 31 0.17 21.57 -25.46
CA GLY E 31 -0.85 21.68 -24.44
C GLY E 31 -0.72 22.86 -23.52
N VAL E 32 0.22 23.76 -23.79
CA VAL E 32 0.41 24.96 -22.98
C VAL E 32 -0.50 26.05 -23.51
N LYS E 33 -1.14 26.79 -22.59
CA LYS E 33 -1.96 27.93 -22.95
C LYS E 33 -1.21 29.22 -22.62
N LEU E 34 -1.29 30.17 -23.53
CA LEU E 34 -0.72 31.49 -23.35
C LEU E 34 -1.81 32.53 -23.46
N GLN E 35 -1.70 33.60 -22.67
CA GLN E 35 -2.66 34.69 -22.69
C GLN E 35 -1.91 35.99 -22.92
N GLY E 36 -2.58 36.94 -23.57
CA GLY E 36 -2.00 38.22 -23.87
C GLY E 36 -2.60 38.81 -25.12
N VAL E 37 -1.92 39.83 -25.64
CA VAL E 37 -2.37 40.57 -26.82
C VAL E 37 -1.27 40.51 -27.86
N VAL E 38 -1.63 40.13 -29.09
CA VAL E 38 -0.68 40.15 -30.19
C VAL E 38 -0.33 41.60 -30.50
N SER E 39 0.97 41.92 -30.46
CA SER E 39 1.43 43.27 -30.76
C SER E 39 2.12 43.38 -32.11
N TRP E 40 2.46 42.27 -32.74
CA TRP E 40 3.24 42.26 -33.97
C TRP E 40 3.32 40.82 -34.46
N PHE E 41 3.23 40.65 -35.78
CA PHE E 41 3.31 39.32 -36.37
C PHE E 41 3.91 39.43 -37.77
N ASP E 42 4.56 38.35 -38.20
CA ASP E 42 5.04 38.23 -39.56
C ASP E 42 4.65 36.87 -40.13
N ASN E 43 5.47 36.33 -41.03
CA ASN E 43 5.10 35.10 -41.71
C ASN E 43 5.21 33.87 -40.80
N PHE E 44 6.08 33.91 -39.80
CA PHE E 44 6.39 32.73 -39.03
C PHE E 44 6.15 32.85 -37.53
N CYS E 45 5.96 34.05 -36.99
CA CYS E 45 5.79 34.19 -35.56
C CYS E 45 4.90 35.39 -35.25
N VAL E 46 4.52 35.48 -33.97
CA VAL E 46 3.75 36.60 -33.45
C VAL E 46 4.39 37.08 -32.17
N LEU E 47 4.20 38.35 -31.85
CA LEU E 47 4.72 38.94 -30.63
C LEU E 47 3.58 39.11 -29.65
N LEU E 48 3.56 38.28 -28.61
CA LEU E 48 2.50 38.27 -27.61
C LEU E 48 2.94 39.09 -26.40
N ARG E 49 2.14 40.10 -26.05
CA ARG E 49 2.42 40.96 -24.91
C ARG E 49 1.46 40.65 -23.78
N ARG E 50 2.01 40.37 -22.59
CA ARG E 50 1.21 40.16 -21.39
C ARG E 50 1.95 40.74 -20.20
N ASP E 51 1.25 41.57 -19.42
CA ASP E 51 1.80 42.20 -18.22
C ASP E 51 3.09 42.97 -18.52
N GLY E 52 3.12 43.60 -19.71
CA GLY E 52 4.27 44.35 -20.15
C GLY E 52 5.41 43.52 -20.72
N GLN E 53 5.39 42.20 -20.50
CA GLN E 53 6.41 41.30 -21.03
C GLN E 53 5.95 40.71 -22.35
N SER E 54 6.76 40.87 -23.38
CA SER E 54 6.45 40.37 -24.72
C SER E 54 7.43 39.26 -25.08
N GLN E 55 6.91 38.15 -25.59
CA GLN E 55 7.71 37.01 -25.99
C GLN E 55 7.40 36.67 -27.45
N LEU E 56 8.37 36.05 -28.11
CA LEU E 56 8.22 35.64 -29.50
C LEU E 56 7.67 34.22 -29.53
N VAL E 57 6.51 34.05 -30.17
CA VAL E 57 5.85 32.76 -30.27
C VAL E 57 5.84 32.33 -31.73
N TYR E 58 6.30 31.11 -31.99
CA TYR E 58 6.40 30.59 -33.35
C TYR E 58 5.09 29.96 -33.77
N LYS E 59 4.64 30.28 -34.99
CA LYS E 59 3.35 29.82 -35.46
C LYS E 59 3.26 28.30 -35.56
N HIS E 60 4.39 27.61 -35.71
CA HIS E 60 4.35 26.15 -35.70
C HIS E 60 4.20 25.59 -34.30
N ALA E 61 4.41 26.40 -33.26
CA ALA E 61 4.08 26.00 -31.90
C ALA E 61 2.64 26.27 -31.53
N ILE E 62 1.97 27.16 -32.27
CA ILE E 62 0.58 27.50 -32.00
C ILE E 62 -0.32 26.48 -32.66
N SER E 63 -1.30 25.97 -31.91
CA SER E 63 -2.36 25.14 -32.47
C SER E 63 -3.62 25.94 -32.75
N THR E 64 -4.08 26.74 -31.78
CA THR E 64 -5.27 27.56 -31.94
C THR E 64 -5.04 28.93 -31.34
N ILE E 65 -5.82 29.89 -31.83
CA ILE E 65 -5.87 31.25 -31.27
C ILE E 65 -7.34 31.57 -31.02
N MET E 66 -7.71 31.71 -29.76
CA MET E 66 -9.10 32.00 -29.42
C MET E 66 -9.20 33.39 -28.80
N PRO E 67 -9.87 34.34 -29.46
CA PRO E 67 -10.07 35.65 -28.85
C PRO E 67 -11.10 35.59 -27.75
N ALA E 68 -10.83 36.31 -26.66
CA ALA E 68 -11.77 36.36 -25.55
C ALA E 68 -13.08 37.03 -25.95
N GLN E 69 -13.03 37.97 -26.90
CA GLN E 69 -14.20 38.62 -27.45
C GLN E 69 -14.16 38.47 -28.96
N PRO E 70 -15.24 38.01 -29.59
CA PRO E 70 -15.19 37.67 -31.02
C PRO E 70 -14.91 38.88 -31.90
N VAL E 71 -14.53 38.59 -33.14
CA VAL E 71 -14.24 39.59 -34.16
C VAL E 71 -14.97 39.20 -35.45
N GLN E 72 -14.88 40.06 -36.46
CA GLN E 72 -15.64 39.86 -37.68
C GLN E 72 -14.83 40.32 -38.88
N LEU E 73 -15.34 39.97 -40.06
CA LEU E 73 -14.74 40.38 -41.33
C LEU E 73 -15.71 40.11 -42.48
N GLN F 7 13.49 45.18 -41.64
CA GLN F 7 13.45 43.82 -41.10
C GLN F 7 12.04 43.46 -40.62
N ASN F 8 11.71 42.17 -40.66
CA ASN F 8 10.41 41.70 -40.20
C ASN F 8 10.43 41.57 -38.68
N LEU F 9 9.36 41.02 -38.10
CA LEU F 9 9.29 40.86 -36.66
C LEU F 9 10.37 39.90 -36.17
N GLN F 10 10.49 38.74 -36.80
CA GLN F 10 11.41 37.72 -36.33
C GLN F 10 12.85 38.20 -36.42
N ASP F 11 13.22 38.82 -37.55
CA ASP F 11 14.58 39.33 -37.71
C ASP F 11 14.86 40.45 -36.72
N THR F 12 13.90 41.37 -36.55
CA THR F 12 14.08 42.46 -35.58
C THR F 12 14.24 41.93 -34.17
N PHE F 13 13.43 40.95 -33.78
CA PHE F 13 13.51 40.40 -32.43
C PHE F 13 14.85 39.71 -32.20
N LEU F 14 15.25 38.84 -33.13
CA LEU F 14 16.46 38.06 -32.93
C LEU F 14 17.71 38.93 -32.99
N ASN F 15 17.77 39.85 -33.96
CA ASN F 15 18.93 40.73 -34.07
C ASN F 15 19.06 41.64 -32.85
N SER F 16 17.93 42.02 -32.25
CA SER F 16 17.99 42.93 -31.11
C SER F 16 18.50 42.21 -29.87
N VAL F 17 17.97 41.02 -29.56
CA VAL F 17 18.46 40.26 -28.42
C VAL F 17 19.88 39.77 -28.67
N ARG F 18 20.30 39.68 -29.93
CA ARG F 18 21.68 39.32 -30.23
C ARG F 18 22.61 40.51 -29.99
N LYS F 19 22.33 41.64 -30.64
CA LYS F 19 23.18 42.81 -30.50
C LYS F 19 23.22 43.31 -29.06
N SER F 20 22.17 43.05 -28.28
CA SER F 20 22.11 43.48 -26.89
C SER F 20 22.54 42.40 -25.92
N LYS F 21 22.79 41.17 -26.39
CA LYS F 21 23.17 40.06 -25.52
C LYS F 21 22.10 39.86 -24.42
N THR F 22 20.84 40.04 -24.79
CA THR F 22 19.79 39.92 -23.79
C THR F 22 19.70 38.48 -23.32
N PRO F 23 19.85 38.20 -22.03
CA PRO F 23 19.65 36.83 -21.54
C PRO F 23 18.22 36.38 -21.81
N LEU F 24 18.08 35.17 -22.32
CA LEU F 24 16.80 34.66 -22.79
CA LEU F 24 16.77 34.69 -22.75
C LEU F 24 16.46 33.35 -22.09
N THR F 25 15.25 32.89 -22.37
CA THR F 25 14.80 31.55 -22.00
C THR F 25 14.04 31.01 -23.19
N ILE F 26 14.59 29.98 -23.85
CA ILE F 26 13.93 29.34 -24.97
C ILE F 26 13.10 28.18 -24.44
N PHE F 27 11.80 28.22 -24.70
CA PHE F 27 10.90 27.14 -24.34
C PHE F 27 10.70 26.26 -25.56
N LEU F 28 11.03 24.98 -25.42
CA LEU F 28 10.94 24.04 -26.52
C LEU F 28 9.54 23.42 -26.58
N VAL F 29 9.27 22.75 -27.71
CA VAL F 29 7.96 22.13 -27.90
C VAL F 29 7.78 20.96 -26.95
N ASN F 30 8.86 20.30 -26.56
CA ASN F 30 8.79 19.19 -25.61
C ASN F 30 8.83 19.65 -24.15
N GLY F 31 8.66 20.94 -23.90
CA GLY F 31 8.66 21.47 -22.56
C GLY F 31 10.03 21.81 -22.01
N VAL F 32 11.10 21.41 -22.69
CA VAL F 32 12.45 21.70 -22.21
C VAL F 32 12.71 23.20 -22.28
N LYS F 33 13.25 23.76 -21.21
CA LYS F 33 13.61 25.17 -21.16
C LYS F 33 15.13 25.30 -21.32
N LEU F 34 15.54 26.20 -22.20
CA LEU F 34 16.95 26.49 -22.44
C LEU F 34 17.22 27.96 -22.11
N GLN F 35 18.35 28.20 -21.45
CA GLN F 35 18.76 29.54 -21.07
C GLN F 35 20.11 29.86 -21.68
N GLY F 36 20.29 31.13 -22.04
CA GLY F 36 21.53 31.57 -22.65
C GLY F 36 21.32 32.88 -23.40
N VAL F 37 22.22 33.12 -24.35
CA VAL F 37 22.19 34.31 -25.19
C VAL F 37 22.35 33.89 -26.64
N VAL F 38 21.54 34.47 -27.52
CA VAL F 38 21.65 34.20 -28.95
C VAL F 38 22.84 34.98 -29.50
N SER F 39 23.80 34.26 -30.07
CA SER F 39 24.94 34.89 -30.72
C SER F 39 24.88 34.83 -32.23
N TRP F 40 23.94 34.08 -32.80
CA TRP F 40 23.87 33.85 -34.23
C TRP F 40 22.56 33.13 -34.55
N PHE F 41 22.00 33.42 -35.72
CA PHE F 41 20.78 32.77 -36.16
C PHE F 41 20.70 32.82 -37.67
N ASP F 42 20.03 31.83 -38.26
CA ASP F 42 19.78 31.82 -39.70
C ASP F 42 18.32 31.46 -39.95
N ASN F 43 18.05 30.83 -41.10
CA ASN F 43 16.66 30.54 -41.47
C ASN F 43 16.05 29.48 -40.57
N PHE F 44 16.85 28.49 -40.16
CA PHE F 44 16.32 27.34 -39.44
C PHE F 44 16.87 27.17 -38.03
N CYS F 45 18.02 27.75 -37.71
CA CYS F 45 18.70 27.47 -36.46
C CYS F 45 18.93 28.74 -35.67
N VAL F 46 19.37 28.53 -34.43
CA VAL F 46 19.70 29.59 -33.50
C VAL F 46 20.85 29.09 -32.63
N LEU F 47 21.93 29.85 -32.58
CA LEU F 47 23.10 29.48 -31.79
C LEU F 47 22.93 30.06 -30.39
N LEU F 48 22.67 29.19 -29.42
CA LEU F 48 22.46 29.59 -28.04
C LEU F 48 23.73 29.29 -27.24
N ARG F 49 24.41 30.34 -26.79
CA ARG F 49 25.64 30.21 -26.02
C ARG F 49 25.42 30.74 -24.62
N ARG F 50 25.75 29.91 -23.62
CA ARG F 50 25.68 30.31 -22.21
C ARG F 50 27.07 30.14 -21.61
N ASP F 51 27.73 31.26 -21.34
CA ASP F 51 29.10 31.29 -20.86
C ASP F 51 30.05 30.65 -21.88
N GLY F 52 30.60 29.48 -21.56
CA GLY F 52 31.59 28.88 -22.43
C GLY F 52 31.10 27.84 -23.39
N GLN F 53 29.80 27.60 -23.48
CA GLN F 53 29.24 26.48 -24.22
C GLN F 53 28.42 26.96 -25.41
N SER F 54 28.50 26.23 -26.51
CA SER F 54 27.71 26.47 -27.71
C SER F 54 26.60 25.43 -27.83
N GLN F 55 25.52 25.80 -28.52
CA GLN F 55 24.39 24.89 -28.71
C GLN F 55 23.59 25.35 -29.91
N LEU F 56 23.52 24.51 -30.94
CA LEU F 56 22.70 24.79 -32.11
C LEU F 56 21.27 24.35 -31.82
N VAL F 57 20.34 25.30 -31.83
CA VAL F 57 18.94 25.05 -31.52
C VAL F 57 18.13 25.26 -32.79
N TYR F 58 17.41 24.22 -33.21
CA TYR F 58 16.54 24.32 -34.39
C TYR F 58 15.26 25.03 -34.01
N LYS F 59 14.87 26.01 -34.83
CA LYS F 59 13.72 26.84 -34.50
C LYS F 59 12.40 26.07 -34.58
N HIS F 60 12.35 25.01 -35.39
CA HIS F 60 11.14 24.19 -35.44
C HIS F 60 10.88 23.49 -34.11
N ALA F 61 11.89 23.39 -33.25
CA ALA F 61 11.74 22.82 -31.92
C ALA F 61 11.46 23.88 -30.86
N ILE F 62 11.42 25.15 -31.23
CA ILE F 62 11.20 26.23 -30.28
C ILE F 62 9.72 26.56 -30.22
N SER F 63 9.18 26.65 -29.01
CA SER F 63 7.83 27.14 -28.82
C SER F 63 7.82 28.66 -28.69
N THR F 64 8.44 29.19 -27.63
CA THR F 64 8.50 30.62 -27.40
C THR F 64 9.89 31.01 -26.90
N ILE F 65 10.23 32.27 -27.12
CA ILE F 65 11.47 32.86 -26.63
C ILE F 65 11.10 34.04 -25.75
N MET F 66 11.50 33.98 -24.48
CA MET F 66 11.15 35.03 -23.52
C MET F 66 12.42 35.70 -23.00
N PRO F 67 12.61 37.00 -23.28
CA PRO F 67 13.77 37.69 -22.73
C PRO F 67 13.64 37.89 -21.23
N ALA F 68 14.78 37.84 -20.55
CA ALA F 68 14.79 38.07 -19.10
C ALA F 68 14.40 39.50 -18.76
N GLN F 69 14.69 40.45 -19.65
CA GLN F 69 14.32 41.85 -19.47
C GLN F 69 13.58 42.33 -20.70
N PRO F 70 12.58 43.19 -20.54
CA PRO F 70 11.82 43.67 -21.70
C PRO F 70 12.72 44.38 -22.70
N VAL F 71 12.54 44.05 -23.97
CA VAL F 71 13.36 44.56 -25.06
C VAL F 71 12.55 45.59 -25.82
N GLN F 72 13.16 46.73 -26.12
CA GLN F 72 12.52 47.80 -26.88
C GLN F 72 12.76 47.52 -28.36
N LEU F 73 11.74 46.96 -29.03
CA LEU F 73 11.82 46.57 -30.44
C LEU F 73 11.14 47.63 -31.29
N TYR F 74 11.93 48.56 -31.83
CA TYR F 74 11.43 49.51 -32.84
C TYR F 74 12.58 50.03 -33.70
N ASN G 8 -21.81 -35.17 43.04
CA ASN G 8 -21.17 -33.93 42.63
C ASN G 8 -21.18 -33.80 41.11
N LEU G 9 -21.34 -32.56 40.61
CA LEU G 9 -21.50 -32.36 39.17
C LEU G 9 -20.26 -32.82 38.41
N GLN G 10 -19.09 -32.32 38.79
CA GLN G 10 -17.88 -32.60 38.02
C GLN G 10 -17.56 -34.09 38.01
N ASP G 11 -17.74 -34.77 39.14
CA ASP G 11 -17.38 -36.18 39.22
C ASP G 11 -18.35 -37.04 38.41
N THR G 12 -19.66 -36.84 38.62
CA THR G 12 -20.63 -37.56 37.81
C THR G 12 -20.51 -37.18 36.34
N PHE G 13 -20.28 -35.90 36.05
CA PHE G 13 -20.15 -35.50 34.65
C PHE G 13 -19.01 -36.27 33.98
N LEU G 14 -17.81 -36.17 34.54
CA LEU G 14 -16.64 -36.81 33.94
C LEU G 14 -16.82 -38.33 33.88
N ASN G 15 -17.43 -38.92 34.91
CA ASN G 15 -17.63 -40.35 34.91
C ASN G 15 -18.54 -40.78 33.76
N SER G 16 -19.48 -39.93 33.35
CA SER G 16 -20.36 -40.28 32.23
C SER G 16 -19.59 -40.32 30.93
N VAL G 17 -18.67 -39.36 30.74
CA VAL G 17 -17.91 -39.30 29.49
C VAL G 17 -16.92 -40.44 29.41
N ARG G 18 -16.32 -40.80 30.54
CA ARG G 18 -15.59 -42.06 30.62
C ARG G 18 -16.48 -43.24 30.31
N LYS G 19 -17.74 -43.22 30.78
CA LYS G 19 -18.61 -44.37 30.60
C LYS G 19 -19.06 -44.52 29.16
N SER G 20 -19.46 -43.42 28.53
CA SER G 20 -20.02 -43.48 27.18
C SER G 20 -18.97 -43.37 26.10
N LYS G 21 -17.70 -43.17 26.45
CA LYS G 21 -16.64 -42.91 25.47
C LYS G 21 -17.00 -41.72 24.59
N THR G 22 -17.70 -40.76 25.18
CA THR G 22 -18.13 -39.58 24.43
C THR G 22 -16.92 -38.79 23.99
N PRO G 23 -16.82 -38.42 22.71
CA PRO G 23 -15.76 -37.51 22.29
C PRO G 23 -16.01 -36.11 22.84
N LEU G 24 -14.92 -35.39 23.11
CA LEU G 24 -15.01 -34.09 23.74
C LEU G 24 -13.96 -33.16 23.17
N THR G 25 -14.09 -31.88 23.52
CA THR G 25 -13.15 -30.85 23.12
C THR G 25 -12.75 -30.05 24.34
N ILE G 26 -11.46 -30.08 24.69
CA ILE G 26 -10.94 -29.40 25.87
C ILE G 26 -10.39 -28.05 25.44
N PHE G 27 -10.91 -26.98 26.02
CA PHE G 27 -10.41 -25.63 25.80
C PHE G 27 -9.52 -25.27 26.99
N LEU G 28 -8.26 -24.97 26.72
CA LEU G 28 -7.34 -24.59 27.78
C LEU G 28 -7.29 -23.07 27.91
N VAL G 29 -6.88 -22.62 29.11
CA VAL G 29 -6.81 -21.19 29.38
C VAL G 29 -5.87 -20.49 28.41
N ASN G 30 -4.86 -21.20 27.92
CA ASN G 30 -3.93 -20.65 26.95
C ASN G 30 -4.53 -20.50 25.55
N GLY G 31 -5.81 -20.82 25.38
CA GLY G 31 -6.46 -20.75 24.09
C GLY G 31 -6.38 -22.01 23.25
N VAL G 32 -5.84 -23.08 23.80
CA VAL G 32 -5.47 -24.25 23.04
C VAL G 32 -6.60 -25.26 23.09
N LYS G 33 -6.87 -25.88 21.95
CA LYS G 33 -7.97 -26.81 21.79
C LYS G 33 -7.44 -28.24 21.76
N LEU G 34 -7.98 -29.08 22.63
CA LEU G 34 -7.62 -30.49 22.69
C LEU G 34 -8.87 -31.33 22.47
N GLN G 35 -8.73 -32.41 21.71
CA GLN G 35 -9.82 -33.33 21.45
C GLN G 35 -9.43 -34.72 21.92
N GLY G 36 -10.42 -35.59 22.03
CA GLY G 36 -10.19 -36.96 22.41
C GLY G 36 -11.27 -37.45 23.35
N VAL G 37 -10.95 -38.54 24.06
CA VAL G 37 -11.87 -39.17 25.00
C VAL G 37 -11.16 -39.29 26.35
N VAL G 38 -11.86 -38.92 27.42
CA VAL G 38 -11.28 -39.02 28.76
C VAL G 38 -11.28 -40.48 29.17
N SER G 39 -10.09 -41.03 29.41
CA SER G 39 -9.94 -42.43 29.79
C SER G 39 -9.74 -42.62 31.28
N TRP G 40 -9.43 -41.57 32.03
CA TRP G 40 -9.07 -41.65 33.45
C TRP G 40 -8.98 -40.23 33.99
N PHE G 41 -9.40 -40.06 35.24
CA PHE G 41 -9.35 -38.75 35.88
C PHE G 41 -9.27 -38.92 37.39
N ASP G 42 -8.63 -37.95 38.04
CA ASP G 42 -8.52 -37.88 39.48
C ASP G 42 -8.93 -36.47 39.92
N ASN G 43 -8.51 -36.07 41.11
CA ASN G 43 -8.87 -34.77 41.65
C ASN G 43 -8.29 -33.61 40.85
N PHE G 44 -7.09 -33.79 40.27
CA PHE G 44 -6.37 -32.68 39.67
C PHE G 44 -6.12 -32.80 38.17
N CYS G 45 -6.31 -33.97 37.57
CA CYS G 45 -6.02 -34.11 36.15
C CYS G 45 -7.08 -34.98 35.48
N VAL G 46 -6.96 -35.13 34.17
CA VAL G 46 -7.71 -36.10 33.38
C VAL G 46 -6.76 -36.67 32.32
N LEU G 47 -6.88 -37.97 32.07
CA LEU G 47 -6.09 -38.64 31.04
C LEU G 47 -6.89 -38.62 29.74
N LEU G 48 -6.38 -37.89 28.75
CA LEU G 48 -7.10 -37.65 27.50
C LEU G 48 -6.52 -38.53 26.40
N ARG G 49 -7.28 -39.55 25.99
CA ARG G 49 -6.85 -40.44 24.93
C ARG G 49 -7.17 -39.85 23.57
N ARG G 50 -6.22 -39.92 22.64
CA ARG G 50 -6.41 -39.41 21.29
C ARG G 50 -5.64 -40.25 20.30
N ASP G 51 -6.37 -40.91 19.38
CA ASP G 51 -5.79 -41.64 18.26
C ASP G 51 -4.71 -42.62 18.72
N GLY G 52 -4.96 -43.29 19.83
CA GLY G 52 -4.02 -44.21 20.41
C GLY G 52 -3.10 -43.59 21.45
N GLN G 53 -2.80 -42.30 21.34
CA GLN G 53 -1.89 -41.62 22.25
C GLN G 53 -2.65 -41.04 23.43
N SER G 54 -2.07 -41.18 24.61
CA SER G 54 -2.62 -40.62 25.84
C SER G 54 -1.85 -39.37 26.23
N GLN G 55 -2.48 -38.54 27.07
CA GLN G 55 -1.92 -37.23 27.39
C GLN G 55 -2.53 -36.73 28.69
N LEU G 56 -1.67 -36.51 29.69
CA LEU G 56 -2.13 -35.99 30.98
C LEU G 56 -2.29 -34.47 30.89
N VAL G 57 -3.52 -33.99 31.03
CA VAL G 57 -3.81 -32.56 31.02
C VAL G 57 -4.35 -32.17 32.38
N TYR G 58 -3.82 -31.08 32.93
CA TYR G 58 -4.16 -30.65 34.28
C TYR G 58 -5.44 -29.83 34.29
N LYS G 59 -6.29 -30.08 35.29
CA LYS G 59 -7.57 -29.40 35.35
C LYS G 59 -7.42 -27.90 35.54
N HIS G 60 -6.39 -27.47 36.27
CA HIS G 60 -6.17 -26.04 36.47
C HIS G 60 -5.85 -25.33 35.16
N ALA G 61 -5.39 -26.07 34.15
CA ALA G 61 -5.12 -25.52 32.83
C ALA G 61 -6.34 -25.55 31.92
N ILE G 62 -7.41 -26.24 32.32
CA ILE G 62 -8.60 -26.36 31.51
C ILE G 62 -9.53 -25.19 31.81
N SER G 63 -10.03 -24.55 30.75
CA SER G 63 -11.06 -23.52 30.88
C SER G 63 -12.45 -24.06 30.63
N THR G 64 -12.60 -24.97 29.67
CA THR G 64 -13.92 -25.40 29.22
C THR G 64 -13.82 -26.79 28.63
N ILE G 65 -14.79 -27.65 28.97
CA ILE G 65 -14.92 -28.97 28.39
C ILE G 65 -16.27 -29.02 27.67
N MET G 66 -16.23 -29.14 26.36
CA MET G 66 -17.44 -29.13 25.54
C MET G 66 -17.68 -30.50 24.94
N PRO G 67 -18.72 -31.23 25.34
CA PRO G 67 -19.01 -32.56 24.81
C PRO G 67 -19.93 -32.54 23.59
N PRO G 70 -25.27 -33.99 24.24
CA PRO G 70 -25.57 -35.22 24.98
C PRO G 70 -25.13 -35.15 26.43
N VAL G 71 -25.87 -34.40 27.25
CA VAL G 71 -25.48 -34.19 28.63
C VAL G 71 -25.51 -35.51 29.40
N GLN G 72 -26.67 -36.15 29.45
CA GLN G 72 -26.86 -37.43 30.12
C GLN G 72 -26.47 -37.34 31.60
N LEU G 73 -27.24 -36.54 32.32
CA LEU G 73 -27.04 -36.35 33.76
C LEU G 73 -28.28 -35.74 34.42
N GLN H 7 -26.96 -18.55 52.79
CA GLN H 7 -25.97 -18.78 51.75
C GLN H 7 -25.01 -17.59 51.62
N ASN H 8 -23.81 -17.84 51.09
CA ASN H 8 -22.83 -16.79 50.88
C ASN H 8 -23.20 -15.94 49.67
N LEU H 9 -22.24 -15.20 49.14
CA LEU H 9 -22.52 -14.41 47.93
C LEU H 9 -22.52 -15.29 46.68
N GLN H 10 -21.58 -16.24 46.59
CA GLN H 10 -21.46 -17.02 45.38
C GLN H 10 -22.62 -17.99 45.21
N ASP H 11 -22.98 -18.71 46.27
CA ASP H 11 -24.11 -19.64 46.16
C ASP H 11 -25.40 -18.89 45.90
N THR H 12 -25.60 -17.75 46.57
CA THR H 12 -26.80 -16.95 46.33
C THR H 12 -26.85 -16.46 44.89
N PHE H 13 -25.75 -15.89 44.40
CA PHE H 13 -25.69 -15.41 43.02
C PHE H 13 -25.99 -16.54 42.05
N LEU H 14 -25.35 -17.70 42.23
CA LEU H 14 -25.44 -18.76 41.25
C LEU H 14 -26.77 -19.50 41.36
N ASN H 15 -27.26 -19.73 42.59
CA ASN H 15 -28.56 -20.37 42.75
C ASN H 15 -29.68 -19.51 42.17
N SER H 16 -29.59 -18.19 42.38
CA SER H 16 -30.63 -17.29 41.89
C SER H 16 -30.69 -17.31 40.37
N VAL H 17 -29.54 -17.24 39.71
CA VAL H 17 -29.53 -17.22 38.25
C VAL H 17 -29.92 -18.57 37.69
N ARG H 18 -29.59 -19.66 38.39
CA ARG H 18 -30.00 -20.97 37.93
C ARG H 18 -31.49 -21.17 38.12
N LYS H 19 -32.03 -20.72 39.25
CA LYS H 19 -33.45 -20.88 39.53
C LYS H 19 -34.30 -20.06 38.57
N SER H 20 -33.86 -18.84 38.25
CA SER H 20 -34.59 -17.96 37.35
C SER H 20 -34.19 -18.13 35.89
N LYS H 21 -33.23 -19.01 35.60
CA LYS H 21 -32.78 -19.26 34.23
C LYS H 21 -32.36 -17.96 33.54
N THR H 22 -31.66 -17.11 34.27
CA THR H 22 -31.29 -15.80 33.73
C THR H 22 -30.17 -15.94 32.70
N PRO H 23 -30.31 -15.36 31.52
CA PRO H 23 -29.22 -15.40 30.55
C PRO H 23 -28.05 -14.54 31.01
N LEU H 24 -26.84 -15.02 30.72
CA LEU H 24 -25.63 -14.43 31.29
C LEU H 24 -24.53 -14.34 30.25
N THR H 25 -23.45 -13.64 30.62
CA THR H 25 -22.24 -13.52 29.82
C THR H 25 -21.04 -13.82 30.71
N ILE H 26 -20.56 -15.06 30.69
CA ILE H 26 -19.39 -15.45 31.48
C ILE H 26 -18.14 -14.94 30.77
N PHE H 27 -17.43 -14.03 31.44
CA PHE H 27 -16.20 -13.46 30.91
C PHE H 27 -15.01 -14.18 31.54
N LEU H 28 -14.23 -14.86 30.70
CA LEU H 28 -13.15 -15.72 31.17
C LEU H 28 -11.88 -14.92 31.40
N VAL H 29 -10.90 -15.57 32.03
CA VAL H 29 -9.62 -14.92 32.34
C VAL H 29 -8.84 -14.62 31.06
N ASN H 30 -8.88 -15.52 30.08
CA ASN H 30 -8.16 -15.31 28.82
C ASN H 30 -8.80 -14.25 27.94
N GLY H 31 -10.06 -13.88 28.19
CA GLY H 31 -10.72 -12.81 27.48
C GLY H 31 -11.99 -13.20 26.77
N VAL H 32 -12.18 -14.48 26.44
CA VAL H 32 -13.33 -14.91 25.66
C VAL H 32 -14.58 -14.90 26.53
N LYS H 33 -15.68 -14.46 25.95
CA LYS H 33 -16.98 -14.43 26.62
C LYS H 33 -17.78 -15.67 26.25
N LEU H 34 -18.75 -16.01 27.09
CA LEU H 34 -19.51 -17.26 26.91
C LEU H 34 -20.94 -17.01 27.39
N GLN H 35 -21.83 -16.74 26.44
CA GLN H 35 -23.23 -16.50 26.76
C GLN H 35 -23.97 -17.81 27.04
N GLY H 36 -24.92 -17.75 27.97
CA GLY H 36 -25.74 -18.91 28.26
C GLY H 36 -26.43 -18.75 29.60
N VAL H 37 -26.97 -19.88 30.07
CA VAL H 37 -27.66 -19.95 31.36
C VAL H 37 -27.04 -21.07 32.18
N VAL H 38 -27.02 -20.87 33.50
CA VAL H 38 -26.47 -21.86 34.42
C VAL H 38 -27.53 -22.91 34.69
N SER H 39 -27.22 -24.17 34.36
CA SER H 39 -28.11 -25.28 34.67
C SER H 39 -27.76 -25.94 35.99
N TRP H 40 -26.47 -26.08 36.27
CA TRP H 40 -25.96 -26.74 37.46
C TRP H 40 -24.63 -26.09 37.81
N PHE H 41 -24.23 -26.22 39.08
CA PHE H 41 -22.92 -25.76 39.51
C PHE H 41 -22.48 -26.59 40.70
N ASP H 42 -21.21 -26.45 41.05
CA ASP H 42 -20.69 -27.08 42.27
C ASP H 42 -19.50 -26.27 42.76
N ASN H 43 -18.50 -26.96 43.33
CA ASN H 43 -17.40 -26.26 43.98
C ASN H 43 -16.45 -25.63 42.98
N PHE H 44 -16.18 -26.31 41.86
CA PHE H 44 -15.14 -25.88 40.93
C PHE H 44 -15.63 -25.53 39.54
N CYS H 45 -16.84 -25.94 39.16
CA CYS H 45 -17.32 -25.78 37.79
C CYS H 45 -18.74 -25.23 37.75
N VAL H 46 -19.09 -24.74 36.56
CA VAL H 46 -20.45 -24.33 36.24
C VAL H 46 -20.81 -24.93 34.88
N LEU H 47 -21.94 -25.62 34.81
CA LEU H 47 -22.42 -26.21 33.56
C LEU H 47 -23.32 -25.20 32.86
N LEU H 48 -22.87 -24.69 31.72
CA LEU H 48 -23.57 -23.65 30.99
C LEU H 48 -24.30 -24.26 29.79
N ARG H 49 -25.63 -24.17 29.79
CA ARG H 49 -26.42 -24.56 28.64
C ARG H 49 -26.43 -23.41 27.64
N ARG H 50 -25.90 -23.64 26.44
CA ARG H 50 -25.97 -22.70 25.32
C ARG H 50 -26.58 -23.46 24.16
N ASP H 51 -27.90 -23.45 24.09
CA ASP H 51 -28.67 -24.35 23.20
C ASP H 51 -28.22 -25.77 23.57
N GLY H 52 -28.01 -26.65 22.60
CA GLY H 52 -27.41 -27.96 22.80
C GLY H 52 -27.77 -28.69 24.07
N GLN H 53 -26.76 -29.14 24.82
CA GLN H 53 -27.01 -29.85 26.07
C GLN H 53 -26.22 -29.27 27.24
N SER H 54 -24.90 -29.14 27.10
CA SER H 54 -24.10 -28.69 28.24
C SER H 54 -22.71 -28.28 27.76
N GLN H 55 -21.97 -27.64 28.67
CA GLN H 55 -20.57 -27.26 28.49
C GLN H 55 -20.04 -26.71 29.82
N LEU H 56 -19.14 -27.43 30.48
CA LEU H 56 -18.68 -26.97 31.79
C LEU H 56 -17.65 -25.87 31.62
N VAL H 57 -17.66 -24.94 32.56
CA VAL H 57 -16.66 -23.89 32.66
C VAL H 57 -16.07 -23.99 34.06
N TYR H 58 -14.76 -24.22 34.14
CA TYR H 58 -14.09 -24.25 35.42
C TYR H 58 -14.12 -22.86 36.05
N LYS H 59 -14.40 -22.81 37.35
CA LYS H 59 -14.53 -21.52 38.03
C LYS H 59 -13.19 -20.78 38.03
N HIS H 60 -12.07 -21.50 38.10
CA HIS H 60 -10.77 -20.85 38.11
C HIS H 60 -10.48 -20.11 36.81
N ALA H 61 -11.19 -20.44 35.74
CA ALA H 61 -11.04 -19.73 34.47
C ALA H 61 -12.01 -18.55 34.34
N ILE H 62 -12.94 -18.40 35.26
CA ILE H 62 -13.94 -17.34 35.19
C ILE H 62 -13.39 -16.08 35.83
N SER H 63 -13.55 -14.94 35.14
CA SER H 63 -13.21 -13.64 35.70
C SER H 63 -14.43 -12.93 36.26
N THR H 64 -15.42 -12.63 35.43
CA THR H 64 -16.65 -11.98 35.86
C THR H 64 -17.87 -12.72 35.33
N ILE H 65 -18.99 -12.53 36.02
CA ILE H 65 -20.25 -13.17 35.66
C ILE H 65 -21.35 -12.11 35.65
N MET H 66 -21.78 -11.69 34.47
CA MET H 66 -22.67 -10.55 34.33
C MET H 66 -24.05 -10.95 33.81
N PRO H 67 -25.10 -10.80 34.60
CA PRO H 67 -26.45 -11.14 34.11
C PRO H 67 -26.95 -10.15 33.08
N ALA H 68 -27.66 -10.69 32.08
CA ALA H 68 -28.28 -9.85 31.07
C ALA H 68 -29.31 -8.89 31.67
N GLN H 69 -30.02 -9.34 32.69
CA GLN H 69 -31.02 -8.55 33.38
C GLN H 69 -30.70 -8.46 34.86
N PRO H 70 -31.27 -7.51 35.59
CA PRO H 70 -31.09 -7.50 37.05
C PRO H 70 -31.65 -8.78 37.66
N VAL H 71 -30.98 -9.26 38.70
CA VAL H 71 -31.36 -10.48 39.39
C VAL H 71 -31.43 -10.20 40.88
N GLN H 72 -32.35 -10.89 41.56
CA GLN H 72 -32.57 -10.67 42.98
C GLN H 72 -31.55 -11.49 43.78
N LEU H 73 -30.78 -10.79 44.63
CA LEU H 73 -29.74 -11.44 45.42
C LEU H 73 -29.91 -11.28 46.91
N TYR H 74 -30.80 -10.40 47.37
CA TYR H 74 -30.94 -10.08 48.79
C TYR H 74 -29.59 -9.67 49.38
N GLU H 75 -28.95 -8.73 48.69
CA GLU H 75 -27.62 -8.28 49.09
C GLU H 75 -27.67 -7.61 50.46
N PRO H 76 -26.57 -7.65 51.21
CA PRO H 76 -26.58 -7.11 52.57
C PRO H 76 -26.67 -5.59 52.56
N SER H 77 -27.35 -5.06 53.57
CA SER H 77 -27.42 -3.62 53.75
C SER H 77 -26.05 -3.07 54.15
N ALA H 78 -25.71 -1.90 53.61
CA ALA H 78 -24.38 -1.34 53.88
C ALA H 78 -24.27 -0.87 55.33
N ASP H 79 -25.34 -0.30 55.88
CA ASP H 79 -25.26 0.27 57.23
C ASP H 79 -25.16 -0.80 58.30
N ALA H 80 -25.43 -2.07 57.97
CA ALA H 80 -25.32 -3.16 58.91
C ALA H 80 -23.96 -3.85 58.76
N ASP H 81 -23.84 -5.09 59.23
CA ASP H 81 -22.58 -5.82 59.23
C ASP H 81 -22.82 -7.24 58.74
N ASP H 82 -21.84 -7.77 58.03
CA ASP H 82 -21.90 -9.13 57.50
C ASP H 82 -20.51 -9.75 57.48
N GLN I 7 -2.44 -46.50 43.76
CA GLN I 7 -2.08 -45.15 43.32
C GLN I 7 -3.17 -44.55 42.43
N ASN I 8 -3.33 -43.22 42.50
CA ASN I 8 -4.31 -42.52 41.69
C ASN I 8 -3.77 -42.35 40.26
N LEU I 9 -4.50 -41.60 39.43
CA LEU I 9 -4.09 -41.45 38.04
C LEU I 9 -2.77 -40.69 37.92
N GLN I 10 -2.65 -39.56 38.61
CA GLN I 10 -1.46 -38.73 38.49
C GLN I 10 -0.23 -39.46 39.04
N ASP I 11 -0.37 -40.09 40.20
CA ASP I 11 0.75 -40.86 40.76
C ASP I 11 1.09 -42.06 39.88
N THR I 12 0.09 -42.62 39.20
CA THR I 12 0.35 -43.74 38.30
C THR I 12 1.06 -43.28 37.04
N PHE I 13 0.50 -42.28 36.36
CA PHE I 13 1.08 -41.79 35.11
C PHE I 13 2.53 -41.35 35.31
N LEU I 14 2.79 -40.58 36.37
CA LEU I 14 4.13 -40.03 36.58
C LEU I 14 5.11 -41.13 36.95
N ASN I 15 4.72 -42.05 37.83
CA ASN I 15 5.57 -43.19 38.15
C ASN I 15 5.83 -44.04 36.90
N SER I 16 4.80 -44.24 36.08
CA SER I 16 4.94 -45.07 34.89
C SER I 16 6.02 -44.52 33.96
N VAL I 17 5.96 -43.22 33.65
CA VAL I 17 6.92 -42.63 32.72
C VAL I 17 8.26 -42.38 33.39
N ARG I 18 8.27 -42.35 34.72
CA ARG I 18 9.51 -42.14 35.47
C ARG I 18 10.40 -43.36 35.38
N LYS I 19 9.86 -44.52 35.80
CA LYS I 19 10.63 -45.77 35.76
C LYS I 19 11.06 -46.12 34.34
N SER I 20 10.18 -45.88 33.36
CA SER I 20 10.50 -46.23 31.98
C SER I 20 11.49 -45.25 31.36
N LYS I 21 11.69 -44.08 31.97
CA LYS I 21 12.56 -43.04 31.42
C LYS I 21 12.12 -42.64 30.01
N THR I 22 10.81 -42.58 29.80
CA THR I 22 10.28 -42.27 28.48
C THR I 22 10.42 -40.79 28.19
N PRO I 23 10.87 -40.40 26.99
CA PRO I 23 10.97 -38.97 26.66
C PRO I 23 9.59 -38.32 26.63
N LEU I 24 9.55 -37.06 27.05
CA LEU I 24 8.31 -36.32 27.21
C LEU I 24 8.40 -34.95 26.57
N THR I 25 7.22 -34.38 26.32
CA THR I 25 7.07 -32.98 25.93
C THR I 25 6.10 -32.34 26.91
N ILE I 26 6.62 -31.51 27.81
CA ILE I 26 5.81 -30.79 28.78
C ILE I 26 5.47 -29.42 28.21
N PHE I 27 4.18 -29.17 28.01
CA PHE I 27 3.70 -27.88 27.56
C PHE I 27 3.23 -27.05 28.74
N LEU I 28 3.81 -25.86 28.88
CA LEU I 28 3.52 -25.00 30.00
C LEU I 28 2.31 -24.13 29.71
N VAL I 29 1.81 -23.49 30.76
CA VAL I 29 0.61 -22.66 30.63
C VAL I 29 0.89 -21.42 29.79
N ASN I 30 2.15 -21.05 29.59
CA ASN I 30 2.50 -19.89 28.78
C ASN I 30 2.92 -20.28 27.36
N GLY I 31 2.62 -21.52 26.95
CA GLY I 31 2.95 -21.98 25.61
C GLY I 31 4.34 -22.56 25.43
N VAL I 32 5.17 -22.55 26.47
CA VAL I 32 6.56 -22.98 26.32
C VAL I 32 6.62 -24.51 26.24
N LYS I 33 7.39 -25.01 25.27
CA LYS I 33 7.66 -26.42 25.10
C LYS I 33 8.82 -26.85 26.00
N LEU I 34 8.68 -27.98 26.67
CA LEU I 34 9.79 -28.54 27.44
C LEU I 34 9.94 -30.02 27.13
N GLN I 35 11.15 -30.42 26.71
CA GLN I 35 11.46 -31.79 26.37
C GLN I 35 12.44 -32.38 27.38
N GLY I 36 12.16 -33.61 27.82
CA GLY I 36 13.05 -34.27 28.76
C GLY I 36 12.42 -35.51 29.33
N VAL I 37 13.01 -36.00 30.42
CA VAL I 37 12.57 -37.21 31.10
C VAL I 37 12.34 -36.87 32.57
N VAL I 38 11.25 -37.38 33.13
CA VAL I 38 10.94 -37.15 34.53
C VAL I 38 11.75 -38.11 35.38
N SER I 39 12.55 -37.57 36.30
CA SER I 39 13.32 -38.36 37.24
C SER I 39 12.88 -38.21 38.68
N TRP I 40 11.93 -37.32 38.95
CA TRP I 40 11.45 -37.15 40.32
C TRP I 40 10.23 -36.24 40.29
N PHE I 41 9.34 -36.45 41.24
CA PHE I 41 8.15 -35.63 41.34
C PHE I 41 7.61 -35.72 42.75
N ASP I 42 6.87 -34.69 43.15
CA ASP I 42 6.21 -34.67 44.44
C ASP I 42 4.81 -34.09 44.29
N ASN I 43 4.28 -33.50 45.37
CA ASN I 43 2.93 -32.95 45.32
C ASN I 43 2.86 -31.73 44.41
N PHE I 44 3.91 -30.92 44.39
CA PHE I 44 3.86 -29.62 43.74
C PHE I 44 4.76 -29.50 42.50
N CYS I 45 5.75 -30.37 42.35
CA CYS I 45 6.77 -30.18 41.32
C CYS I 45 7.12 -31.51 40.65
N VAL I 46 7.73 -31.39 39.48
CA VAL I 46 8.31 -32.52 38.75
C VAL I 46 9.70 -32.11 38.28
N LEU I 47 10.57 -33.11 38.11
CA LEU I 47 11.96 -32.88 37.76
C LEU I 47 12.22 -33.41 36.35
N LEU I 48 12.71 -32.54 35.47
CA LEU I 48 12.90 -32.86 34.06
C LEU I 48 14.38 -32.81 33.72
N ARG I 49 14.93 -33.94 33.30
CA ARG I 49 16.34 -34.06 32.95
C ARG I 49 16.50 -34.15 31.44
N ARG I 50 17.45 -33.40 30.90
CA ARG I 50 17.78 -33.43 29.48
C ARG I 50 19.29 -33.66 29.39
N ASP I 51 19.67 -34.93 29.21
CA ASP I 51 21.05 -35.37 29.35
C ASP I 51 21.63 -34.90 30.68
N GLY I 52 22.41 -33.82 30.65
CA GLY I 52 23.06 -33.30 31.83
C GLY I 52 22.38 -32.13 32.50
N GLN I 53 21.19 -31.74 32.05
CA GLN I 53 20.52 -30.53 32.51
C GLN I 53 19.35 -30.90 33.41
N SER I 54 19.27 -30.25 34.57
CA SER I 54 18.22 -30.49 35.55
C SER I 54 17.30 -29.28 35.64
N GLN I 55 16.00 -29.53 35.76
CA GLN I 55 15.00 -28.46 35.76
C GLN I 55 13.87 -28.83 36.70
N LEU I 56 13.61 -27.98 37.69
CA LEU I 56 12.45 -28.13 38.57
C LEU I 56 11.27 -27.41 37.94
N VAL I 57 10.22 -28.16 37.61
CA VAL I 57 9.04 -27.64 36.94
C VAL I 57 7.88 -27.68 37.93
N TYR I 58 7.24 -26.54 38.16
CA TYR I 58 6.09 -26.46 39.03
C TYR I 58 4.85 -26.94 38.30
N LYS I 59 4.06 -27.79 38.97
CA LYS I 59 2.91 -28.39 38.32
C LYS I 59 1.85 -27.36 37.95
N HIS I 60 1.71 -26.31 38.75
CA HIS I 60 0.75 -25.25 38.43
C HIS I 60 1.09 -24.51 37.14
N ALA I 61 2.31 -24.67 36.64
CA ALA I 61 2.71 -24.09 35.36
C ALA I 61 2.61 -25.08 34.20
N ILE I 62 2.33 -26.34 34.49
CA ILE I 62 2.20 -27.36 33.45
C ILE I 62 0.76 -27.41 33.00
N SER I 63 0.55 -27.53 31.69
CA SER I 63 -0.78 -27.70 31.13
C SER I 63 -1.03 -29.13 30.66
N THR I 64 -0.15 -29.67 29.82
CA THR I 64 -0.24 -31.06 29.40
C THR I 64 1.13 -31.72 29.45
N ILE I 65 1.14 -33.02 29.71
CA ILE I 65 2.35 -33.85 29.63
C ILE I 65 2.08 -34.95 28.62
N MET I 66 2.96 -35.05 27.62
CA MET I 66 2.70 -35.90 26.46
C MET I 66 3.92 -36.76 26.14
N PRO I 67 3.84 -38.07 26.33
CA PRO I 67 5.00 -38.93 26.06
C PRO I 67 5.25 -39.14 24.59
N ALA I 68 6.53 -39.34 24.25
CA ALA I 68 6.92 -39.55 22.87
C ALA I 68 6.32 -40.84 22.31
N GLN I 69 6.39 -41.92 23.08
CA GLN I 69 5.84 -43.21 22.65
C GLN I 69 4.68 -43.65 23.53
N LYS J 6 11.98 -38.88 53.40
CA LYS J 6 12.28 -37.77 54.31
C LYS J 6 11.93 -36.43 53.66
N GLN J 7 12.89 -35.86 52.93
CA GLN J 7 12.66 -34.61 52.22
C GLN J 7 12.20 -34.89 50.79
N ASN J 8 11.18 -34.17 50.35
CA ASN J 8 10.58 -34.39 49.04
C ASN J 8 11.42 -33.71 47.96
N LEU J 9 10.92 -33.70 46.73
CA LEU J 9 11.70 -33.18 45.60
C LEU J 9 11.93 -31.68 45.75
N GLN J 10 10.86 -30.92 46.01
CA GLN J 10 11.00 -29.47 46.06
C GLN J 10 11.89 -29.04 47.23
N ASP J 11 11.71 -29.65 48.40
CA ASP J 11 12.55 -29.30 49.54
C ASP J 11 14.01 -29.69 49.29
N THR J 12 14.24 -30.87 48.71
CA THR J 12 15.61 -31.28 48.39
C THR J 12 16.23 -30.34 47.36
N PHE J 13 15.49 -30.03 46.29
CA PHE J 13 16.00 -29.14 45.26
C PHE J 13 16.34 -27.78 45.80
N LEU J 14 15.45 -27.21 46.61
CA LEU J 14 15.66 -25.84 47.10
C LEU J 14 16.73 -25.81 48.19
N ASN J 15 16.76 -26.81 49.06
CA ASN J 15 17.79 -26.85 50.08
C ASN J 15 19.16 -27.12 49.48
N SER J 16 19.23 -28.01 48.49
CA SER J 16 20.51 -28.31 47.86
C SER J 16 21.07 -27.08 47.14
N VAL J 17 20.22 -26.36 46.42
CA VAL J 17 20.68 -25.17 45.71
C VAL J 17 20.96 -24.02 46.69
N ARG J 18 20.35 -24.04 47.88
CA ARG J 18 20.65 -23.03 48.88
C ARG J 18 21.97 -23.36 49.58
N LYS J 19 22.19 -24.63 49.93
CA LYS J 19 23.42 -25.00 50.62
C LYS J 19 24.63 -24.85 49.72
N SER J 20 24.49 -25.14 48.43
CA SER J 20 25.59 -25.03 47.49
C SER J 20 25.68 -23.65 46.85
N LYS J 21 24.72 -22.76 47.10
CA LYS J 21 24.71 -21.40 46.55
C LYS J 21 24.84 -21.41 45.04
N THR J 22 24.14 -22.35 44.39
CA THR J 22 24.26 -22.52 42.96
C THR J 22 23.52 -21.40 42.23
N PRO J 23 24.16 -20.73 41.27
CA PRO J 23 23.46 -19.69 40.51
C PRO J 23 22.30 -20.28 39.71
N LEU J 24 21.19 -19.55 39.69
CA LEU J 24 19.95 -20.05 39.13
C LEU J 24 19.37 -19.08 38.11
N THR J 25 18.48 -19.61 37.28
CA THR J 25 17.60 -18.81 36.44
C THR J 25 16.18 -19.27 36.71
N ILE J 26 15.38 -18.39 37.30
CA ILE J 26 13.99 -18.69 37.65
C ILE J 26 13.11 -18.14 36.53
N PHE J 27 12.49 -19.04 35.78
CA PHE J 27 11.58 -18.67 34.71
C PHE J 27 10.19 -18.46 35.30
N LEU J 28 9.63 -17.28 35.08
CA LEU J 28 8.28 -17.00 35.55
C LEU J 28 7.27 -17.40 34.47
N VAL J 29 6.02 -17.58 34.91
CA VAL J 29 4.97 -17.99 34.00
C VAL J 29 4.74 -16.93 32.93
N ASN J 30 4.87 -15.66 33.28
CA ASN J 30 4.68 -14.57 32.34
C ASN J 30 5.88 -14.36 31.41
N GLY J 31 6.84 -15.29 31.40
CA GLY J 31 8.00 -15.19 30.55
C GLY J 31 9.17 -14.45 31.15
N VAL J 32 8.99 -13.77 32.28
CA VAL J 32 10.09 -13.06 32.91
C VAL J 32 11.08 -14.06 33.49
N LYS J 33 12.37 -13.80 33.28
CA LYS J 33 13.43 -14.66 33.76
C LYS J 33 14.23 -13.92 34.83
N LEU J 34 14.36 -14.53 36.00
CA LEU J 34 15.13 -13.98 37.10
C LEU J 34 16.36 -14.84 37.35
N GLN J 35 17.43 -14.19 37.82
CA GLN J 35 18.68 -14.87 38.12
C GLN J 35 19.14 -14.51 39.52
N GLY J 36 19.88 -15.41 40.12
CA GLY J 36 20.43 -15.18 41.45
C GLY J 36 20.61 -16.50 42.16
N VAL J 37 20.71 -16.41 43.49
CA VAL J 37 20.93 -17.55 44.37
C VAL J 37 19.83 -17.56 45.42
N VAL J 38 19.27 -18.75 45.67
CA VAL J 38 18.27 -18.92 46.70
C VAL J 38 18.95 -18.98 48.05
N SER J 39 18.59 -18.05 48.95
CA SER J 39 19.11 -18.04 50.31
C SER J 39 18.11 -18.50 51.35
N TRP J 40 16.83 -18.57 51.00
CA TRP J 40 15.77 -18.86 51.97
C TRP J 40 14.49 -19.15 51.20
N PHE J 41 13.68 -20.06 51.75
CA PHE J 41 12.43 -20.43 51.10
C PHE J 41 11.49 -21.04 52.13
N ASP J 42 10.19 -20.93 51.87
CA ASP J 42 9.17 -21.62 52.65
C ASP J 42 8.16 -22.27 51.72
N ASN J 43 6.90 -22.37 52.16
CA ASN J 43 5.88 -23.05 51.36
C ASN J 43 5.49 -22.22 50.14
N PHE J 44 5.41 -20.89 50.30
CA PHE J 44 4.89 -20.03 49.26
C PHE J 44 5.94 -19.26 48.49
N CYS J 45 7.12 -19.05 49.06
CA CYS J 45 8.02 -18.03 48.56
C CYS J 45 9.45 -18.55 48.49
N VAL J 46 10.27 -17.82 47.74
CA VAL J 46 11.69 -18.11 47.57
C VAL J 46 12.44 -16.80 47.61
N LEU J 47 13.44 -16.71 48.49
CA LEU J 47 14.24 -15.49 48.63
C LEU J 47 15.44 -15.58 47.69
N LEU J 48 15.45 -14.75 46.66
CA LEU J 48 16.50 -14.74 45.65
C LEU J 48 17.51 -13.64 45.98
N ARG J 49 18.78 -14.00 46.01
CA ARG J 49 19.87 -13.06 46.29
C ARG J 49 20.56 -12.70 44.98
N ARG J 50 20.42 -11.44 44.58
CA ARG J 50 21.03 -10.93 43.35
C ARG J 50 21.89 -9.73 43.69
N ASP J 51 23.19 -9.83 43.42
CA ASP J 51 24.20 -8.85 43.85
C ASP J 51 24.09 -8.76 45.37
N GLY J 52 23.78 -7.61 45.94
CA GLY J 52 23.50 -7.52 47.37
C GLY J 52 22.02 -7.43 47.64
N GLN J 53 21.23 -7.25 46.58
CA GLN J 53 19.79 -7.10 46.72
C GLN J 53 19.11 -8.46 46.87
N SER J 54 18.11 -8.51 47.75
CA SER J 54 17.32 -9.71 47.97
C SER J 54 15.86 -9.42 47.65
N GLN J 55 15.23 -10.31 46.90
CA GLN J 55 13.85 -10.13 46.48
C GLN J 55 13.05 -11.40 46.78
N LEU J 56 11.80 -11.20 47.18
CA LEU J 56 10.89 -12.29 47.50
C LEU J 56 10.19 -12.74 46.23
N VAL J 57 10.35 -14.01 45.88
CA VAL J 57 9.74 -14.58 44.68
C VAL J 57 8.63 -15.52 45.11
N TYR J 58 7.42 -15.28 44.60
CA TYR J 58 6.28 -16.12 44.93
C TYR J 58 6.26 -17.35 44.03
N LYS J 59 6.08 -18.52 44.66
CA LYS J 59 6.16 -19.78 43.91
C LYS J 59 5.07 -19.88 42.86
N HIS J 60 3.91 -19.24 43.08
CA HIS J 60 2.81 -19.35 42.13
C HIS J 60 3.12 -18.68 40.80
N ALA J 61 4.11 -17.78 40.77
CA ALA J 61 4.53 -17.15 39.52
C ALA J 61 5.67 -17.88 38.84
N ILE J 62 6.24 -18.89 39.49
CA ILE J 62 7.40 -19.61 38.95
C ILE J 62 6.92 -20.72 38.03
N SER J 63 7.49 -20.79 36.83
CA SER J 63 7.25 -21.90 35.93
C SER J 63 8.29 -23.00 36.13
N THR J 64 9.55 -22.68 35.88
CA THR J 64 10.64 -23.63 36.04
C THR J 64 11.81 -22.97 36.75
N ILE J 65 12.63 -23.80 37.38
CA ILE J 65 13.87 -23.37 38.04
C ILE J 65 15.02 -24.12 37.39
N MET J 66 15.96 -23.37 36.83
CA MET J 66 17.08 -23.96 36.09
C MET J 66 18.41 -23.61 36.75
N PRO J 67 19.12 -24.57 37.33
CA PRO J 67 20.46 -24.27 37.85
C PRO J 67 21.46 -24.09 36.73
N ALA J 68 22.40 -23.17 36.93
CA ALA J 68 23.42 -22.91 35.92
C ALA J 68 24.34 -24.12 35.75
N GLN J 69 24.63 -24.82 36.84
CA GLN J 69 25.48 -26.00 36.83
C GLN J 69 24.74 -27.18 37.46
N PRO J 70 25.15 -28.41 37.15
CA PRO J 70 24.56 -29.57 37.79
C PRO J 70 24.60 -29.50 39.31
N VAL J 71 23.51 -29.92 39.95
CA VAL J 71 23.42 -29.95 41.40
C VAL J 71 23.06 -31.36 41.84
N GLN J 72 23.56 -31.73 43.02
CA GLN J 72 23.36 -33.07 43.57
C GLN J 72 22.04 -33.13 44.32
N LEU J 73 21.16 -34.04 43.90
CA LEU J 73 19.83 -34.16 44.48
C LEU J 73 19.52 -35.52 45.06
N TYR J 74 20.29 -36.55 44.72
CA TYR J 74 20.04 -37.93 45.16
C TYR J 74 18.64 -38.37 44.74
N GLU J 75 18.38 -38.23 43.44
CA GLU J 75 17.11 -38.63 42.88
C GLU J 75 16.86 -40.12 43.12
N PRO J 76 15.61 -40.54 43.32
CA PRO J 76 15.33 -41.96 43.51
C PRO J 76 15.76 -42.76 42.28
N SER J 77 16.23 -43.97 42.52
CA SER J 77 16.76 -44.78 41.43
C SER J 77 15.64 -45.37 40.58
N ALA J 78 15.87 -45.49 39.27
CA ALA J 78 14.82 -45.82 38.30
C ALA J 78 14.56 -47.31 38.30
N ASP J 79 14.88 -47.93 39.43
CA ASP J 79 14.72 -49.35 39.63
C ASP J 79 13.60 -49.70 40.60
N ALA J 80 13.23 -48.80 41.51
CA ALA J 80 12.27 -49.15 42.55
C ALA J 80 11.51 -47.92 43.02
N ASP J 81 10.65 -48.14 44.01
CA ASP J 81 9.68 -47.19 44.52
C ASP J 81 10.26 -46.39 45.68
N ASP J 82 9.68 -45.20 45.91
CA ASP J 82 10.04 -44.37 47.04
C ASP J 82 9.52 -44.96 48.35
N ASN K 8 7.90 -17.62 59.36
CA ASN K 8 8.47 -18.13 58.12
C ASN K 8 9.17 -17.03 57.33
N LEU K 9 9.54 -17.32 56.08
CA LEU K 9 10.24 -16.35 55.27
C LEU K 9 9.34 -15.19 54.86
N GLN K 10 8.13 -15.51 54.39
CA GLN K 10 7.24 -14.47 53.88
C GLN K 10 6.81 -13.52 54.98
N ASP K 11 6.45 -14.05 56.16
CA ASP K 11 6.06 -13.18 57.26
C ASP K 11 7.24 -12.36 57.76
N THR K 12 8.42 -12.97 57.87
CA THR K 12 9.61 -12.22 58.28
C THR K 12 9.93 -11.14 57.27
N PHE K 13 9.89 -11.48 55.98
CA PHE K 13 10.16 -10.49 54.94
C PHE K 13 9.16 -9.35 54.99
N LEU K 14 7.86 -9.69 54.94
CA LEU K 14 6.83 -8.66 54.85
C LEU K 14 6.81 -7.78 56.10
N ASN K 15 6.96 -8.38 57.29
CA ASN K 15 6.94 -7.59 58.50
C ASN K 15 8.13 -6.66 58.59
N SER K 16 9.29 -7.10 58.09
CA SER K 16 10.48 -6.26 58.14
C SER K 16 10.33 -5.04 57.24
N VAL K 17 9.75 -5.22 56.05
CA VAL K 17 9.61 -4.11 55.11
C VAL K 17 8.51 -3.15 55.54
N ARG K 18 7.42 -3.70 56.08
CA ARG K 18 6.37 -2.83 56.63
C ARG K 18 6.87 -2.04 57.82
N LYS K 19 7.62 -2.71 58.71
CA LYS K 19 8.20 -2.03 59.87
C LYS K 19 9.11 -0.89 59.45
N SER K 20 10.06 -1.18 58.56
CA SER K 20 11.02 -0.18 58.12
C SER K 20 10.42 0.84 57.15
N LYS K 21 9.19 0.64 56.71
CA LYS K 21 8.56 1.50 55.71
C LYS K 21 9.44 1.61 54.46
N THR K 22 10.07 0.51 54.10
CA THR K 22 11.01 0.50 52.98
C THR K 22 10.25 0.65 51.67
N PRO K 23 10.69 1.55 50.78
CA PRO K 23 10.05 1.63 49.46
C PRO K 23 10.22 0.32 48.69
N LEU K 24 9.18 -0.05 47.94
CA LEU K 24 9.12 -1.34 47.29
C LEU K 24 8.84 -1.19 45.81
N THR K 25 9.05 -2.28 45.08
CA THR K 25 8.61 -2.42 43.69
C THR K 25 7.93 -3.78 43.59
N ILE K 26 6.60 -3.77 43.59
CA ILE K 26 5.82 -5.01 43.52
C ILE K 26 5.60 -5.33 42.04
N PHE K 27 6.19 -6.44 41.59
CA PHE K 27 5.99 -6.92 40.23
C PHE K 27 4.83 -7.90 40.22
N LEU K 28 3.83 -7.63 39.39
CA LEU K 28 2.67 -8.50 39.30
C LEU K 28 2.86 -9.52 38.19
N VAL K 29 2.02 -10.56 38.21
CA VAL K 29 2.13 -11.63 37.23
C VAL K 29 1.75 -11.18 35.84
N ASN K 30 1.03 -10.07 35.71
CA ASN K 30 0.65 -9.53 34.41
C ASN K 30 1.68 -8.56 33.85
N GLY K 31 2.86 -8.44 34.49
CA GLY K 31 3.89 -7.55 34.06
C GLY K 31 3.85 -6.17 34.67
N VAL K 32 2.70 -5.75 35.20
CA VAL K 32 2.56 -4.41 35.76
C VAL K 32 3.39 -4.30 37.03
N LYS K 33 4.14 -3.21 37.15
CA LYS K 33 4.90 -2.91 38.36
C LYS K 33 4.15 -1.88 39.19
N LEU K 34 4.27 -2.00 40.51
CA LEU K 34 3.59 -1.13 41.46
C LEU K 34 4.59 -0.66 42.49
N GLN K 35 4.76 0.66 42.61
CA GLN K 35 5.76 1.29 43.45
C GLN K 35 5.11 1.76 44.75
N GLY K 36 5.73 1.45 45.88
CA GLY K 36 5.18 2.05 47.10
C GLY K 36 5.71 1.37 48.35
N VAL K 37 4.92 1.50 49.42
CA VAL K 37 5.27 1.03 50.76
C VAL K 37 4.10 0.23 51.31
N VAL K 38 4.39 -0.86 52.01
CA VAL K 38 3.36 -1.73 52.55
C VAL K 38 2.88 -1.18 53.89
N SER K 39 1.58 -0.87 53.97
CA SER K 39 1.01 -0.42 55.23
C SER K 39 0.79 -1.59 56.18
N TRP K 40 0.07 -2.61 55.74
CA TRP K 40 0.06 -3.90 56.42
C TRP K 40 -0.40 -4.97 55.45
N PHE K 41 -0.44 -6.21 55.93
CA PHE K 41 -0.71 -7.37 55.10
C PHE K 41 -1.37 -8.44 55.96
N ASP K 42 -2.06 -9.37 55.29
CA ASP K 42 -2.58 -10.55 55.95
C ASP K 42 -2.12 -11.79 55.19
N ASN K 43 -2.87 -12.89 55.30
CA ASN K 43 -2.46 -14.14 54.65
C ASN K 43 -2.63 -14.10 53.15
N PHE K 44 -3.53 -13.27 52.62
CA PHE K 44 -3.83 -13.25 51.20
C PHE K 44 -3.53 -11.93 50.51
N CYS K 45 -3.42 -10.82 51.24
CA CYS K 45 -3.28 -9.51 50.62
C CYS K 45 -2.22 -8.69 51.35
N VAL K 46 -1.80 -7.61 50.70
CA VAL K 46 -0.99 -6.56 51.29
C VAL K 46 -1.61 -5.23 50.91
N LEU K 47 -1.40 -4.22 51.76
CA LEU K 47 -1.91 -2.87 51.50
C LEU K 47 -0.74 -1.98 51.11
N LEU K 48 -0.72 -1.58 49.84
CA LEU K 48 0.35 -0.76 49.29
C LEU K 48 -0.05 0.70 49.35
N ARG K 49 0.81 1.53 49.93
CA ARG K 49 0.58 2.97 50.02
C ARG K 49 1.50 3.69 49.04
N ARG K 50 0.91 4.41 48.09
CA ARG K 50 1.68 5.15 47.10
C ARG K 50 0.97 6.46 46.80
N ASP K 51 1.68 7.58 46.99
CA ASP K 51 1.20 8.91 46.61
C ASP K 51 -0.14 9.23 47.27
N GLY K 52 -0.23 8.96 48.57
CA GLY K 52 -1.44 9.23 49.31
C GLY K 52 -2.60 8.31 49.02
N GLN K 53 -2.38 7.25 48.24
CA GLN K 53 -3.43 6.29 47.91
C GLN K 53 -3.06 4.92 48.45
N SER K 54 -4.04 4.24 49.03
CA SER K 54 -3.87 2.87 49.49
C SER K 54 -4.61 1.93 48.55
N GLN K 55 -3.98 0.80 48.22
CA GLN K 55 -4.60 -0.19 47.37
C GLN K 55 -4.37 -1.58 47.95
N LEU K 56 -5.41 -2.41 47.87
CA LEU K 56 -5.33 -3.79 48.28
C LEU K 56 -4.76 -4.62 47.13
N VAL K 57 -3.62 -5.25 47.37
CA VAL K 57 -2.95 -6.08 46.36
C VAL K 57 -3.01 -7.52 46.84
N TYR K 58 -3.57 -8.39 46.00
CA TYR K 58 -3.69 -9.80 46.33
C TYR K 58 -2.37 -10.51 46.09
N LYS K 59 -1.95 -11.33 47.06
CA LYS K 59 -0.66 -12.00 46.95
C LYS K 59 -0.61 -12.92 45.74
N HIS K 60 -1.73 -13.57 45.40
CA HIS K 60 -1.76 -14.50 44.29
C HIS K 60 -1.48 -13.82 42.95
N ALA K 61 -1.58 -12.49 42.90
CA ALA K 61 -1.23 -11.73 41.70
C ALA K 61 0.18 -11.17 41.74
N ILE K 62 0.89 -11.35 42.86
CA ILE K 62 2.25 -10.84 43.00
C ILE K 62 3.23 -11.90 42.52
N SER K 63 4.20 -11.48 41.71
CA SER K 63 5.30 -12.37 41.32
C SER K 63 6.49 -12.18 42.25
N THR K 64 7.05 -10.96 42.29
CA THR K 64 8.21 -10.66 43.12
C THR K 64 7.98 -9.37 43.89
N ILE K 65 8.70 -9.24 45.00
CA ILE K 65 8.74 -8.03 45.82
C ILE K 65 10.19 -7.66 46.03
N MET K 66 10.59 -6.50 45.52
CA MET K 66 11.99 -6.06 45.58
C MET K 66 12.05 -4.69 46.25
N PRO K 67 12.78 -4.52 47.35
CA PRO K 67 13.00 -3.23 48.00
C PRO K 67 13.76 -2.25 47.11
N GLN L 7 -10.83 -8.09 62.82
CA GLN L 7 -10.81 -8.42 61.39
C GLN L 7 -9.40 -8.28 60.82
N ASN L 8 -9.11 -9.06 59.78
CA ASN L 8 -7.82 -9.03 59.13
C ASN L 8 -7.79 -7.89 58.11
N LEU L 9 -6.74 -7.84 57.28
CA LEU L 9 -6.59 -6.76 56.31
C LEU L 9 -7.70 -6.80 55.25
N GLN L 10 -7.90 -7.97 54.63
CA GLN L 10 -8.84 -8.06 53.52
C GLN L 10 -10.27 -7.87 53.99
N ASP L 11 -10.61 -8.41 55.16
CA ASP L 11 -11.94 -8.22 55.71
C ASP L 11 -12.18 -6.76 56.09
N THR L 12 -11.20 -6.12 56.73
CA THR L 12 -11.34 -4.71 57.08
C THR L 12 -11.48 -3.84 55.84
N PHE L 13 -10.66 -4.10 54.81
CA PHE L 13 -10.71 -3.29 53.60
C PHE L 13 -12.04 -3.48 52.88
N LEU L 14 -12.44 -4.72 52.65
CA LEU L 14 -13.66 -4.98 51.90
C LEU L 14 -14.89 -4.50 52.65
N ASN L 15 -14.94 -4.75 53.97
CA ASN L 15 -16.10 -4.33 54.75
C ASN L 15 -16.18 -2.81 54.86
N SER L 16 -15.03 -2.13 54.94
CA SER L 16 -15.04 -0.67 55.03
C SER L 16 -15.58 -0.05 53.75
N VAL L 17 -15.12 -0.54 52.59
CA VAL L 17 -15.57 0.01 51.33
C VAL L 17 -17.01 -0.40 51.03
N ARG L 18 -17.42 -1.58 51.49
CA ARG L 18 -18.79 -2.01 51.26
C ARG L 18 -19.77 -1.16 52.06
N LYS L 19 -19.55 -1.03 53.37
CA LYS L 19 -20.46 -0.26 54.20
C LYS L 19 -20.44 1.22 53.85
N SER L 20 -19.30 1.73 53.39
CA SER L 20 -19.19 3.12 52.97
C SER L 20 -19.58 3.33 51.51
N LYS L 21 -19.83 2.25 50.77
CA LYS L 21 -20.23 2.34 49.36
C LYS L 21 -19.22 3.15 48.55
N THR L 22 -17.95 2.98 48.87
CA THR L 22 -16.91 3.78 48.23
C THR L 22 -16.72 3.33 46.78
N PRO L 23 -16.70 4.25 45.82
CA PRO L 23 -16.45 3.86 44.43
C PRO L 23 -15.05 3.29 44.27
N LEU L 24 -14.93 2.25 43.45
CA LEU L 24 -13.68 1.51 43.30
C LEU L 24 -13.33 1.36 41.83
N THR L 25 -12.09 0.92 41.61
CA THR L 25 -11.64 0.39 40.33
C THR L 25 -10.86 -0.88 40.62
N ILE L 26 -11.42 -2.01 40.20
CA ILE L 26 -10.82 -3.32 40.45
C ILE L 26 -10.01 -3.71 39.22
N PHE L 27 -8.69 -3.73 39.37
CA PHE L 27 -7.83 -4.18 38.29
C PHE L 27 -7.78 -5.71 38.30
N LEU L 28 -8.02 -6.32 37.14
CA LEU L 28 -7.96 -7.76 37.02
C LEU L 28 -6.60 -8.20 36.51
N VAL L 29 -6.32 -9.49 36.68
CA VAL L 29 -5.01 -10.02 36.28
CA VAL L 29 -5.01 -10.03 36.28
C VAL L 29 -4.84 -9.95 34.77
N ASN L 30 -5.92 -10.07 34.01
CA ASN L 30 -5.82 -9.98 32.56
C ASN L 30 -5.80 -8.54 32.04
N GLY L 31 -5.67 -7.56 32.94
CA GLY L 31 -5.43 -6.18 32.56
C GLY L 31 -6.67 -5.30 32.56
N VAL L 32 -7.85 -5.88 32.33
CA VAL L 32 -9.05 -5.06 32.20
C VAL L 32 -9.45 -4.52 33.58
N LYS L 33 -9.77 -3.23 33.62
CA LYS L 33 -10.23 -2.57 34.84
C LYS L 33 -11.75 -2.46 34.83
N LEU L 34 -12.37 -2.77 35.97
CA LEU L 34 -13.80 -2.61 36.15
C LEU L 34 -14.04 -1.70 37.34
N GLN L 35 -14.91 -0.71 37.15
CA GLN L 35 -15.23 0.29 38.16
C GLN L 35 -16.62 0.04 38.72
N GLY L 36 -16.80 0.39 39.98
CA GLY L 36 -18.10 0.23 40.61
C GLY L 36 -17.99 0.27 42.12
N VAL L 37 -19.07 -0.16 42.76
CA VAL L 37 -19.19 -0.21 44.22
C VAL L 37 -19.35 -1.67 44.63
N VAL L 38 -18.68 -2.05 45.71
CA VAL L 38 -18.78 -3.40 46.25
C VAL L 38 -19.94 -3.42 47.25
N SER L 39 -20.91 -4.30 47.01
CA SER L 39 -22.07 -4.45 47.87
C SER L 39 -22.08 -5.74 48.66
N TRP L 40 -21.20 -6.69 48.34
CA TRP L 40 -21.21 -8.00 48.96
C TRP L 40 -19.91 -8.71 48.62
N PHE L 41 -19.41 -9.50 49.57
CA PHE L 41 -18.22 -10.28 49.35
C PHE L 41 -18.22 -11.47 50.30
N ASP L 42 -17.61 -12.57 49.86
CA ASP L 42 -17.39 -13.70 50.73
C ASP L 42 -15.93 -14.15 50.64
N ASN L 43 -15.70 -15.47 50.66
CA ASN L 43 -14.34 -15.97 50.72
C ASN L 43 -13.64 -15.93 49.37
N PHE L 44 -14.38 -16.17 48.28
CA PHE L 44 -13.78 -16.30 46.96
C PHE L 44 -14.29 -15.29 45.94
N CYS L 45 -15.37 -14.57 46.21
CA CYS L 45 -16.00 -13.70 45.24
C CYS L 45 -16.20 -12.31 45.82
N VAL L 46 -16.54 -11.38 44.93
CA VAL L 46 -16.99 -10.04 45.28
C VAL L 46 -18.06 -9.66 44.28
N LEU L 47 -19.03 -8.87 44.74
CA LEU L 47 -20.14 -8.44 43.90
C LEU L 47 -20.03 -6.94 43.67
N LEU L 48 -19.84 -6.56 42.40
CA LEU L 48 -19.69 -5.16 42.01
C LEU L 48 -20.95 -4.71 41.28
N ARG L 49 -21.69 -3.78 41.88
CA ARG L 49 -22.90 -3.24 41.28
C ARG L 49 -22.54 -1.98 40.51
N ARG L 50 -22.79 -1.99 39.20
CA ARG L 50 -22.51 -0.84 38.35
C ARG L 50 -23.63 -0.65 37.34
N ASP L 51 -24.18 0.56 37.30
CA ASP L 51 -25.33 0.90 36.45
C ASP L 51 -26.49 -0.05 36.72
N GLY L 52 -26.77 -0.25 38.01
CA GLY L 52 -27.84 -1.15 38.42
C GLY L 52 -27.42 -2.60 38.45
N GLN L 53 -26.94 -3.10 37.31
CA GLN L 53 -26.54 -4.50 37.22
C GLN L 53 -25.43 -4.81 38.22
N SER L 54 -25.52 -5.98 38.83
CA SER L 54 -24.51 -6.46 39.76
C SER L 54 -23.74 -7.63 39.13
N GLN L 55 -22.43 -7.63 39.31
CA GLN L 55 -21.53 -8.50 38.57
C GLN L 55 -20.67 -9.30 39.55
N LEU L 56 -20.73 -10.62 39.45
CA LEU L 56 -19.93 -11.49 40.32
C LEU L 56 -18.50 -11.55 39.81
N VAL L 57 -17.57 -11.07 40.63
CA VAL L 57 -16.15 -11.05 40.30
C VAL L 57 -15.42 -11.99 41.24
N TYR L 58 -14.64 -12.91 40.66
CA TYR L 58 -13.90 -13.88 41.47
C TYR L 58 -12.59 -13.28 41.97
N LYS L 59 -12.30 -13.51 43.25
CA LYS L 59 -11.11 -12.92 43.84
C LYS L 59 -9.83 -13.42 43.18
N HIS L 60 -9.83 -14.67 42.69
CA HIS L 60 -8.64 -15.21 42.05
C HIS L 60 -8.31 -14.48 40.75
N ALA L 61 -9.27 -13.78 40.16
CA ALA L 61 -9.04 -12.98 38.98
C ALA L 61 -8.70 -11.53 39.32
N ILE L 62 -8.66 -11.18 40.60
CA ILE L 62 -8.46 -9.80 41.02
C ILE L 62 -6.97 -9.54 41.23
N SER L 63 -6.49 -8.43 40.67
CA SER L 63 -5.11 -7.99 40.91
CA SER L 63 -5.11 -7.99 40.91
C SER L 63 -5.03 -6.98 42.04
N THR L 64 -5.69 -5.83 41.88
CA THR L 64 -5.69 -4.78 42.88
C THR L 64 -7.09 -4.21 43.06
N ILE L 65 -7.29 -3.56 44.20
CA ILE L 65 -8.52 -2.82 44.51
C ILE L 65 -8.07 -1.42 44.93
N MET L 66 -8.38 -0.42 44.12
CA MET L 66 -7.98 0.95 44.43
C MET L 66 -9.22 1.83 44.51
N PRO L 67 -9.48 2.49 45.64
CA PRO L 67 -10.67 3.35 45.74
C PRO L 67 -10.49 4.64 44.97
N ALA L 68 -11.62 5.16 44.47
CA ALA L 68 -11.60 6.42 43.74
C ALA L 68 -11.13 7.56 44.62
N GLN L 69 -11.60 7.60 45.87
CA GLN L 69 -11.08 8.50 46.87
C GLN L 69 -10.44 7.71 48.00
N PRO L 70 -9.36 8.21 48.60
CA PRO L 70 -8.67 7.46 49.66
C PRO L 70 -9.61 7.04 50.80
N VAL L 71 -9.25 5.97 51.50
CA VAL L 71 -10.12 5.34 52.49
C VAL L 71 -9.55 5.56 53.87
N GLN L 72 -10.38 6.07 54.78
CA GLN L 72 -10.01 6.18 56.19
C GLN L 72 -9.93 4.79 56.78
N LEU L 73 -8.72 4.32 57.04
CA LEU L 73 -8.49 2.97 57.54
C LEU L 73 -7.97 3.01 58.97
N TYR L 74 -8.10 1.88 59.65
CA TYR L 74 -7.68 1.72 61.04
C TYR L 74 -6.45 0.81 61.05
N GLU L 75 -5.30 1.39 60.77
CA GLU L 75 -4.04 0.64 60.70
C GLU L 75 -3.64 0.16 62.09
N PRO L 76 -3.48 -1.15 62.32
CA PRO L 76 -3.08 -1.72 63.61
C PRO L 76 -1.77 -1.17 64.15
N ASN M 8 -16.87 -14.72 3.42
CA ASN M 8 -15.83 -15.34 2.62
C ASN M 8 -16.09 -16.84 2.44
N LEU M 9 -16.17 -17.27 1.18
CA LEU M 9 -16.59 -18.64 0.89
C LEU M 9 -15.58 -19.66 1.41
N GLN M 10 -14.29 -19.44 1.14
CA GLN M 10 -13.28 -20.43 1.51
C GLN M 10 -13.20 -20.59 3.02
N ASP M 11 -13.15 -19.47 3.75
CA ASP M 11 -13.10 -19.54 5.20
C ASP M 11 -14.38 -20.14 5.77
N THR M 12 -15.54 -19.75 5.22
CA THR M 12 -16.80 -20.32 5.67
C THR M 12 -16.86 -21.81 5.39
N PHE M 13 -16.48 -22.22 4.18
CA PHE M 13 -16.49 -23.63 3.82
C PHE M 13 -15.58 -24.43 4.74
N LEU M 14 -14.32 -24.01 4.87
CA LEU M 14 -13.36 -24.79 5.64
C LEU M 14 -13.70 -24.81 7.12
N ASN M 15 -14.14 -23.67 7.68
CA ASN M 15 -14.51 -23.64 9.08
C ASN M 15 -15.73 -24.52 9.36
N SER M 16 -16.65 -24.61 8.40
CA SER M 16 -17.85 -25.41 8.62
C SER M 16 -17.53 -26.91 8.59
N VAL M 17 -16.74 -27.35 7.61
CA VAL M 17 -16.38 -28.76 7.57
C VAL M 17 -15.42 -29.14 8.69
N ARG M 18 -14.78 -28.15 9.32
CA ARG M 18 -13.97 -28.46 10.48
C ARG M 18 -14.82 -28.49 11.75
N LYS M 19 -15.66 -27.47 11.96
CA LYS M 19 -16.52 -27.45 13.13
C LYS M 19 -17.45 -28.65 13.17
N SER M 20 -17.88 -29.14 12.00
CA SER M 20 -18.73 -30.30 11.92
C SER M 20 -17.94 -31.62 11.82
N LYS M 21 -16.62 -31.55 11.73
CA LYS M 21 -15.76 -32.73 11.61
C LYS M 21 -16.23 -33.63 10.47
N THR M 22 -16.62 -33.01 9.36
CA THR M 22 -17.18 -33.74 8.24
C THR M 22 -16.08 -34.51 7.51
N PRO M 23 -16.27 -35.80 7.24
CA PRO M 23 -15.34 -36.50 6.34
C PRO M 23 -15.50 -35.97 4.92
N LEU M 24 -14.36 -35.79 4.25
CA LEU M 24 -14.37 -35.20 2.92
C LEU M 24 -13.37 -35.92 2.02
N THR M 25 -13.47 -35.62 0.73
CA THR M 25 -12.50 -36.08 -0.26
C THR M 25 -11.81 -34.86 -0.85
N ILE M 26 -10.48 -34.85 -0.81
CA ILE M 26 -9.67 -33.79 -1.36
C ILE M 26 -9.00 -34.33 -2.62
N PHE M 27 -9.42 -33.82 -3.77
CA PHE M 27 -8.83 -34.21 -5.04
C PHE M 27 -7.66 -33.28 -5.34
N LEU M 28 -6.53 -33.86 -5.74
CA LEU M 28 -5.33 -33.10 -6.04
C LEU M 28 -5.18 -32.92 -7.53
N VAL M 29 -4.34 -31.95 -7.90
CA VAL M 29 -4.15 -31.62 -9.32
C VAL M 29 -3.44 -32.75 -10.06
N ASN M 30 -2.70 -33.60 -9.38
CA ASN M 30 -2.06 -34.74 -10.03
C ASN M 30 -2.99 -35.95 -10.12
N GLY M 31 -4.26 -35.80 -9.75
CA GLY M 31 -5.21 -36.89 -9.79
C GLY M 31 -5.30 -37.73 -8.54
N VAL M 32 -4.43 -37.50 -7.56
CA VAL M 32 -4.46 -38.27 -6.33
C VAL M 32 -5.64 -37.82 -5.47
N LYS M 33 -6.31 -38.77 -4.84
CA LYS M 33 -7.49 -38.51 -4.03
C LYS M 33 -7.17 -38.77 -2.57
N LEU M 34 -7.46 -37.79 -1.71
CA LEU M 34 -7.20 -37.89 -0.29
C LEU M 34 -8.51 -37.85 0.48
N GLN M 35 -8.60 -38.63 1.55
CA GLN M 35 -9.76 -38.65 2.43
C GLN M 35 -9.33 -38.34 3.85
N GLY M 36 -10.28 -37.89 4.65
CA GLY M 36 -10.02 -37.57 6.04
C GLY M 36 -10.88 -36.41 6.49
N VAL M 37 -10.47 -35.81 7.60
CA VAL M 37 -11.18 -34.69 8.21
C VAL M 37 -10.19 -33.54 8.39
N VAL M 38 -10.60 -32.35 7.97
CA VAL M 38 -9.76 -31.16 8.14
C VAL M 38 -9.79 -30.76 9.62
N SER M 39 -8.61 -30.76 10.23
CA SER M 39 -8.48 -30.40 11.65
C SER M 39 -7.89 -29.02 11.86
N TRP M 40 -7.32 -28.40 10.82
CA TRP M 40 -6.63 -27.13 10.95
C TRP M 40 -6.31 -26.62 9.54
N PHE M 41 -6.43 -25.32 9.34
CA PHE M 41 -6.11 -24.72 8.05
C PHE M 41 -5.66 -23.29 8.26
N ASP M 42 -4.84 -22.80 7.32
CA ASP M 42 -4.46 -21.40 7.29
C ASP M 42 -4.63 -20.85 5.88
N ASN M 43 -3.82 -19.86 5.51
CA ASN M 43 -3.98 -19.24 4.20
C ASN M 43 -3.50 -20.14 3.07
N PHE M 44 -2.57 -21.05 3.34
CA PHE M 44 -1.91 -21.80 2.28
C PHE M 44 -2.05 -23.30 2.36
N CYS M 45 -2.42 -23.86 3.51
CA CYS M 45 -2.49 -25.30 3.64
C CYS M 45 -3.64 -25.69 4.56
N VAL M 46 -3.93 -26.99 4.59
CA VAL M 46 -4.91 -27.58 5.48
C VAL M 46 -4.30 -28.81 6.12
N LEU M 47 -4.76 -29.13 7.33
CA LEU M 47 -4.29 -30.28 8.08
C LEU M 47 -5.35 -31.38 7.97
N LEU M 48 -5.05 -32.39 7.16
CA LEU M 48 -5.98 -33.50 6.91
C LEU M 48 -5.62 -34.65 7.84
N ARG M 49 -6.60 -35.08 8.64
CA ARG M 49 -6.42 -36.15 9.61
C ARG M 49 -7.19 -37.38 9.14
N ARG M 50 -6.49 -38.51 9.02
CA ARG M 50 -7.11 -39.77 8.62
C ARG M 50 -6.52 -40.90 9.45
N ASP M 51 -7.38 -41.63 10.16
CA ASP M 51 -6.99 -42.79 10.94
C ASP M 51 -5.91 -42.44 11.97
N GLY M 52 -6.05 -41.27 12.60
CA GLY M 52 -5.09 -40.81 13.57
C GLY M 52 -3.85 -40.19 12.99
N GLN M 53 -3.52 -40.46 11.72
CA GLN M 53 -2.37 -39.86 11.07
C GLN M 53 -2.81 -38.59 10.36
N SER M 54 -2.14 -37.48 10.67
CA SER M 54 -2.45 -36.19 10.09
C SER M 54 -1.38 -35.81 9.07
N GLN M 55 -1.74 -34.86 8.20
CA GLN M 55 -1.02 -34.71 6.94
C GLN M 55 -1.20 -33.29 6.42
N LEU M 56 -0.09 -32.60 6.15
CA LEU M 56 -0.14 -31.22 5.67
C LEU M 56 -0.33 -31.21 4.16
N VAL M 57 -1.45 -30.64 3.69
CA VAL M 57 -1.78 -30.56 2.28
C VAL M 57 -1.78 -29.10 1.86
N TYR M 58 -1.08 -28.80 0.76
CA TYR M 58 -0.97 -27.44 0.25
C TYR M 58 -2.15 -27.11 -0.66
N LYS M 59 -2.76 -25.95 -0.42
CA LYS M 59 -3.95 -25.57 -1.18
C LYS M 59 -3.65 -25.45 -2.67
N HIS M 60 -2.43 -25.04 -3.03
CA HIS M 60 -2.08 -24.95 -4.45
C HIS M 60 -2.07 -26.32 -5.11
N ALA M 61 -2.02 -27.40 -4.34
CA ALA M 61 -2.07 -28.74 -4.89
C ALA M 61 -3.48 -29.32 -4.93
N ILE M 62 -4.44 -28.65 -4.31
CA ILE M 62 -5.83 -29.13 -4.26
C ILE M 62 -6.58 -28.63 -5.47
N SER M 63 -7.35 -29.51 -6.10
CA SER M 63 -8.28 -29.09 -7.13
C SER M 63 -9.67 -28.86 -6.55
N THR M 64 -10.25 -29.88 -5.90
CA THR M 64 -11.57 -29.77 -5.31
C THR M 64 -11.59 -30.44 -3.94
N ILE M 65 -12.53 -29.98 -3.12
CA ILE M 65 -12.81 -30.57 -1.81
C ILE M 65 -14.29 -30.92 -1.79
N MET M 66 -14.59 -32.20 -1.76
CA MET M 66 -15.98 -32.66 -1.78
C MET M 66 -16.31 -33.30 -0.44
N PRO M 67 -17.25 -32.74 0.32
CA PRO M 67 -17.68 -33.37 1.56
C PRO M 67 -18.56 -34.59 1.30
N ALA M 68 -18.59 -35.47 2.29
CA ALA M 68 -19.41 -36.68 2.19
C ALA M 68 -20.89 -36.38 2.42
N GLN M 69 -21.20 -35.51 3.39
CA GLN M 69 -22.56 -35.07 3.66
C GLN M 69 -22.58 -33.54 3.68
N PRO M 70 -23.60 -32.90 3.11
CA PRO M 70 -23.48 -31.48 2.74
C PRO M 70 -23.44 -30.56 3.95
N VAL M 71 -23.08 -29.31 3.66
CA VAL M 71 -23.05 -28.22 4.64
C VAL M 71 -23.61 -26.98 3.97
N GLN M 72 -23.80 -25.93 4.77
CA GLN M 72 -24.41 -24.71 4.24
C GLN M 72 -24.11 -23.55 5.17
N LEU M 73 -24.15 -22.35 4.59
CA LEU M 73 -24.05 -21.09 5.34
C LEU M 73 -24.35 -19.91 4.42
N GLN N 7 -17.79 -4.04 -12.87
CA GLN N 7 -17.24 -5.38 -12.68
C GLN N 7 -16.28 -5.75 -13.82
N ASN N 8 -15.33 -6.62 -13.53
CA ASN N 8 -14.37 -7.07 -14.53
C ASN N 8 -15.02 -8.19 -15.36
N LEU N 9 -14.20 -8.93 -16.11
CA LEU N 9 -14.72 -10.05 -16.88
C LEU N 9 -15.08 -11.22 -15.98
N GLN N 10 -14.15 -11.60 -15.08
CA GLN N 10 -14.37 -12.77 -14.24
C GLN N 10 -15.54 -12.56 -13.29
N ASP N 11 -15.61 -11.40 -12.64
CA ASP N 11 -16.71 -11.14 -11.72
C ASP N 11 -18.04 -11.08 -12.45
N THR N 12 -18.07 -10.47 -13.64
CA THR N 12 -19.29 -10.45 -14.43
C THR N 12 -19.70 -11.86 -14.84
N PHE N 13 -18.75 -12.65 -15.34
CA PHE N 13 -19.06 -14.01 -15.76
C PHE N 13 -19.59 -14.85 -14.61
N LEU N 14 -18.90 -14.83 -13.48
CA LEU N 14 -19.28 -15.69 -12.36
C LEU N 14 -20.59 -15.22 -11.73
N ASN N 15 -20.75 -13.90 -11.55
CA ASN N 15 -22.00 -13.40 -11.00
C ASN N 15 -23.18 -13.68 -11.92
N SER N 16 -22.94 -13.68 -13.23
CA SER N 16 -24.03 -13.91 -14.18
C SER N 16 -24.49 -15.36 -14.12
N VAL N 17 -23.57 -16.31 -14.26
CA VAL N 17 -23.94 -17.72 -14.22
C VAL N 17 -24.43 -18.14 -12.84
N ARG N 18 -24.09 -17.37 -11.80
CA ARG N 18 -24.63 -17.65 -10.48
C ARG N 18 -26.07 -17.16 -10.35
N LYS N 19 -26.31 -15.90 -10.75
CA LYS N 19 -27.63 -15.32 -10.60
C LYS N 19 -28.66 -15.99 -11.50
N SER N 20 -28.25 -16.39 -12.71
CA SER N 20 -29.13 -17.10 -13.62
C SER N 20 -29.11 -18.60 -13.40
N LYS N 21 -28.28 -19.09 -12.48
CA LYS N 21 -28.19 -20.52 -12.18
C LYS N 21 -27.94 -21.33 -13.44
N THR N 22 -27.04 -20.84 -14.28
CA THR N 22 -26.76 -21.51 -15.54
C THR N 22 -25.94 -22.77 -15.29
N PRO N 23 -26.34 -23.91 -15.85
CA PRO N 23 -25.50 -25.10 -15.76
C PRO N 23 -24.18 -24.90 -16.49
N LEU N 24 -23.11 -25.32 -15.85
CA LEU N 24 -21.76 -25.08 -16.36
C LEU N 24 -20.99 -26.39 -16.45
N THR N 25 -19.91 -26.36 -17.22
CA THR N 25 -18.94 -27.43 -17.26
C THR N 25 -17.58 -26.84 -16.96
N ILE N 26 -17.02 -27.18 -15.80
CA ILE N 26 -15.73 -26.65 -15.37
C ILE N 26 -14.65 -27.62 -15.84
N PHE N 27 -13.78 -27.16 -16.73
CA PHE N 27 -12.67 -27.95 -17.22
C PHE N 27 -11.44 -27.68 -16.37
N LEU N 28 -10.98 -28.69 -15.66
CA LEU N 28 -9.80 -28.55 -14.82
C LEU N 28 -8.54 -28.79 -15.65
N VAL N 29 -7.41 -28.28 -15.14
CA VAL N 29 -6.16 -28.39 -15.87
C VAL N 29 -5.70 -29.85 -15.95
N ASN N 30 -6.02 -30.66 -14.93
CA ASN N 30 -5.61 -32.05 -14.93
C ASN N 30 -6.46 -32.92 -15.85
N GLY N 31 -7.48 -32.37 -16.50
CA GLY N 31 -8.33 -33.12 -17.40
C GLY N 31 -9.66 -33.56 -16.80
N VAL N 32 -9.88 -33.31 -15.52
CA VAL N 32 -11.16 -33.64 -14.89
C VAL N 32 -12.21 -32.63 -15.32
N LYS N 33 -13.39 -33.11 -15.66
CA LYS N 33 -14.52 -32.27 -16.05
C LYS N 33 -15.55 -32.28 -14.94
N LEU N 34 -15.92 -31.09 -14.47
CA LEU N 34 -16.94 -30.94 -13.44
C LEU N 34 -18.15 -30.22 -14.01
N GLN N 35 -19.33 -30.59 -13.52
CA GLN N 35 -20.58 -29.97 -13.94
C GLN N 35 -21.35 -29.53 -12.71
N GLY N 36 -22.30 -28.63 -12.93
CA GLY N 36 -23.12 -28.09 -11.87
C GLY N 36 -23.35 -26.61 -12.10
N VAL N 37 -23.79 -25.93 -11.04
CA VAL N 37 -24.06 -24.50 -11.08
C VAL N 37 -23.24 -23.82 -9.99
N VAL N 38 -22.75 -22.63 -10.28
CA VAL N 38 -22.00 -21.85 -9.29
C VAL N 38 -23.00 -21.18 -8.36
N SER N 39 -22.90 -21.50 -7.06
CA SER N 39 -23.73 -20.86 -6.06
C SER N 39 -23.00 -19.78 -5.27
N TRP N 40 -21.68 -19.79 -5.29
CA TRP N 40 -20.87 -18.87 -4.49
C TRP N 40 -19.44 -18.90 -5.02
N PHE N 41 -18.80 -17.74 -5.03
CA PHE N 41 -17.41 -17.66 -5.46
C PHE N 41 -16.74 -16.51 -4.71
N ASP N 42 -15.44 -16.65 -4.49
CA ASP N 42 -14.63 -15.59 -3.90
C ASP N 42 -13.37 -15.44 -4.75
N ASN N 43 -12.29 -14.93 -4.14
CA ASN N 43 -11.11 -14.60 -4.92
C ASN N 43 -10.34 -15.83 -5.37
N PHE N 44 -10.46 -16.95 -4.66
CA PHE N 44 -9.61 -18.11 -4.93
C PHE N 44 -10.36 -19.38 -5.27
N CYS N 45 -11.64 -19.48 -4.98
CA CYS N 45 -12.37 -20.72 -5.20
C CYS N 45 -13.79 -20.44 -5.68
N VAL N 46 -14.49 -21.52 -6.04
CA VAL N 46 -15.83 -21.45 -6.60
C VAL N 46 -16.63 -22.61 -6.01
N LEU N 47 -17.84 -22.32 -5.52
CA LEU N 47 -18.70 -23.33 -4.92
C LEU N 47 -19.63 -23.89 -5.99
N LEU N 48 -19.39 -25.13 -6.38
CA LEU N 48 -20.15 -25.79 -7.44
C LEU N 48 -21.26 -26.64 -6.83
N ARG N 49 -22.51 -26.32 -7.16
CA ARG N 49 -23.67 -27.00 -6.59
C ARG N 49 -24.16 -28.07 -7.56
N ARG N 50 -24.31 -29.29 -7.04
CA ARG N 50 -24.84 -30.43 -7.79
C ARG N 50 -25.81 -31.16 -6.89
N ASP N 51 -27.08 -31.22 -7.31
CA ASP N 51 -28.14 -31.80 -6.50
C ASP N 51 -28.19 -31.13 -5.14
N GLY N 52 -27.68 -31.81 -4.11
CA GLY N 52 -27.65 -31.23 -2.79
C GLY N 52 -26.26 -30.82 -2.33
N GLN N 53 -25.24 -31.45 -2.90
CA GLN N 53 -23.87 -31.26 -2.43
C GLN N 53 -23.18 -30.12 -3.17
N SER N 54 -22.47 -29.30 -2.40
CA SER N 54 -21.65 -28.21 -2.93
C SER N 54 -20.19 -28.53 -2.65
N GLN N 55 -19.39 -28.63 -3.71
CA GLN N 55 -17.97 -28.90 -3.59
C GLN N 55 -17.17 -27.65 -3.89
N LEU N 56 -16.09 -27.45 -3.14
CA LEU N 56 -15.21 -26.32 -3.34
C LEU N 56 -14.27 -26.61 -4.49
N VAL N 57 -14.16 -25.67 -5.43
CA VAL N 57 -13.27 -25.80 -6.59
C VAL N 57 -12.32 -24.61 -6.57
N TYR N 58 -11.02 -24.90 -6.54
CA TYR N 58 -10.02 -23.85 -6.53
C TYR N 58 -9.81 -23.30 -7.93
N LYS N 59 -9.80 -21.97 -8.04
CA LYS N 59 -9.69 -21.34 -9.35
C LYS N 59 -8.39 -21.70 -10.05
N HIS N 60 -7.30 -21.87 -9.29
CA HIS N 60 -6.01 -22.15 -9.90
C HIS N 60 -5.98 -23.50 -10.61
N ALA N 61 -6.90 -24.40 -10.28
CA ALA N 61 -7.03 -25.69 -10.95
C ALA N 61 -7.93 -25.63 -12.18
N ILE N 62 -8.69 -24.55 -12.35
CA ILE N 62 -9.61 -24.40 -13.47
C ILE N 62 -8.85 -23.86 -14.67
N SER N 63 -9.15 -24.40 -15.85
CA SER N 63 -8.65 -23.85 -17.11
C SER N 63 -9.74 -23.12 -17.88
N THR N 64 -10.86 -23.79 -18.17
CA THR N 64 -11.98 -23.16 -18.87
C THR N 64 -13.29 -23.45 -18.13
N ILE N 65 -14.23 -22.51 -18.27
CA ILE N 65 -15.60 -22.66 -17.78
C ILE N 65 -16.53 -22.45 -18.96
N MET N 66 -17.28 -23.49 -19.30
CA MET N 66 -18.16 -23.47 -20.47
C MET N 66 -19.61 -23.56 -20.04
N PRO N 67 -20.40 -22.49 -20.17
CA PRO N 67 -21.83 -22.59 -19.85
C PRO N 67 -22.57 -23.45 -20.86
N ALA N 68 -23.62 -24.11 -20.37
CA ALA N 68 -24.42 -24.98 -21.24
C ALA N 68 -25.22 -24.19 -22.26
N GLN N 69 -25.65 -22.99 -21.90
CA GLN N 69 -26.43 -22.12 -22.78
C GLN N 69 -25.74 -20.76 -22.85
N PRO N 70 -25.96 -20.01 -23.93
CA PRO N 70 -25.38 -18.68 -24.02
C PRO N 70 -25.81 -17.81 -22.86
N VAL N 71 -24.88 -17.00 -22.36
CA VAL N 71 -25.11 -16.16 -21.19
C VAL N 71 -24.80 -14.71 -21.57
N GLN N 72 -25.59 -13.79 -21.04
CA GLN N 72 -25.43 -12.37 -21.33
C GLN N 72 -24.40 -11.77 -20.38
N LEU N 73 -23.31 -11.24 -20.95
CA LEU N 73 -22.23 -10.68 -20.16
C LEU N 73 -21.99 -9.20 -20.40
N TYR N 74 -22.62 -8.60 -21.42
CA TYR N 74 -22.43 -7.20 -21.76
C TYR N 74 -20.94 -6.90 -21.97
N GLU N 75 -20.34 -7.69 -22.85
CA GLU N 75 -18.92 -7.55 -23.15
C GLU N 75 -18.68 -6.23 -23.89
N PRO N 76 -17.49 -5.65 -23.75
CA PRO N 76 -17.19 -4.40 -24.44
C PRO N 76 -17.20 -4.59 -25.95
N SER N 77 -17.62 -3.54 -26.65
CA SER N 77 -17.63 -3.57 -28.11
C SER N 77 -16.21 -3.47 -28.65
N ALA N 78 -15.97 -4.17 -29.76
CA ALA N 78 -14.66 -4.17 -30.37
C ALA N 78 -14.35 -2.87 -31.11
N ASP N 79 -15.23 -1.87 -31.06
CA ASP N 79 -14.96 -0.59 -31.69
C ASP N 79 -14.35 0.41 -30.73
N ALA N 80 -14.70 0.36 -29.45
CA ALA N 80 -14.20 1.29 -28.45
C ALA N 80 -13.09 0.63 -27.63
N ASP N 81 -12.60 1.37 -26.64
CA ASP N 81 -11.49 0.94 -25.81
C ASP N 81 -12.00 0.51 -24.44
N ASP N 82 -11.62 -0.70 -24.02
CA ASP N 82 -12.01 -1.24 -22.73
C ASP N 82 -11.31 -0.50 -21.60
N GLN O 7 2.03 -18.80 16.05
CA GLN O 7 2.27 -19.04 14.64
C GLN O 7 1.06 -19.74 13.99
N ASN O 8 0.99 -19.68 12.67
CA ASN O 8 -0.12 -20.28 11.94
C ASN O 8 0.07 -21.79 11.85
N LEU O 9 -0.79 -22.46 11.08
CA LEU O 9 -0.71 -23.91 10.96
C LEU O 9 0.59 -24.33 10.29
N GLN O 10 0.91 -23.73 9.14
CA GLN O 10 2.09 -24.14 8.40
C GLN O 10 3.36 -23.89 9.21
N ASP O 11 3.47 -22.70 9.81
CA ASP O 11 4.63 -22.39 10.63
C ASP O 11 4.72 -23.33 11.84
N THR O 12 3.58 -23.61 12.47
CA THR O 12 3.57 -24.55 13.59
C THR O 12 3.98 -25.94 13.14
N PHE O 13 3.40 -26.42 12.04
CA PHE O 13 3.70 -27.77 11.55
C PHE O 13 5.16 -27.91 11.19
N LEU O 14 5.67 -26.98 10.38
CA LEU O 14 7.05 -27.11 9.89
C LEU O 14 8.07 -26.95 11.01
N ASN O 15 7.85 -26.00 11.92
CA ASN O 15 8.76 -25.86 13.05
C ASN O 15 8.72 -27.11 13.93
N SER O 16 7.52 -27.62 14.20
CA SER O 16 7.40 -28.80 15.07
C SER O 16 8.11 -30.00 14.47
N VAL O 17 7.98 -30.21 13.16
CA VAL O 17 8.69 -31.32 12.52
C VAL O 17 10.17 -31.02 12.38
N ARG O 18 10.57 -29.74 12.40
CA ARG O 18 11.99 -29.40 12.33
C ARG O 18 12.68 -29.62 13.68
N LYS O 19 12.15 -29.00 14.73
CA LYS O 19 12.73 -29.12 16.05
C LYS O 19 12.80 -30.58 16.48
N SER O 20 11.79 -31.37 16.13
CA SER O 20 11.72 -32.76 16.54
C SER O 20 12.47 -33.71 15.61
N LYS O 21 13.01 -33.22 14.49
CA LYS O 21 13.79 -34.03 13.56
C LYS O 21 12.99 -35.25 13.10
N THR O 22 11.70 -35.06 12.88
CA THR O 22 10.83 -36.18 12.51
C THR O 22 11.07 -36.57 11.06
N PRO O 23 11.30 -37.85 10.76
CA PRO O 23 11.45 -38.27 9.37
C PRO O 23 10.17 -38.01 8.59
N LEU O 24 10.34 -37.58 7.34
CA LEU O 24 9.23 -37.11 6.53
C LEU O 24 9.18 -37.83 5.19
N THR O 25 8.01 -37.78 4.58
CA THR O 25 7.82 -38.18 3.19
C THR O 25 7.10 -37.03 2.50
N ILE O 26 7.79 -36.38 1.55
CA ILE O 26 7.24 -35.24 0.83
C ILE O 26 6.75 -35.73 -0.53
N PHE O 27 5.45 -35.59 -0.77
CA PHE O 27 4.85 -35.97 -2.04
CA PHE O 27 4.85 -35.97 -2.04
C PHE O 27 4.80 -34.75 -2.95
N LEU O 28 5.52 -34.83 -4.07
CA LEU O 28 5.55 -33.71 -5.00
C LEU O 28 4.36 -33.77 -5.95
N VAL O 29 4.11 -32.64 -6.62
CA VAL O 29 2.96 -32.54 -7.51
C VAL O 29 3.13 -33.47 -8.71
N ASN O 30 4.36 -33.77 -9.10
CA ASN O 30 4.62 -34.69 -10.20
C ASN O 30 4.68 -36.15 -9.75
N GLY O 31 4.21 -36.44 -8.53
CA GLY O 31 4.22 -37.79 -8.02
C GLY O 31 5.52 -38.22 -7.38
N VAL O 32 6.59 -37.44 -7.51
CA VAL O 32 7.88 -37.82 -6.95
C VAL O 32 7.80 -37.81 -5.42
N LYS O 33 8.29 -38.88 -4.80
CA LYS O 33 8.32 -38.99 -3.35
C LYS O 33 9.71 -38.64 -2.85
N LEU O 34 9.78 -37.82 -1.81
CA LEU O 34 11.04 -37.41 -1.20
C LEU O 34 11.02 -37.81 0.27
N GLN O 35 12.13 -38.40 0.73
CA GLN O 35 12.27 -38.85 2.11
C GLN O 35 13.43 -38.09 2.75
N GLY O 36 13.20 -37.60 3.97
CA GLY O 36 14.25 -36.89 4.66
C GLY O 36 13.70 -36.14 5.86
N VAL O 37 14.53 -35.26 6.40
CA VAL O 37 14.22 -34.45 7.57
C VAL O 37 14.35 -32.98 7.20
N VAL O 38 13.39 -32.17 7.63
CA VAL O 38 13.41 -30.74 7.36
C VAL O 38 14.29 -30.06 8.39
N SER O 39 15.33 -29.38 7.92
CA SER O 39 16.25 -28.66 8.79
C SER O 39 16.09 -27.14 8.71
N TRP O 40 15.31 -26.64 7.76
CA TRP O 40 15.20 -25.20 7.53
C TRP O 40 14.08 -24.97 6.51
N PHE O 41 13.36 -23.87 6.69
CA PHE O 41 12.28 -23.51 5.77
C PHE O 41 12.06 -22.00 5.83
N ASP O 42 11.58 -21.45 4.71
CA ASP O 42 11.21 -20.05 4.66
C ASP O 42 9.85 -19.89 3.99
N ASN O 43 9.62 -18.76 3.32
CA ASN O 43 8.30 -18.50 2.76
C ASN O 43 8.02 -19.37 1.54
N PHE O 44 9.06 -19.76 0.80
CA PHE O 44 8.87 -20.47 -0.45
C PHE O 44 9.56 -21.83 -0.51
N CYS O 45 10.51 -22.11 0.38
CA CYS O 45 11.35 -23.27 0.23
C CYS O 45 11.37 -24.08 1.52
N VAL O 46 11.93 -25.29 1.41
CA VAL O 46 12.10 -26.21 2.52
C VAL O 46 13.42 -26.95 2.29
N LEU O 47 14.29 -26.93 3.29
CA LEU O 47 15.57 -27.62 3.21
C LEU O 47 15.40 -29.03 3.78
N LEU O 48 15.50 -30.02 2.91
CA LEU O 48 15.31 -31.41 3.28
C LEU O 48 16.66 -32.11 3.24
N ARG O 49 17.08 -32.66 4.38
CA ARG O 49 18.37 -33.33 4.49
C ARG O 49 18.15 -34.80 4.84
N ARG O 50 18.83 -35.69 4.11
CA ARG O 50 18.88 -37.09 4.48
C ARG O 50 20.06 -37.32 5.41
N ASP O 51 21.17 -37.80 4.87
CA ASP O 51 22.41 -37.99 5.62
C ASP O 51 23.54 -37.42 4.77
N GLY O 52 24.00 -36.22 5.14
CA GLY O 52 25.02 -35.54 4.37
C GLY O 52 24.53 -34.97 3.06
N GLN O 53 23.22 -34.99 2.81
CA GLN O 53 22.65 -34.55 1.54
C GLN O 53 21.72 -33.37 1.80
N SER O 54 21.92 -32.29 1.04
CA SER O 54 21.10 -31.10 1.13
C SER O 54 20.21 -30.99 -0.11
N GLN O 55 18.96 -30.57 0.09
CA GLN O 55 18.01 -30.46 -1.01
C GLN O 55 17.10 -29.26 -0.76
N LEU O 56 17.15 -28.28 -1.65
CA LEU O 56 16.25 -27.12 -1.59
C LEU O 56 14.97 -27.49 -2.32
N VAL O 57 13.88 -27.64 -1.58
CA VAL O 57 12.59 -28.05 -2.12
C VAL O 57 11.67 -26.84 -2.14
N TYR O 58 11.18 -26.48 -3.32
CA TYR O 58 10.26 -25.37 -3.44
C TYR O 58 8.85 -25.81 -3.06
N LYS O 59 8.18 -24.99 -2.24
CA LYS O 59 6.88 -25.37 -1.71
C LYS O 59 5.85 -25.54 -2.81
N HIS O 60 5.94 -24.74 -3.88
CA HIS O 60 4.99 -24.85 -4.98
C HIS O 60 5.05 -26.20 -5.67
N ALA O 61 6.12 -26.97 -5.46
CA ALA O 61 6.22 -28.31 -6.00
C ALA O 61 5.74 -29.38 -5.03
N ILE O 62 5.46 -29.02 -3.78
CA ILE O 62 5.02 -29.97 -2.77
C ILE O 62 3.51 -30.06 -2.79
N SER O 63 2.98 -31.28 -2.84
CA SER O 63 1.56 -31.51 -2.63
C SER O 63 1.25 -31.70 -1.15
N THR O 64 1.84 -32.73 -0.53
CA THR O 64 1.60 -33.01 0.87
C THR O 64 2.89 -33.43 1.56
N ILE O 65 2.89 -33.28 2.88
CA ILE O 65 3.99 -33.67 3.75
C ILE O 65 3.43 -34.58 4.82
N MET O 66 3.87 -35.84 4.83
CA MET O 66 3.37 -36.84 5.76
C MET O 66 4.49 -37.28 6.70
N PRO O 67 4.36 -37.04 8.01
CA PRO O 67 5.39 -37.51 8.94
C PRO O 67 5.31 -39.00 9.16
N ALA O 68 6.48 -39.62 9.34
CA ALA O 68 6.53 -41.05 9.61
C ALA O 68 5.84 -41.39 10.93
N GLN O 69 6.10 -40.61 11.98
CA GLN O 69 5.42 -40.74 13.24
C GLN O 69 4.47 -39.57 13.46
N PRO O 70 3.31 -39.80 14.08
CA PRO O 70 2.34 -38.72 14.26
C PRO O 70 2.92 -37.55 15.06
N VAL O 71 2.80 -36.36 14.49
CA VAL O 71 3.28 -35.14 15.13
C VAL O 71 2.25 -34.64 16.13
N GLN O 72 2.72 -34.09 17.25
CA GLN O 72 1.86 -33.48 18.25
C GLN O 72 1.96 -31.97 18.11
N LEU O 73 0.89 -31.35 17.61
CA LEU O 73 0.89 -29.92 17.32
C LEU O 73 -0.15 -29.24 18.20
N TYR O 74 0.31 -28.34 19.06
CA TYR O 74 -0.51 -27.51 19.92
C TYR O 74 -1.80 -27.00 19.27
N LYS P 6 19.86 -13.13 9.28
CA LYS P 6 20.00 -12.20 8.16
C LYS P 6 19.29 -12.75 6.92
N GLN P 7 20.03 -13.50 6.10
CA GLN P 7 19.46 -14.10 4.91
C GLN P 7 18.50 -15.22 5.28
N ASN P 8 17.51 -15.45 4.42
CA ASN P 8 16.59 -16.55 4.61
C ASN P 8 17.17 -17.80 3.94
N LEU P 9 16.36 -18.87 3.86
CA LEU P 9 16.88 -20.14 3.35
C LEU P 9 17.23 -20.04 1.87
N GLN P 10 16.32 -19.54 1.04
CA GLN P 10 16.56 -19.51 -0.39
C GLN P 10 17.72 -18.59 -0.75
N ASP P 11 17.78 -17.41 -0.13
CA ASP P 11 18.90 -16.50 -0.39
C ASP P 11 20.21 -17.12 0.05
N THR P 12 20.23 -17.73 1.25
CA THR P 12 21.45 -18.38 1.73
C THR P 12 21.87 -19.51 0.80
N PHE P 13 20.92 -20.36 0.41
CA PHE P 13 21.23 -21.50 -0.44
C PHE P 13 21.80 -21.06 -1.78
N LEU P 14 21.11 -20.13 -2.45
CA LEU P 14 21.51 -19.76 -3.80
C LEU P 14 22.79 -18.94 -3.79
N ASN P 15 22.96 -18.05 -2.80
CA ASN P 15 24.21 -17.30 -2.72
C ASN P 15 25.38 -18.20 -2.39
N SER P 16 25.16 -19.22 -1.55
CA SER P 16 26.23 -20.13 -1.20
C SER P 16 26.71 -20.93 -2.41
N VAL P 17 25.78 -21.58 -3.11
CA VAL P 17 26.16 -22.36 -4.29
C VAL P 17 26.68 -21.46 -5.41
N ARG P 18 26.36 -20.18 -5.38
CA ARG P 18 26.94 -19.25 -6.34
C ARG P 18 28.36 -18.88 -5.94
N LYS P 19 28.55 -18.46 -4.68
CA LYS P 19 29.87 -18.05 -4.22
C LYS P 19 30.87 -19.20 -4.27
N SER P 20 30.43 -20.42 -4.01
CA SER P 20 31.31 -21.58 -4.04
C SER P 20 31.34 -22.27 -5.40
N LYS P 21 30.52 -21.79 -6.35
CA LYS P 21 30.44 -22.40 -7.69
C LYS P 21 30.17 -23.90 -7.60
N THR P 22 29.28 -24.29 -6.70
CA THR P 22 29.00 -25.69 -6.46
C THR P 22 28.22 -26.28 -7.63
N PRO P 23 28.65 -27.39 -8.20
CA PRO P 23 27.86 -28.04 -9.26
C PRO P 23 26.53 -28.51 -8.71
N LEU P 24 25.46 -28.24 -9.46
CA LEU P 24 24.11 -28.51 -9.01
C LEU P 24 23.36 -29.33 -10.04
N THR P 25 22.32 -30.01 -9.56
CA THR P 25 21.33 -30.66 -10.41
C THR P 25 19.97 -30.07 -10.06
N ILE P 26 19.46 -29.21 -10.93
CA ILE P 26 18.18 -28.55 -10.70
C ILE P 26 17.09 -29.38 -11.34
N PHE P 27 16.22 -29.95 -10.51
CA PHE P 27 15.13 -30.77 -10.99
C PHE P 27 13.93 -29.89 -11.33
N LEU P 28 13.34 -30.14 -12.49
CA LEU P 28 12.11 -29.48 -12.89
C LEU P 28 10.92 -30.35 -12.56
N VAL P 29 9.78 -29.71 -12.30
CA VAL P 29 8.58 -30.45 -11.93
C VAL P 29 8.09 -31.37 -13.04
N ASN P 30 8.48 -31.11 -14.28
CA ASN P 30 8.06 -31.95 -15.39
C ASN P 30 8.97 -33.15 -15.62
N GLY P 31 9.89 -33.43 -14.69
CA GLY P 31 10.79 -34.55 -14.82
C GLY P 31 12.13 -34.23 -15.45
N VAL P 32 12.28 -33.06 -16.06
CA VAL P 32 13.55 -32.68 -16.66
C VAL P 32 14.55 -32.34 -15.57
N LYS P 33 15.81 -32.73 -15.79
CA LYS P 33 16.90 -32.49 -14.83
C LYS P 33 17.97 -31.66 -15.52
N LEU P 34 18.26 -30.49 -14.97
CA LEU P 34 19.31 -29.63 -15.47
C LEU P 34 20.53 -29.69 -14.56
N GLN P 35 21.69 -29.44 -15.15
CA GLN P 35 22.95 -29.44 -14.42
C GLN P 35 23.69 -28.14 -14.69
N GLY P 36 24.56 -27.76 -13.76
CA GLY P 36 25.40 -26.61 -13.96
C GLY P 36 25.61 -25.85 -12.66
N VAL P 37 26.05 -24.61 -12.80
CA VAL P 37 26.37 -23.73 -11.68
C VAL P 37 25.45 -22.53 -11.74
N VAL P 38 24.97 -22.09 -10.57
CA VAL P 38 24.18 -20.86 -10.47
C VAL P 38 25.14 -19.69 -10.39
N SER P 39 25.11 -18.81 -11.40
CA SER P 39 25.94 -17.63 -11.41
C SER P 39 25.21 -16.36 -11.03
N TRP P 40 23.87 -16.37 -11.06
CA TRP P 40 23.07 -15.18 -10.83
C TRP P 40 21.63 -15.61 -10.62
N PHE P 41 20.93 -14.91 -9.73
CA PHE P 41 19.54 -15.25 -9.44
C PHE P 41 18.83 -14.01 -8.92
N ASP P 42 17.51 -13.98 -9.13
CA ASP P 42 16.67 -12.91 -8.60
C ASP P 42 15.47 -13.50 -7.87
N ASN P 43 14.36 -12.76 -7.84
CA ASN P 43 13.17 -13.24 -7.14
C ASN P 43 12.50 -14.39 -7.88
N PHE P 44 12.59 -14.41 -9.21
CA PHE P 44 11.85 -15.36 -10.02
C PHE P 44 12.70 -16.30 -10.86
N CYS P 45 13.96 -16.00 -11.09
CA CYS P 45 14.76 -16.75 -12.05
C CYS P 45 16.12 -17.12 -11.45
N VAL P 46 16.77 -18.05 -12.14
CA VAL P 46 18.10 -18.52 -11.78
C VAL P 46 18.91 -18.69 -13.07
N LEU P 47 20.09 -18.09 -13.11
CA LEU P 47 20.95 -18.18 -14.29
C LEU P 47 21.91 -19.35 -14.10
N LEU P 48 21.69 -20.40 -14.87
CA LEU P 48 22.48 -21.62 -14.77
C LEU P 48 23.58 -21.58 -15.84
N ARG P 49 24.83 -21.72 -15.41
CA ARG P 49 25.98 -21.73 -16.31
C ARG P 49 26.44 -23.15 -16.53
N ARG P 50 26.49 -23.58 -17.80
CA ARG P 50 26.90 -24.93 -18.17
C ARG P 50 27.86 -24.81 -19.34
N ASP P 51 29.13 -25.16 -19.12
CA ASP P 51 30.22 -24.92 -20.06
C ASP P 51 30.28 -23.42 -20.29
N GLY P 52 30.18 -22.93 -21.53
CA GLY P 52 30.07 -21.51 -21.79
C GLY P 52 28.66 -21.00 -21.93
N GLN P 53 27.66 -21.87 -21.92
CA GLN P 53 26.28 -21.49 -22.10
C GLN P 53 25.63 -21.14 -20.77
N SER P 54 24.85 -20.06 -20.77
CA SER P 54 24.03 -19.66 -19.63
C SER P 54 22.58 -19.64 -20.07
N GLN P 55 21.70 -20.21 -19.25
CA GLN P 55 20.28 -20.27 -19.55
C GLN P 55 19.47 -19.79 -18.35
N LEU P 56 18.41 -19.05 -18.63
CA LEU P 56 17.52 -18.56 -17.60
C LEU P 56 16.57 -19.67 -17.17
N VAL P 57 16.54 -19.96 -15.87
CA VAL P 57 15.67 -20.98 -15.30
C VAL P 57 14.67 -20.29 -14.40
N TYR P 58 13.38 -20.55 -14.64
CA TYR P 58 12.31 -19.96 -13.85
C TYR P 58 12.07 -20.78 -12.59
N LYS P 59 12.02 -20.10 -11.44
CA LYS P 59 11.88 -20.80 -10.17
C LYS P 59 10.59 -21.60 -10.11
N HIS P 60 9.54 -21.17 -10.82
CA HIS P 60 8.26 -21.85 -10.74
C HIS P 60 8.30 -23.24 -11.37
N ALA P 61 9.24 -23.48 -12.28
CA ALA P 61 9.42 -24.81 -12.86
C ALA P 61 10.34 -25.69 -12.02
N ILE P 62 11.05 -25.11 -11.05
CA ILE P 62 11.97 -25.87 -10.21
C ILE P 62 11.17 -26.63 -9.16
N SER P 63 11.49 -27.91 -8.99
CA SER P 63 10.98 -28.70 -7.88
C SER P 63 12.00 -28.79 -6.75
N THR P 64 13.20 -29.29 -7.05
CA THR P 64 14.26 -29.42 -6.07
C THR P 64 15.59 -29.00 -6.68
N ILE P 65 16.50 -28.55 -5.83
CA ILE P 65 17.87 -28.23 -6.22
C ILE P 65 18.79 -29.09 -5.37
N MET P 66 19.62 -29.89 -6.03
CA MET P 66 20.50 -30.83 -5.36
C MET P 66 21.97 -30.51 -5.64
N PRO P 67 22.74 -30.06 -4.65
CA PRO P 67 24.16 -29.86 -4.87
C PRO P 67 24.89 -31.19 -5.00
N ALA P 68 25.88 -31.22 -5.89
CA ALA P 68 26.64 -32.45 -6.10
C ALA P 68 27.47 -32.82 -4.88
N GLN P 69 27.94 -31.84 -4.14
CA GLN P 69 28.75 -32.04 -2.95
C GLN P 69 28.11 -31.30 -1.79
N PRO P 70 28.41 -31.69 -0.55
CA PRO P 70 27.86 -30.98 0.61
C PRO P 70 28.19 -29.49 0.55
N VAL P 71 27.25 -28.67 1.02
CA VAL P 71 27.34 -27.23 0.92
C VAL P 71 27.11 -26.62 2.30
N GLN P 72 27.91 -25.62 2.64
CA GLN P 72 27.80 -24.97 3.94
C GLN P 72 26.68 -23.94 3.92
N LEU P 73 25.68 -24.14 4.77
CA LEU P 73 24.50 -23.29 4.79
C LEU P 73 24.24 -22.59 6.11
N TYR P 74 24.87 -23.03 7.20
CA TYR P 74 24.65 -22.47 8.53
C TYR P 74 23.18 -22.49 8.89
N GLU P 75 22.57 -23.66 8.74
CA GLU P 75 21.16 -23.82 9.07
C GLU P 75 20.97 -23.68 10.58
N PRO P 76 19.77 -23.26 11.02
CA PRO P 76 19.54 -23.08 12.45
C PRO P 76 19.68 -24.39 13.22
N SER P 77 20.07 -24.24 14.49
CA SER P 77 20.13 -25.39 15.38
C SER P 77 18.71 -25.92 15.63
N ALA P 78 18.54 -27.23 15.53
CA ALA P 78 17.25 -27.83 15.83
C ALA P 78 16.90 -27.77 17.32
N ASP P 79 17.68 -27.05 18.11
CA ASP P 79 17.43 -26.91 19.54
C ASP P 79 16.68 -25.64 19.91
N ALA P 80 16.76 -24.60 19.08
CA ALA P 80 16.14 -23.32 19.38
C ALA P 80 15.34 -22.83 18.18
N ASP P 81 14.57 -21.76 18.42
CA ASP P 81 13.73 -21.16 17.40
C ASP P 81 14.49 -20.06 16.65
N ASP P 82 14.03 -19.78 15.43
CA ASP P 82 14.64 -18.76 14.60
C ASP P 82 14.51 -17.37 15.22
N GLN Q 7 19.59 -3.30 -12.03
CA GLN Q 7 18.44 -4.04 -12.56
C GLN Q 7 18.68 -5.55 -12.42
N ASN Q 8 17.60 -6.30 -12.16
CA ASN Q 8 17.73 -7.70 -11.81
C ASN Q 8 17.98 -8.57 -13.04
N LEU Q 9 18.11 -9.87 -12.81
CA LEU Q 9 18.66 -10.78 -13.81
C LEU Q 9 17.73 -10.96 -14.99
N GLN Q 10 16.43 -11.16 -14.74
CA GLN Q 10 15.50 -11.47 -15.81
C GLN Q 10 15.40 -10.32 -16.80
N ASP Q 11 15.26 -9.09 -16.31
CA ASP Q 11 15.18 -7.94 -17.20
C ASP Q 11 16.46 -7.77 -17.99
N THR Q 12 17.61 -7.91 -17.34
CA THR Q 12 18.89 -7.83 -18.04
C THR Q 12 19.00 -8.92 -19.10
N PHE Q 13 18.65 -10.15 -18.73
CA PHE Q 13 18.75 -11.26 -19.67
C PHE Q 13 17.81 -11.04 -20.87
N LEU Q 14 16.55 -10.69 -20.59
CA LEU Q 14 15.59 -10.55 -21.67
C LEU Q 14 15.90 -9.34 -22.55
N ASN Q 15 16.30 -8.22 -21.94
CA ASN Q 15 16.67 -7.06 -22.74
C ASN Q 15 17.87 -7.35 -23.62
N SER Q 16 18.81 -8.15 -23.11
CA SER Q 16 20.01 -8.48 -23.88
C SER Q 16 19.66 -9.29 -25.12
N VAL Q 17 18.94 -10.40 -24.94
CA VAL Q 17 18.59 -11.26 -26.08
C VAL Q 17 17.60 -10.60 -27.02
N ARG Q 18 16.93 -9.53 -26.56
CA ARG Q 18 15.99 -8.80 -27.41
C ARG Q 18 16.71 -7.74 -28.26
N LYS Q 19 17.57 -6.94 -27.64
CA LYS Q 19 18.31 -5.93 -28.39
C LYS Q 19 19.30 -6.56 -29.36
N SER Q 20 19.82 -7.74 -29.02
CA SER Q 20 20.71 -8.47 -29.91
C SER Q 20 19.98 -9.36 -30.89
N LYS Q 21 18.65 -9.47 -30.77
CA LYS Q 21 17.85 -10.34 -31.61
C LYS Q 21 18.39 -11.77 -31.62
N THR Q 22 18.87 -12.21 -30.46
CA THR Q 22 19.52 -13.49 -30.37
C THR Q 22 18.51 -14.62 -30.56
N PRO Q 23 18.77 -15.58 -31.46
CA PRO Q 23 17.90 -16.76 -31.55
C PRO Q 23 18.01 -17.59 -30.29
N LEU Q 24 16.86 -17.98 -29.74
CA LEU Q 24 16.82 -18.68 -28.47
C LEU Q 24 15.85 -19.85 -28.57
N THR Q 25 15.79 -20.62 -27.50
CA THR Q 25 14.85 -21.74 -27.37
C THR Q 25 14.09 -21.58 -26.06
N ILE Q 26 12.76 -21.56 -26.16
CA ILE Q 26 11.90 -21.45 -24.99
C ILE Q 26 11.37 -22.84 -24.67
N PHE Q 27 11.81 -23.39 -23.54
CA PHE Q 27 11.31 -24.66 -23.05
C PHE Q 27 10.13 -24.39 -22.13
N LEU Q 28 8.98 -25.00 -22.45
CA LEU Q 28 7.79 -24.80 -21.65
C LEU Q 28 7.68 -25.88 -20.59
N VAL Q 29 6.84 -25.61 -19.58
CA VAL Q 29 6.69 -26.54 -18.47
CA VAL Q 29 6.69 -26.54 -18.48
C VAL Q 29 6.05 -27.85 -18.95
N ASN Q 30 5.27 -27.81 -20.02
CA ASN Q 30 4.68 -29.02 -20.56
C ASN Q 30 5.62 -29.78 -21.49
N GLY Q 31 6.87 -29.34 -21.61
CA GLY Q 31 7.85 -30.01 -22.42
C GLY Q 31 7.97 -29.53 -23.85
N VAL Q 32 7.03 -28.72 -24.33
CA VAL Q 32 7.07 -28.24 -25.71
C VAL Q 32 8.19 -27.22 -25.85
N LYS Q 33 8.90 -27.28 -26.97
CA LYS Q 33 10.00 -26.37 -27.27
C LYS Q 33 9.55 -25.36 -28.32
N LEU Q 34 9.79 -24.08 -28.04
CA LEU Q 34 9.52 -23.00 -28.98
C LEU Q 34 10.84 -22.36 -29.41
N GLN Q 35 10.89 -21.91 -30.66
CA GLN Q 35 12.06 -21.27 -31.22
C GLN Q 35 11.66 -19.93 -31.84
N GLY Q 36 12.59 -18.98 -31.80
CA GLY Q 36 12.35 -17.67 -32.36
C GLY Q 36 13.20 -16.64 -31.66
N VAL Q 37 12.80 -15.37 -31.84
CA VAL Q 37 13.52 -14.23 -31.28
C VAL Q 37 12.56 -13.40 -30.43
N VAL Q 38 13.01 -13.00 -29.26
CA VAL Q 38 12.23 -12.17 -28.36
C VAL Q 38 12.24 -10.74 -28.88
N SER Q 39 11.07 -10.23 -29.26
CA SER Q 39 10.97 -8.87 -29.78
C SER Q 39 10.41 -7.88 -28.77
N TRP Q 40 9.79 -8.35 -27.70
CA TRP Q 40 9.11 -7.49 -26.74
C TRP Q 40 8.66 -8.35 -25.57
N PHE Q 41 8.73 -7.80 -24.36
CA PHE Q 41 8.35 -8.53 -23.16
C PHE Q 41 7.90 -7.54 -22.09
N ASP Q 42 7.15 -8.05 -21.12
CA ASP Q 42 6.77 -7.26 -19.95
C ASP Q 42 6.81 -8.11 -18.67
N ASN Q 43 5.95 -7.79 -17.71
CA ASN Q 43 6.01 -8.44 -16.41
C ASN Q 43 5.63 -9.92 -16.49
N PHE Q 44 4.66 -10.26 -17.35
CA PHE Q 44 4.12 -11.60 -17.37
C PHE Q 44 4.27 -12.33 -18.70
N CYS Q 45 4.59 -11.64 -19.78
CA CYS Q 45 4.60 -12.26 -21.10
C CYS Q 45 5.83 -11.82 -21.88
N VAL Q 46 6.08 -12.57 -22.96
CA VAL Q 46 7.11 -12.23 -23.94
CA VAL Q 46 7.12 -12.26 -23.94
C VAL Q 46 6.52 -12.43 -25.33
N LEU Q 47 7.01 -11.64 -26.29
CA LEU Q 47 6.56 -11.73 -27.67
C LEU Q 47 7.64 -12.43 -28.49
N LEU Q 48 7.38 -13.68 -28.84
CA LEU Q 48 8.33 -14.50 -29.60
C LEU Q 48 7.95 -14.48 -31.08
N ARG Q 49 8.88 -14.06 -31.92
CA ARG Q 49 8.67 -14.01 -33.36
C ARG Q 49 9.56 -15.04 -34.05
N ARG Q 50 8.97 -15.85 -34.91
CA ARG Q 50 9.73 -16.73 -35.79
C ARG Q 50 9.03 -16.82 -37.14
N ASP Q 51 9.78 -16.59 -38.21
CA ASP Q 51 9.27 -16.70 -39.58
C ASP Q 51 8.08 -15.78 -39.81
N GLY Q 52 8.17 -14.55 -39.29
CA GLY Q 52 7.10 -13.59 -39.42
C GLY Q 52 5.90 -13.83 -38.54
N GLN Q 53 5.82 -14.97 -37.87
CA GLN Q 53 4.72 -15.29 -36.97
C GLN Q 53 5.12 -14.94 -35.54
N SER Q 54 4.29 -14.11 -34.89
CA SER Q 54 4.51 -13.73 -33.50
C SER Q 54 3.44 -14.36 -32.63
N GLN Q 55 3.84 -14.80 -31.43
CA GLN Q 55 2.93 -15.39 -30.48
C GLN Q 55 3.24 -14.87 -29.08
N LEU Q 56 2.20 -14.66 -28.28
CA LEU Q 56 2.35 -14.18 -26.92
C LEU Q 56 2.54 -15.39 -26.00
N VAL Q 57 3.72 -15.47 -25.38
CA VAL Q 57 4.07 -16.59 -24.50
C VAL Q 57 4.08 -16.08 -23.07
N TYR Q 58 3.35 -16.77 -22.20
CA TYR Q 58 3.26 -16.39 -20.80
C TYR Q 58 4.45 -16.92 -20.03
N LYS Q 59 5.06 -16.07 -19.21
CA LYS Q 59 6.25 -16.48 -18.46
C LYS Q 59 5.94 -17.63 -17.51
N HIS Q 60 4.73 -17.67 -16.94
CA HIS Q 60 4.39 -18.73 -16.00
C HIS Q 60 4.39 -20.10 -16.66
N ALA Q 61 4.38 -20.17 -17.99
CA ALA Q 61 4.46 -21.43 -18.71
C ALA Q 61 5.86 -21.75 -19.19
N ILE Q 62 6.82 -20.86 -18.97
CA ILE Q 62 8.19 -21.04 -19.43
C ILE Q 62 9.00 -21.74 -18.36
N SER Q 63 9.72 -22.79 -18.76
CA SER Q 63 10.67 -23.45 -17.86
C SER Q 63 12.04 -22.78 -17.97
N THR Q 64 12.70 -22.93 -19.12
CA THR Q 64 14.02 -22.35 -19.34
C THR Q 64 14.03 -21.58 -20.65
N ILE Q 65 14.97 -20.63 -20.73
CA ILE Q 65 15.24 -19.86 -21.94
C ILE Q 65 16.71 -20.05 -22.27
N MET Q 66 16.99 -20.73 -23.38
CA MET Q 66 18.36 -21.04 -23.77
C MET Q 66 18.70 -20.35 -25.08
N PRO Q 67 19.65 -19.42 -25.10
CA PRO Q 67 20.09 -18.76 -26.33
C PRO Q 67 20.88 -19.70 -27.24
N LYS R 6 1.16 3.23 -24.38
CA LYS R 6 0.62 3.50 -23.05
C LYS R 6 0.24 2.21 -22.33
N GLN R 7 0.18 1.12 -23.08
CA GLN R 7 -0.09 -0.20 -22.51
C GLN R 7 1.17 -1.07 -22.59
N ASN R 8 1.18 -2.13 -21.79
CA ASN R 8 2.29 -3.07 -21.78
C ASN R 8 2.14 -4.03 -22.97
N LEU R 9 3.00 -5.04 -23.02
CA LEU R 9 2.94 -6.00 -24.13
C LEU R 9 1.62 -6.78 -24.11
N GLN R 10 1.25 -7.31 -22.93
CA GLN R 10 0.05 -8.14 -22.85
C GLN R 10 -1.21 -7.34 -23.15
N ASP R 11 -1.32 -6.14 -22.59
CA ASP R 11 -2.49 -5.31 -22.84
C ASP R 11 -2.57 -4.90 -24.31
N THR R 12 -1.44 -4.50 -24.89
CA THR R 12 -1.41 -4.13 -26.30
C THR R 12 -1.79 -5.31 -27.18
N PHE R 13 -1.24 -6.50 -26.89
CA PHE R 13 -1.52 -7.67 -27.70
C PHE R 13 -2.98 -8.08 -27.59
N LEU R 14 -3.50 -8.17 -26.37
CA LEU R 14 -4.87 -8.62 -26.17
C LEU R 14 -5.88 -7.61 -26.71
N ASN R 15 -5.64 -6.32 -26.45
CA ASN R 15 -6.54 -5.29 -26.98
C ASN R 15 -6.49 -5.25 -28.50
N SER R 16 -5.33 -5.53 -29.10
CA SER R 16 -5.24 -5.51 -30.56
C SER R 16 -6.06 -6.63 -31.17
N VAL R 17 -5.87 -7.87 -30.69
CA VAL R 17 -6.63 -8.99 -31.22
C VAL R 17 -8.10 -8.92 -30.82
N ARG R 18 -8.43 -8.15 -29.78
CA ARG R 18 -9.82 -7.99 -29.39
C ARG R 18 -10.54 -7.01 -30.32
N LYS R 19 -10.03 -5.78 -30.40
CA LYS R 19 -10.65 -4.77 -31.24
C LYS R 19 -10.67 -5.19 -32.70
N SER R 20 -9.69 -5.97 -33.13
CA SER R 20 -9.66 -6.47 -34.50
C SER R 20 -10.42 -7.77 -34.66
N LYS R 21 -10.87 -8.39 -33.57
CA LYS R 21 -11.61 -9.64 -33.61
C LYS R 21 -10.84 -10.71 -34.38
N THR R 22 -9.53 -10.77 -34.15
CA THR R 22 -8.67 -11.68 -34.90
C THR R 22 -8.88 -13.11 -34.43
N PRO R 23 -9.07 -14.06 -35.34
CA PRO R 23 -9.17 -15.47 -34.92
C PRO R 23 -7.85 -15.95 -34.33
N LEU R 24 -7.95 -16.59 -33.17
CA LEU R 24 -6.78 -16.98 -32.40
C LEU R 24 -6.77 -18.48 -32.17
N THR R 25 -5.61 -18.97 -31.72
CA THR R 25 -5.46 -20.31 -31.19
C THR R 25 -4.75 -20.18 -29.86
N ILE R 26 -5.47 -20.47 -28.78
CA ILE R 26 -4.92 -20.40 -27.43
C ILE R 26 -4.43 -21.79 -27.04
N PHE R 27 -3.15 -21.89 -26.68
CA PHE R 27 -2.55 -23.14 -26.27
C PHE R 27 -2.52 -23.20 -24.75
N LEU R 28 -3.13 -24.23 -24.18
CA LEU R 28 -3.12 -24.39 -22.74
C LEU R 28 -1.94 -25.24 -22.29
N VAL R 29 -1.59 -25.11 -21.00
CA VAL R 29 -0.42 -25.80 -20.48
C VAL R 29 -0.61 -27.32 -20.53
N ASN R 30 -1.85 -27.79 -20.47
CA ASN R 30 -2.13 -29.21 -20.58
C ASN R 30 -2.20 -29.69 -22.02
N GLY R 31 -1.85 -28.83 -22.98
CA GLY R 31 -1.73 -29.22 -24.37
C GLY R 31 -2.97 -29.05 -25.22
N VAL R 32 -4.13 -28.84 -24.61
CA VAL R 32 -5.36 -28.72 -25.39
C VAL R 32 -5.41 -27.37 -26.08
N LYS R 33 -5.88 -27.36 -27.32
CA LYS R 33 -5.92 -26.16 -28.14
C LYS R 33 -7.30 -25.55 -28.10
N LEU R 34 -7.36 -24.22 -27.99
CA LEU R 34 -8.60 -23.48 -28.01
C LEU R 34 -8.60 -22.52 -29.19
N GLN R 35 -9.65 -22.55 -30.00
CA GLN R 35 -9.80 -21.66 -31.13
C GLN R 35 -11.00 -20.76 -30.92
N GLY R 36 -10.85 -19.49 -31.27
CA GLY R 36 -11.93 -18.53 -31.11
C GLY R 36 -11.39 -17.11 -31.16
N VAL R 37 -12.22 -16.18 -30.72
CA VAL R 37 -11.90 -14.76 -30.69
C VAL R 37 -12.00 -14.26 -29.26
N VAL R 38 -11.04 -13.45 -28.85
CA VAL R 38 -11.07 -12.85 -27.52
C VAL R 38 -11.96 -11.61 -27.56
N SER R 39 -13.04 -11.65 -26.80
CA SER R 39 -13.97 -10.53 -26.73
C SER R 39 -13.79 -9.68 -25.48
N TRP R 40 -13.03 -10.16 -24.49
CA TRP R 40 -12.92 -9.50 -23.20
C TRP R 40 -11.80 -10.16 -22.42
N PHE R 41 -11.02 -9.36 -21.71
CA PHE R 41 -9.94 -9.87 -20.87
C PHE R 41 -9.76 -8.95 -19.67
N ASP R 42 -9.25 -9.51 -18.59
CA ASP R 42 -8.92 -8.72 -17.41
C ASP R 42 -7.59 -9.17 -16.81
N ASN R 43 -7.49 -9.11 -15.49
CA ASN R 43 -6.22 -9.41 -14.84
C ASN R 43 -5.90 -10.89 -14.87
N PHE R 44 -6.91 -11.76 -14.78
CA PHE R 44 -6.68 -13.19 -14.65
C PHE R 44 -7.35 -14.05 -15.71
N CYS R 45 -8.21 -13.49 -16.55
CA CYS R 45 -9.03 -14.29 -17.43
C CYS R 45 -9.02 -13.72 -18.84
N VAL R 46 -9.48 -14.56 -19.77
CA VAL R 46 -9.78 -14.16 -21.13
C VAL R 46 -11.14 -14.76 -21.49
N LEU R 47 -11.92 -14.02 -22.27
CA LEU R 47 -13.23 -14.49 -22.72
C LEU R 47 -13.11 -14.85 -24.19
N LEU R 48 -13.11 -16.14 -24.48
CA LEU R 48 -12.98 -16.65 -25.84
C LEU R 48 -14.38 -16.99 -26.37
N ARG R 49 -14.80 -16.27 -27.40
CA ARG R 49 -16.10 -16.48 -28.02
C ARG R 49 -15.95 -17.28 -29.30
N ARG R 50 -16.69 -18.36 -29.41
CA ARG R 50 -16.65 -19.25 -30.56
C ARG R 50 -18.08 -19.60 -30.92
N ASP R 51 -18.53 -19.12 -32.09
CA ASP R 51 -19.95 -19.11 -32.42
C ASP R 51 -20.74 -18.34 -31.37
N GLY R 52 -21.78 -18.99 -30.85
CA GLY R 52 -22.63 -18.39 -29.82
C GLY R 52 -22.25 -18.87 -28.45
N GLN R 53 -21.07 -19.49 -28.33
CA GLN R 53 -20.57 -20.01 -27.07
C GLN R 53 -19.46 -19.10 -26.55
N SER R 54 -19.55 -18.76 -25.27
CA SER R 54 -18.53 -17.99 -24.57
C SER R 54 -17.85 -18.87 -23.53
N GLN R 55 -16.54 -18.73 -23.40
CA GLN R 55 -15.75 -19.58 -22.52
C GLN R 55 -14.78 -18.73 -21.73
N LEU R 56 -14.86 -18.82 -20.40
CA LEU R 56 -13.92 -18.13 -19.52
C LEU R 56 -12.64 -18.95 -19.43
N VAL R 57 -11.53 -18.35 -19.85
CA VAL R 57 -10.23 -19.02 -19.86
C VAL R 57 -9.32 -18.34 -18.86
N TYR R 58 -8.85 -19.08 -17.88
CA TYR R 58 -7.93 -18.55 -16.89
C TYR R 58 -6.54 -18.42 -17.47
N LYS R 59 -5.90 -17.28 -17.22
CA LYS R 59 -4.60 -17.03 -17.82
C LYS R 59 -3.55 -18.01 -17.31
N HIS R 60 -3.65 -18.42 -16.05
CA HIS R 60 -2.69 -19.35 -15.47
C HIS R 60 -2.68 -20.71 -16.18
N ALA R 61 -3.69 -20.99 -17.00
CA ALA R 61 -3.73 -22.20 -17.79
C ALA R 61 -3.28 -22.00 -19.22
N ILE R 62 -2.95 -20.77 -19.62
CA ILE R 62 -2.60 -20.45 -20.99
C ILE R 62 -1.09 -20.51 -21.17
N SER R 63 -0.65 -21.24 -22.20
CA SER R 63 0.77 -21.28 -22.54
CA SER R 63 0.77 -21.29 -22.55
C SER R 63 1.10 -20.18 -23.54
N THR R 64 0.57 -20.29 -24.76
CA THR R 64 0.78 -19.31 -25.81
C THR R 64 -0.55 -18.92 -26.43
N ILE R 65 -0.54 -17.78 -27.12
CA ILE R 65 -1.68 -17.29 -27.89
C ILE R 65 -1.15 -16.93 -29.27
N MET R 66 -1.52 -17.70 -30.28
CA MET R 66 -1.02 -17.49 -31.63
C MET R 66 -2.16 -17.03 -32.54
N PRO R 67 -2.07 -15.85 -33.14
CA PRO R 67 -3.12 -15.39 -34.05
C PRO R 67 -3.06 -16.11 -35.38
N ALA R 68 -4.24 -16.26 -36.00
CA ALA R 68 -4.32 -16.96 -37.28
C ALA R 68 -3.58 -16.21 -38.38
N GLN R 69 -3.56 -14.88 -38.31
CA GLN R 69 -2.83 -14.05 -39.26
C GLN R 69 -1.99 -13.03 -38.50
N PRO R 70 -0.86 -12.61 -39.08
CA PRO R 70 0.09 -11.78 -38.33
C PRO R 70 -0.54 -10.48 -37.83
N VAL R 71 -0.15 -10.10 -36.62
CA VAL R 71 -0.68 -8.93 -35.93
C VAL R 71 0.27 -7.76 -36.16
N GLN R 72 -0.25 -6.56 -35.94
CA GLN R 72 0.51 -5.32 -36.10
C GLN R 72 0.66 -4.65 -34.73
N LEU R 73 1.87 -4.62 -34.21
CA LEU R 73 2.13 -3.99 -32.92
C LEU R 73 3.05 -2.77 -33.09
N TYR R 74 2.99 -1.89 -32.10
CA TYR R 74 3.86 -0.73 -32.02
C TYR R 74 4.95 -1.04 -31.01
N GLU R 75 6.12 -1.41 -31.52
CA GLU R 75 7.24 -1.81 -30.67
C GLU R 75 7.90 -0.59 -30.05
N PRO R 76 7.93 -0.46 -28.72
CA PRO R 76 8.54 0.69 -28.04
C PRO R 76 10.05 0.78 -28.29
N ASN S 8 11.76 4.95 18.34
CA ASN S 8 10.58 5.82 18.43
C ASN S 8 10.73 6.81 19.58
N LEU S 9 11.12 8.04 19.27
CA LEU S 9 11.32 9.08 20.27
C LEU S 9 10.07 9.28 21.13
N GLN S 10 9.03 9.85 20.54
CA GLN S 10 7.84 10.21 21.30
C GLN S 10 7.26 9.02 22.04
N ASP S 11 7.27 7.84 21.42
CA ASP S 11 6.74 6.66 22.08
C ASP S 11 7.57 6.29 23.30
N THR S 12 8.90 6.32 23.17
CA THR S 12 9.75 6.05 24.33
C THR S 12 9.71 7.19 25.33
N PHE S 13 9.81 8.43 24.84
CA PHE S 13 9.75 9.61 25.70
C PHE S 13 8.51 9.58 26.58
N LEU S 14 7.33 9.44 25.95
CA LEU S 14 6.09 9.50 26.72
C LEU S 14 5.88 8.25 27.56
N ASN S 15 6.37 7.09 27.10
CA ASN S 15 6.32 5.89 27.92
C ASN S 15 7.17 6.04 29.17
N SER S 16 8.38 6.58 29.01
CA SER S 16 9.29 6.73 30.14
C SER S 16 8.74 7.71 31.17
N VAL S 17 8.16 8.82 30.71
CA VAL S 17 7.63 9.81 31.64
C VAL S 17 6.30 9.41 32.26
N ARG S 18 5.68 8.33 31.77
CA ARG S 18 4.49 7.79 32.40
C ARG S 18 4.81 6.65 33.37
N LYS S 19 5.86 5.87 33.08
CA LYS S 19 6.34 4.89 34.05
C LYS S 19 6.96 5.56 35.26
N SER S 20 7.31 6.84 35.14
CA SER S 20 8.11 7.51 36.14
C SER S 20 7.34 8.52 36.97
N LYS S 21 6.06 8.74 36.67
CA LYS S 21 5.25 9.75 37.36
C LYS S 21 5.93 11.12 37.29
N THR S 22 6.47 11.47 36.11
CA THR S 22 7.07 12.78 35.93
C THR S 22 6.07 13.89 36.24
N PRO S 23 6.45 14.90 37.02
CA PRO S 23 5.77 16.21 36.90
C PRO S 23 6.35 16.95 35.70
N LEU S 24 5.51 17.31 34.75
CA LEU S 24 5.96 17.97 33.53
C LEU S 24 5.17 19.25 33.32
N THR S 25 5.59 20.00 32.29
CA THR S 25 4.93 21.24 31.91
C THR S 25 4.60 21.18 30.42
N ILE S 26 3.31 21.27 30.09
CA ILE S 26 2.84 21.21 28.72
C ILE S 26 2.62 22.63 28.23
N PHE S 27 3.39 23.04 27.22
CA PHE S 27 3.18 24.33 26.57
C PHE S 27 2.29 24.11 25.35
N LEU S 28 1.16 24.78 25.32
CA LEU S 28 0.26 24.68 24.18
C LEU S 28 0.56 25.77 23.16
N VAL S 29 0.02 25.58 21.95
CA VAL S 29 0.33 26.49 20.86
C VAL S 29 -0.27 27.87 21.10
N ASN S 30 -1.37 27.95 21.84
CA ASN S 30 -1.99 29.23 22.15
C ASN S 30 -1.33 29.93 23.32
N GLY S 31 -0.21 29.41 23.82
CA GLY S 31 0.56 30.06 24.85
C GLY S 31 0.31 29.54 26.26
N VAL S 32 -0.83 28.91 26.50
CA VAL S 32 -1.16 28.47 27.85
C VAL S 32 -0.22 27.33 28.27
N LYS S 33 -0.03 27.20 29.58
CA LYS S 33 0.86 26.20 30.16
C LYS S 33 0.06 25.25 31.02
N LEU S 34 0.30 23.95 30.85
CA LEU S 34 -0.35 22.91 31.64
C LEU S 34 0.72 22.11 32.38
N GLN S 35 0.40 21.69 33.60
CA GLN S 35 1.26 20.83 34.38
C GLN S 35 0.49 19.62 34.85
N GLY S 36 1.20 18.54 35.11
CA GLY S 36 0.59 17.32 35.57
C GLY S 36 1.46 16.12 35.21
N VAL S 37 0.84 14.95 35.28
CA VAL S 37 1.50 13.68 35.03
C VAL S 37 0.78 12.98 33.89
N VAL S 38 1.55 12.52 32.90
CA VAL S 38 0.97 11.75 31.80
C VAL S 38 0.66 10.35 32.34
N SER S 39 -0.63 10.03 32.47
CA SER S 39 -1.04 8.73 32.97
C SER S 39 -1.33 7.74 31.85
N TRP S 40 -1.52 8.22 30.62
CA TRP S 40 -1.91 7.38 29.50
C TRP S 40 -1.94 8.23 28.23
N PHE S 41 -1.61 7.63 27.09
CA PHE S 41 -1.54 8.39 25.84
C PHE S 41 -1.78 7.45 24.66
N ASP S 42 -2.20 8.03 23.54
CA ASP S 42 -2.35 7.28 22.30
C ASP S 42 -1.75 8.04 21.13
N ASN S 43 -2.27 7.81 19.93
CA ASN S 43 -1.69 8.42 18.73
C ASN S 43 -1.94 9.92 18.68
N PHE S 44 -3.07 10.38 19.20
CA PHE S 44 -3.47 11.78 19.05
C PHE S 44 -3.58 12.55 20.36
N CYS S 45 -3.70 11.87 21.51
CA CYS S 45 -3.94 12.56 22.77
C CYS S 45 -3.05 11.98 23.86
N VAL S 46 -2.93 12.77 24.94
CA VAL S 46 -2.31 12.31 26.19
C VAL S 46 -3.25 12.70 27.32
N LEU S 47 -3.26 11.88 28.37
CA LEU S 47 -4.10 12.12 29.55
C LEU S 47 -3.23 12.72 30.64
N LEU S 48 -3.50 13.98 30.98
CA LEU S 48 -2.70 14.73 31.95
C LEU S 48 -3.42 14.75 33.28
N ARG S 49 -2.94 13.94 34.23
CA ARG S 49 -3.53 13.84 35.56
C ARG S 49 -2.78 14.76 36.51
N ARG S 50 -3.48 15.73 37.08
CA ARG S 50 -2.90 16.67 38.03
C ARG S 50 -3.88 16.85 39.19
N ASP S 51 -3.44 16.46 40.39
CA ASP S 51 -4.23 16.56 41.62
C ASP S 51 -5.54 15.78 41.50
N GLY S 52 -5.43 14.53 41.06
CA GLY S 52 -6.59 13.66 40.95
C GLY S 52 -7.58 14.05 39.87
N GLN S 53 -7.32 15.09 39.09
CA GLN S 53 -8.18 15.50 38.00
C GLN S 53 -7.48 15.22 36.67
N SER S 54 -8.15 14.51 35.78
CA SER S 54 -7.61 14.14 34.49
C SER S 54 -8.11 15.09 33.41
N GLN S 55 -7.25 15.36 32.43
CA GLN S 55 -7.53 16.32 31.38
C GLN S 55 -7.03 15.79 30.05
N LEU S 56 -7.93 15.66 29.08
CA LEU S 56 -7.56 15.19 27.75
C LEU S 56 -6.91 16.32 26.97
N VAL S 57 -5.65 16.14 26.59
CA VAL S 57 -4.89 17.12 25.83
C VAL S 57 -4.59 16.54 24.46
N TYR S 58 -4.93 17.28 23.40
CA TYR S 58 -4.68 16.86 22.04
C TYR S 58 -3.26 17.23 21.62
N LYS S 59 -2.58 16.29 20.97
CA LYS S 59 -1.18 16.50 20.62
C LYS S 59 -1.01 17.62 19.61
N HIS S 60 -1.98 17.82 18.71
CA HIS S 60 -1.86 18.89 17.73
C HIS S 60 -1.89 20.27 18.37
N ALA S 61 -2.42 20.38 19.58
CA ALA S 61 -2.41 21.63 20.32
C ALA S 61 -1.17 21.80 21.18
N ILE S 62 -0.38 20.75 21.36
CA ILE S 62 0.83 20.81 22.18
C ILE S 62 1.96 21.40 21.35
N SER S 63 2.65 22.38 21.93
CA SER S 63 3.89 22.88 21.35
C SER S 63 5.09 22.10 21.87
N THR S 64 5.25 22.05 23.19
CA THR S 64 6.43 21.45 23.81
C THR S 64 6.05 20.74 25.09
N ILE S 65 6.87 19.77 25.46
CA ILE S 65 6.72 19.01 26.70
C ILE S 65 8.07 19.06 27.42
N MET S 66 8.13 19.78 28.53
CA MET S 66 9.35 19.88 29.31
C MET S 66 9.17 19.19 30.66
N PRO S 67 9.93 18.16 30.96
CA PRO S 67 9.77 17.45 32.23
C PRO S 67 10.56 18.14 33.34
N ALA S 68 10.38 17.62 34.55
CA ALA S 68 11.20 18.06 35.66
C ALA S 68 12.61 17.49 35.54
N GLN S 69 12.74 16.27 35.07
CA GLN S 69 14.04 15.63 34.92
C GLN S 69 14.55 15.76 33.49
N LYS T 6 19.61 9.21 -1.43
CA LYS T 6 19.81 9.12 0.01
C LYS T 6 18.66 9.78 0.76
N GLN T 7 19.00 10.57 1.78
CA GLN T 7 17.99 11.25 2.58
C GLN T 7 17.43 12.46 1.84
N ASN T 8 16.26 12.90 2.29
CA ASN T 8 15.61 14.09 1.73
C ASN T 8 16.04 15.32 2.55
N LEU T 9 15.34 16.44 2.33
CA LEU T 9 15.78 17.70 2.93
C LEU T 9 15.68 17.68 4.45
N GLN T 10 14.50 17.35 4.98
CA GLN T 10 14.31 17.40 6.43
C GLN T 10 15.21 16.40 7.14
N ASP T 11 15.36 15.20 6.57
CA ASP T 11 16.23 14.20 7.19
C ASP T 11 17.67 14.69 7.26
N THR T 12 18.20 15.17 6.15
CA THR T 12 19.58 15.64 6.11
C THR T 12 19.79 16.80 7.09
N PHE T 13 18.97 17.84 6.97
CA PHE T 13 19.08 19.00 7.86
C PHE T 13 19.16 18.56 9.31
N LEU T 14 18.18 17.78 9.74
CA LEU T 14 18.11 17.44 11.15
C LEU T 14 19.18 16.42 11.55
N ASN T 15 19.53 15.51 10.66
CA ASN T 15 20.63 14.59 10.95
C ASN T 15 21.96 15.34 11.04
N SER T 16 22.18 16.29 10.13
CA SER T 16 23.41 17.07 10.13
C SER T 16 23.56 17.85 11.43
N VAL T 17 22.53 18.62 11.79
CA VAL T 17 22.61 19.48 12.97
C VAL T 17 22.78 18.66 14.25
N ARG T 18 22.24 17.45 14.29
CA ARG T 18 22.37 16.61 15.47
C ARG T 18 23.68 15.82 15.43
N LYS T 21 26.10 18.85 16.30
CA LYS T 21 25.78 19.62 17.50
C LYS T 21 25.74 21.11 17.20
N THR T 22 25.08 21.47 16.11
CA THR T 22 24.99 22.88 15.72
C THR T 22 24.02 23.62 16.63
N PRO T 23 24.41 24.76 17.20
CA PRO T 23 23.45 25.54 17.98
C PRO T 23 22.35 26.10 17.10
N LEU T 24 21.13 26.10 17.62
CA LEU T 24 19.95 26.45 16.84
C LEU T 24 19.13 27.52 17.54
N THR T 25 18.21 28.11 16.77
CA THR T 25 17.13 28.94 17.28
C THR T 25 15.87 28.46 16.58
N ILE T 26 15.08 27.62 17.25
CA ILE T 26 13.86 27.08 16.67
C ILE T 26 12.74 28.10 16.86
N PHE T 27 12.18 28.59 15.76
CA PHE T 27 11.08 29.54 15.80
C PHE T 27 9.76 28.78 15.76
N LEU T 28 8.92 29.00 16.76
CA LEU T 28 7.61 28.37 16.80
C LEU T 28 6.59 29.22 16.04
N VAL T 29 5.46 28.59 15.71
CA VAL T 29 4.42 29.28 14.95
C VAL T 29 3.78 30.38 15.81
N ASN T 30 3.69 30.17 17.12
CA ASN T 30 3.10 31.19 17.99
C ASN T 30 4.02 32.38 18.21
N GLY T 31 5.29 32.29 17.80
CA GLY T 31 6.24 33.37 17.92
C GLY T 31 7.39 33.11 18.87
N VAL T 32 7.26 32.13 19.75
CA VAL T 32 8.31 31.85 20.73
C VAL T 32 9.53 31.27 20.03
N LYS T 33 10.71 31.76 20.42
CA LYS T 33 11.98 31.25 19.91
C LYS T 33 12.62 30.35 20.97
N LEU T 34 13.17 29.23 20.51
CA LEU T 34 13.86 28.28 21.39
C LEU T 34 15.29 28.09 20.89
N GLN T 35 16.24 28.13 21.82
CA GLN T 35 17.65 27.93 21.50
C GLN T 35 18.09 26.56 22.01
N GLY T 36 19.05 25.97 21.32
CA GLY T 36 19.62 24.71 21.74
C GLY T 36 20.10 23.91 20.55
N VAL T 37 20.37 22.64 20.81
CA VAL T 37 20.84 21.71 19.79
C VAL T 37 19.94 20.48 19.81
N VAL T 38 19.72 19.89 18.65
CA VAL T 38 18.85 18.71 18.57
C VAL T 38 19.64 17.49 19.02
N SER T 39 19.10 16.76 19.98
CA SER T 39 19.68 15.49 20.40
C SER T 39 19.09 14.30 19.65
N TRP T 40 17.79 14.33 19.36
CA TRP T 40 17.12 13.23 18.69
C TRP T 40 15.86 13.76 18.02
N PHE T 41 15.38 13.03 17.00
CA PHE T 41 14.19 13.43 16.27
C PHE T 41 13.52 12.19 15.70
N ASP T 42 12.23 12.32 15.39
CA ASP T 42 11.53 11.28 14.66
C ASP T 42 10.51 11.91 13.71
N ASN T 43 9.40 11.20 13.48
CA ASN T 43 8.47 11.61 12.42
C ASN T 43 7.84 12.95 12.71
N PHE T 44 7.43 13.19 13.96
CA PHE T 44 6.66 14.37 14.32
C PHE T 44 7.30 15.22 15.40
N CYS T 45 8.50 14.87 15.87
CA CYS T 45 9.04 15.47 17.07
C CYS T 45 10.54 15.67 16.95
N VAL T 46 11.04 16.66 17.70
CA VAL T 46 12.46 16.91 17.84
C VAL T 46 12.75 17.15 19.31
N LEU T 47 13.85 16.57 19.80
CA LEU T 47 14.26 16.72 21.19
C LEU T 47 15.37 17.76 21.25
N LEU T 48 15.07 18.89 21.86
CA LEU T 48 16.00 20.01 21.98
C LEU T 48 16.56 20.07 23.39
N ARG T 49 17.87 20.30 23.49
CA ARG T 49 18.53 20.40 24.79
C ARG T 49 19.15 21.79 24.98
N GLN T 55 13.75 18.83 26.16
CA GLN T 55 12.37 19.25 26.00
C GLN T 55 11.84 18.87 24.62
N LEU T 56 10.73 18.14 24.60
CA LEU T 56 10.18 17.62 23.37
C LEU T 56 9.45 18.71 22.60
N VAL T 57 9.86 18.95 21.36
CA VAL T 57 9.24 19.96 20.50
C VAL T 57 8.53 19.24 19.37
N TYR T 58 7.26 19.58 19.16
CA TYR T 58 6.45 18.99 18.11
C TYR T 58 6.66 19.74 16.80
N LYS T 59 6.85 18.98 15.71
CA LYS T 59 7.16 19.60 14.42
C LYS T 59 6.02 20.46 13.91
N HIS T 60 4.78 20.12 14.26
CA HIS T 60 3.64 20.91 13.78
C HIS T 60 3.60 22.30 14.41
N ALA T 61 4.33 22.51 15.50
CA ALA T 61 4.43 23.83 16.12
C ALA T 61 5.65 24.61 15.66
N ILE T 62 6.51 24.01 14.84
CA ILE T 62 7.74 24.65 14.38
C ILE T 62 7.45 25.42 13.11
N SER T 63 7.85 26.69 13.08
CA SER T 63 7.80 27.47 11.85
C SER T 63 9.11 27.37 11.08
N THR T 64 10.24 27.57 11.75
CA THR T 64 11.53 27.54 11.08
C THR T 64 12.63 27.16 12.07
N ILE T 65 13.71 26.60 11.54
CA ILE T 65 14.89 26.22 12.32
C ILE T 65 16.11 26.84 11.65
N MET T 66 16.79 27.75 12.35
CA MET T 66 17.97 28.40 11.82
C MET T 66 19.19 28.04 12.65
N PRO T 67 20.25 27.53 12.04
CA PRO T 67 21.51 27.33 12.76
C PRO T 67 22.32 28.61 12.80
N ALA T 68 23.05 28.78 13.91
CA ALA T 68 23.79 30.02 14.13
C ALA T 68 24.81 30.27 13.02
N GLN T 69 25.47 29.21 12.55
CA GLN T 69 26.41 29.29 11.45
C GLN T 69 26.04 28.27 10.39
N PRO T 70 26.27 28.58 9.11
CA PRO T 70 25.88 27.67 8.04
C PRO T 70 26.41 26.26 8.26
N VAL T 71 25.58 25.28 7.91
CA VAL T 71 25.85 23.87 8.15
C VAL T 71 25.93 23.15 6.81
N GLN T 72 26.75 22.10 6.76
CA GLN T 72 26.96 21.35 5.52
C GLN T 72 25.78 20.41 5.28
N LEU T 73 25.05 20.64 4.18
CA LEU T 73 23.87 19.85 3.86
C LEU T 73 23.97 19.08 2.54
N TYR T 74 24.93 19.41 1.68
CA TYR T 74 25.04 18.80 0.35
C TYR T 74 23.74 18.99 -0.43
N GLU T 75 23.35 20.25 -0.57
CA GLU T 75 22.13 20.59 -1.29
C GLU T 75 22.23 20.12 -2.75
N PRO T 76 21.09 19.88 -3.39
CA PRO T 76 21.11 19.56 -4.82
C PRO T 76 21.51 20.78 -5.63
N SER T 77 22.39 20.55 -6.59
CA SER T 77 22.81 21.60 -7.51
C SER T 77 21.64 22.07 -8.37
N ALA T 78 21.56 23.38 -8.60
CA ALA T 78 20.42 24.00 -9.28
C ALA T 78 20.39 23.77 -10.79
N ASP T 79 21.29 22.95 -11.33
CA ASP T 79 21.33 22.70 -12.76
C ASP T 79 20.49 21.49 -13.18
N ALA T 80 20.42 20.47 -12.34
CA ALA T 80 19.69 19.25 -12.66
C ALA T 80 18.40 19.18 -11.83
N ASP T 81 17.82 17.99 -11.76
CA ASP T 81 16.56 17.78 -11.04
C ASP T 81 16.74 16.64 -10.06
N ASP T 82 15.78 16.54 -9.13
CA ASP T 82 15.79 15.48 -8.12
C ASP T 82 14.40 15.25 -7.55
N ASN U 8 -8.89 2.74 22.17
CA ASN U 8 -7.73 3.50 22.60
C ASN U 8 -8.04 4.36 23.81
N LEU U 9 -7.17 5.32 24.10
CA LEU U 9 -7.44 6.27 25.18
C LEU U 9 -8.53 7.26 24.78
N GLN U 10 -8.40 7.85 23.58
CA GLN U 10 -9.37 8.85 23.14
C GLN U 10 -10.78 8.27 23.04
N ASP U 11 -10.90 7.06 22.50
CA ASP U 11 -12.21 6.41 22.42
C ASP U 11 -12.75 6.09 23.80
N THR U 12 -11.89 5.60 24.70
CA THR U 12 -12.32 5.29 26.06
C THR U 12 -12.75 6.55 26.80
N PHE U 13 -11.98 7.63 26.67
CA PHE U 13 -12.32 8.89 27.32
C PHE U 13 -13.63 9.45 26.78
N LEU U 14 -13.78 9.49 25.46
CA LEU U 14 -14.95 10.11 24.86
C LEU U 14 -16.21 9.29 25.09
N ASN U 15 -16.10 7.96 24.98
CA ASN U 15 -17.26 7.11 25.27
C ASN U 15 -17.66 7.19 26.73
N SER U 16 -16.69 7.39 27.63
CA SER U 16 -16.99 7.45 29.06
C SER U 16 -17.78 8.70 29.40
N VAL U 17 -17.31 9.86 28.94
CA VAL U 17 -18.02 11.11 29.22
C VAL U 17 -19.33 11.19 28.45
N ARG U 18 -19.50 10.40 27.40
CA ARG U 18 -20.75 10.38 26.66
C ARG U 18 -21.79 9.49 27.34
N LYS U 19 -21.41 8.25 27.66
CA LYS U 19 -22.34 7.32 28.27
C LYS U 19 -22.84 7.82 29.61
N SER U 20 -21.96 8.48 30.37
CA SER U 20 -22.32 9.04 31.66
C SER U 20 -22.85 10.46 31.57
N LYS U 21 -22.84 11.06 30.38
CA LYS U 21 -23.33 12.43 30.16
C LYS U 21 -22.65 13.42 31.10
N THR U 22 -21.32 13.29 31.20
CA THR U 22 -20.56 14.13 32.11
C THR U 22 -20.47 15.56 31.57
N PRO U 23 -20.76 16.57 32.38
CA PRO U 23 -20.61 17.96 31.92
C PRO U 23 -19.13 18.28 31.67
N LEU U 24 -18.83 18.75 30.47
CA LEU U 24 -17.46 18.98 30.05
C LEU U 24 -17.23 20.46 29.76
N THR U 25 -15.95 20.83 29.74
CA THR U 25 -15.52 22.15 29.30
C THR U 25 -14.43 21.94 28.25
N ILE U 26 -14.69 22.38 27.02
CA ILE U 26 -13.79 22.16 25.91
C ILE U 26 -13.06 23.47 25.64
N PHE U 27 -11.75 23.48 25.88
CA PHE U 27 -10.92 24.61 25.51
C PHE U 27 -10.51 24.47 24.05
N LEU U 28 -10.76 25.49 23.26
CA LEU U 28 -10.39 25.49 21.85
C LEU U 28 -9.02 26.12 21.67
N VAL U 29 -8.43 25.87 20.49
CA VAL U 29 -7.08 26.35 20.24
C VAL U 29 -7.02 27.88 20.13
N ASN U 30 -8.14 28.52 19.82
CA ASN U 30 -8.19 29.98 19.76
C ASN U 30 -8.54 30.61 21.09
N GLY U 31 -8.62 29.82 22.17
CA GLY U 31 -8.77 30.33 23.51
C GLY U 31 -10.18 30.32 24.04
N VAL U 32 -11.19 30.23 23.17
CA VAL U 32 -12.57 30.28 23.63
C VAL U 32 -12.94 28.94 24.26
N LYS U 33 -13.77 29.00 25.30
CA LYS U 33 -14.18 27.83 26.05
C LYS U 33 -15.63 27.49 25.71
N LEU U 34 -15.90 26.19 25.56
CA LEU U 34 -17.24 25.70 25.26
C LEU U 34 -17.74 24.84 26.41
N GLN U 35 -19.03 24.89 26.65
CA GLN U 35 -19.67 24.13 27.72
C GLN U 35 -20.76 23.24 27.14
N GLY U 36 -20.87 22.03 27.67
CA GLY U 36 -21.90 21.12 27.23
C GLY U 36 -21.51 19.67 27.53
N VAL U 37 -22.26 18.76 26.93
CA VAL U 37 -22.08 17.33 27.09
C VAL U 37 -21.90 16.71 25.71
N VAL U 38 -20.97 15.77 25.61
CA VAL U 38 -20.72 15.07 24.35
C VAL U 38 -21.76 13.97 24.19
N SER U 39 -22.54 14.04 23.10
CA SER U 39 -23.54 13.04 22.80
C SER U 39 -23.18 12.18 21.60
N TRP U 40 -22.12 12.51 20.87
CA TRP U 40 -21.70 11.79 19.68
C TRP U 40 -20.32 12.28 19.28
N PHE U 41 -19.53 11.38 18.71
CA PHE U 41 -18.20 11.73 18.23
C PHE U 41 -17.78 10.72 17.17
N ASP U 42 -16.89 11.16 16.29
CA ASP U 42 -16.30 10.28 15.28
C ASP U 42 -14.80 10.52 15.18
N ASN U 43 -14.22 10.25 14.01
CA ASN U 43 -12.77 10.40 13.85
C ASN U 43 -12.35 11.86 13.83
N PHE U 44 -13.20 12.75 13.30
CA PHE U 44 -12.80 14.12 13.06
C PHE U 44 -13.54 15.15 13.92
N CYS U 45 -14.72 14.82 14.43
CA CYS U 45 -15.57 15.80 15.09
C CYS U 45 -16.09 15.25 16.41
N VAL U 46 -16.77 16.12 17.15
CA VAL U 46 -17.46 15.75 18.38
C VAL U 46 -18.71 16.61 18.49
N LEU U 47 -19.79 16.02 18.98
CA LEU U 47 -21.08 16.71 19.09
C LEU U 47 -21.30 17.13 20.53
N LEU U 48 -21.22 18.43 20.78
CA LEU U 48 -21.39 19.00 22.11
C LEU U 48 -22.79 19.60 22.21
N ARG U 49 -23.55 19.14 23.21
CA ARG U 49 -24.94 19.55 23.38
C ARG U 49 -25.08 20.32 24.69
N ARG U 50 -25.38 21.61 24.56
CA ARG U 50 -25.74 22.46 25.70
C ARG U 50 -27.19 22.89 25.49
N ASP U 51 -28.06 22.54 26.43
CA ASP U 51 -29.49 22.83 26.33
C ASP U 51 -30.12 22.21 25.10
N GLY U 52 -30.87 23.03 24.36
CA GLY U 52 -31.39 22.67 23.06
C GLY U 52 -30.42 22.83 21.92
N GLN U 53 -29.33 23.55 22.15
CA GLN U 53 -28.35 23.79 21.10
C GLN U 53 -27.48 22.55 20.88
N SER U 54 -27.10 22.34 19.62
CA SER U 54 -26.14 21.31 19.24
C SER U 54 -25.05 21.98 18.42
N GLN U 55 -23.79 21.65 18.72
CA GLN U 55 -22.66 22.24 18.03
C GLN U 55 -21.72 21.15 17.58
N LEU U 56 -21.41 21.12 16.29
CA LEU U 56 -20.41 20.20 15.74
C LEU U 56 -19.03 20.82 15.92
N VAL U 57 -18.21 20.21 16.77
CA VAL U 57 -16.89 20.74 17.10
C VAL U 57 -15.85 19.87 16.42
N TYR U 58 -14.99 20.50 15.61
CA TYR U 58 -13.92 19.79 14.93
C TYR U 58 -12.77 19.55 15.90
N LYS U 59 -12.24 18.32 15.88
CA LYS U 59 -11.23 17.94 16.86
C LYS U 59 -9.95 18.75 16.68
N HIS U 60 -9.60 19.08 15.43
CA HIS U 60 -8.40 19.85 15.18
C HIS U 60 -8.45 21.25 15.79
N ALA U 61 -9.64 21.71 16.20
CA ALA U 61 -9.78 22.98 16.88
C ALA U 61 -9.80 22.84 18.40
N ILE U 62 -9.81 21.62 18.91
CA ILE U 62 -9.87 21.39 20.35
C ILE U 62 -8.46 21.31 20.91
N SER U 63 -8.23 21.98 22.04
CA SER U 63 -6.97 21.89 22.76
C SER U 63 -7.05 20.90 23.91
N THR U 64 -7.93 21.16 24.88
CA THR U 64 -8.15 20.26 26.00
C THR U 64 -9.65 20.05 26.21
N ILE U 65 -9.97 18.93 26.84
CA ILE U 65 -11.33 18.60 27.24
C ILE U 65 -11.28 18.24 28.72
N MET U 66 -11.89 19.07 29.56
CA MET U 66 -11.80 18.91 31.01
C MET U 66 -13.18 18.59 31.58
N PRO U 67 -13.39 17.41 32.17
CA PRO U 67 -14.68 17.12 32.79
C PRO U 67 -14.87 17.93 34.05
N ALA U 68 -16.14 18.20 34.36
CA ALA U 68 -16.46 18.95 35.58
C ALA U 68 -16.17 18.14 36.83
N GLN U 69 -16.46 16.84 36.80
CA GLN U 69 -16.21 15.98 37.95
C GLN U 69 -15.37 14.77 37.55
N LYS V 6 -25.09 3.60 9.57
CA LYS V 6 -24.63 3.98 8.24
C LYS V 6 -23.60 5.10 8.29
N GLN V 7 -24.07 6.34 8.36
CA GLN V 7 -23.18 7.49 8.36
C GLN V 7 -22.66 7.79 9.77
N ASN V 8 -21.48 8.40 9.82
CA ASN V 8 -20.87 8.79 11.09
C ASN V 8 -21.49 10.10 11.57
N LEU V 9 -20.86 10.74 12.57
CA LEU V 9 -21.41 11.97 13.12
C LEU V 9 -21.33 13.11 12.12
N GLN V 10 -20.14 13.35 11.55
CA GLN V 10 -19.97 14.50 10.68
C GLN V 10 -20.83 14.38 9.42
N ASP V 11 -20.89 13.20 8.82
CA ASP V 11 -21.71 13.01 7.63
C ASP V 11 -23.19 13.15 7.96
N THR V 12 -23.62 12.61 9.10
CA THR V 12 -25.01 12.77 9.52
C THR V 12 -25.34 14.23 9.76
N PHE V 13 -24.45 14.95 10.47
CA PHE V 13 -24.69 16.35 10.78
C PHE V 13 -24.74 17.20 9.52
N LEU V 14 -23.78 16.99 8.61
CA LEU V 14 -23.71 17.84 7.42
C LEU V 14 -24.81 17.51 6.43
N ASN V 15 -25.14 16.23 6.27
CA ASN V 15 -26.24 15.87 5.38
C ASN V 15 -27.58 16.31 5.94
N SER V 16 -27.74 16.29 7.26
CA SER V 16 -29.00 16.72 7.86
C SER V 16 -29.23 18.22 7.66
N VAL V 17 -28.21 19.03 7.97
CA VAL V 17 -28.36 20.48 7.79
C VAL V 17 -28.41 20.86 6.32
N ARG V 18 -27.93 19.99 5.43
CA ARG V 18 -28.04 20.24 4.00
C ARG V 18 -29.43 19.87 3.48
N LYS V 19 -29.94 18.70 3.90
CA LYS V 19 -31.26 18.26 3.43
C LYS V 19 -32.37 19.16 3.96
N SER V 20 -32.23 19.64 5.19
CA SER V 20 -33.23 20.51 5.79
C SER V 20 -32.98 21.99 5.52
N LYS V 21 -31.87 22.34 4.87
CA LYS V 21 -31.52 23.73 4.58
C LYS V 21 -31.53 24.59 5.83
N THR V 22 -30.99 24.03 6.91
CA THR V 22 -31.01 24.74 8.19
C THR V 22 -30.03 25.90 8.17
N PRO V 23 -30.46 27.11 8.52
CA PRO V 23 -29.51 28.22 8.66
C PRO V 23 -28.49 27.91 9.74
N LEU V 24 -27.22 28.19 9.44
CA LEU V 24 -26.11 27.84 10.32
CA LEU V 24 -26.13 27.84 10.34
C LEU V 24 -25.29 29.07 10.64
N THR V 25 -24.35 28.88 11.56
CA THR V 25 -23.29 29.85 11.87
C THR V 25 -22.00 29.06 11.98
N ILE V 26 -21.08 29.28 11.05
CA ILE V 26 -19.80 28.59 11.04
C ILE V 26 -18.79 29.47 11.76
N PHE V 27 -18.30 28.99 12.90
CA PHE V 27 -17.26 29.68 13.65
C PHE V 27 -15.91 29.21 13.13
N LEU V 28 -15.13 30.14 12.60
CA LEU V 28 -13.79 29.80 12.15
C LEU V 28 -12.80 29.92 13.31
N VAL V 29 -11.68 29.22 13.18
CA VAL V 29 -10.70 29.19 14.26
C VAL V 29 -10.07 30.55 14.47
N ASN V 30 -10.04 31.39 13.44
CA ASN V 30 -9.51 32.75 13.58
C ASN V 30 -10.54 33.73 14.14
N GLY V 31 -11.67 33.23 14.64
CA GLY V 31 -12.70 34.08 15.21
C GLY V 31 -13.74 34.55 14.23
N VAL V 32 -13.51 34.40 12.93
CA VAL V 32 -14.48 34.86 11.94
C VAL V 32 -15.72 33.97 11.98
N LYS V 33 -16.89 34.60 11.93
CA LYS V 33 -18.16 33.90 11.94
C LYS V 33 -18.79 33.99 10.56
N LEU V 34 -19.18 32.85 10.01
CA LEU V 34 -19.85 32.78 8.72
C LEU V 34 -21.26 32.24 8.91
N GLN V 35 -22.19 32.73 8.12
CA GLN V 35 -23.58 32.32 8.19
C GLN V 35 -24.08 31.94 6.81
N GLY V 36 -25.02 31.01 6.77
CA GLY V 36 -25.58 30.56 5.50
C GLY V 36 -26.20 29.18 5.65
N VAL V 37 -26.17 28.45 4.55
CA VAL V 37 -26.73 27.10 4.47
C VAL V 37 -25.75 26.22 3.73
N VAL V 38 -25.55 24.99 4.23
CA VAL V 38 -24.70 24.04 3.53
C VAL V 38 -25.42 23.53 2.29
N SER V 39 -24.84 23.76 1.12
CA SER V 39 -25.37 23.23 -0.12
C SER V 39 -24.69 21.95 -0.56
N TRP V 40 -23.46 21.72 -0.14
CA TRP V 40 -22.63 20.63 -0.64
C TRP V 40 -21.40 20.52 0.25
N PHE V 41 -20.90 19.30 0.40
CA PHE V 41 -19.72 19.08 1.23
C PHE V 41 -19.03 17.79 0.79
N ASP V 42 -17.72 17.74 1.01
CA ASP V 42 -16.95 16.53 0.82
C ASP V 42 -16.07 16.26 2.03
N ASN V 43 -14.88 15.72 1.83
CA ASN V 43 -14.03 15.33 2.95
C ASN V 43 -13.25 16.51 3.54
N PHE V 44 -12.98 17.54 2.74
CA PHE V 44 -12.10 18.61 3.17
C PHE V 44 -12.76 19.99 3.21
N CYS V 45 -13.97 20.15 2.67
CA CYS V 45 -14.51 21.48 2.55
C CYS V 45 -16.03 21.42 2.48
N VAL V 46 -16.64 22.59 2.68
CA VAL V 46 -18.09 22.73 2.75
C VAL V 46 -18.50 23.94 1.93
N LEU V 47 -19.53 23.78 1.11
CA LEU V 47 -20.05 24.87 0.27
C LEU V 47 -21.17 25.57 1.02
N LEU V 48 -20.95 26.83 1.37
CA LEU V 48 -21.91 27.64 2.12
C LEU V 48 -22.70 28.52 1.16
N ARG V 49 -24.00 28.31 1.08
CA ARG V 49 -24.88 29.11 0.24
C ARG V 49 -25.46 30.26 1.04
N ARG V 50 -25.45 31.45 0.47
CA ARG V 50 -25.97 32.61 1.19
C ARG V 50 -26.27 33.70 0.16
N ASP V 51 -27.53 34.09 0.07
CA ASP V 51 -28.08 34.89 -1.05
C ASP V 51 -27.78 34.10 -2.33
N GLY V 52 -27.33 34.75 -3.40
CA GLY V 52 -26.90 33.99 -4.57
C GLY V 52 -25.51 33.41 -4.40
N GLN V 53 -24.65 34.08 -3.65
CA GLN V 53 -23.25 33.67 -3.56
C GLN V 53 -23.10 32.36 -2.79
N SER V 54 -22.05 31.63 -3.13
CA SER V 54 -21.69 30.40 -2.43
C SER V 54 -20.16 30.34 -2.34
N GLN V 55 -19.65 30.24 -1.12
CA GLN V 55 -18.22 30.22 -0.88
C GLN V 55 -17.83 28.86 -0.33
N LEU V 56 -16.86 28.25 -0.99
CA LEU V 56 -16.22 27.05 -0.51
C LEU V 56 -15.47 27.33 0.79
N VAL V 57 -15.70 26.52 1.81
CA VAL V 57 -15.12 26.71 3.12
C VAL V 57 -14.35 25.46 3.50
N TYR V 58 -13.07 25.63 3.84
CA TYR V 58 -12.22 24.51 4.21
C TYR V 58 -12.48 24.08 5.65
N LYS V 59 -12.61 22.77 5.85
CA LYS V 59 -12.91 22.23 7.18
C LYS V 59 -11.84 22.59 8.19
N HIS V 60 -10.57 22.60 7.76
CA HIS V 60 -9.47 22.81 8.69
C HIS V 60 -9.52 24.19 9.33
N ALA V 61 -10.21 25.14 8.71
CA ALA V 61 -10.41 26.47 9.29
C ALA V 61 -11.68 26.58 10.12
N ILE V 62 -12.50 25.54 10.14
CA ILE V 62 -13.75 25.55 10.88
C ILE V 62 -13.49 25.09 12.30
N SER V 63 -13.99 25.86 13.27
CA SER V 63 -13.93 25.46 14.67
C SER V 63 -15.21 24.72 15.07
N THR V 64 -16.36 25.40 14.99
CA THR V 64 -17.64 24.80 15.34
C THR V 64 -18.69 25.17 14.29
N ILE V 65 -19.66 24.29 14.14
CA ILE V 65 -20.83 24.53 13.28
C ILE V 65 -22.05 24.51 14.17
N MET V 66 -22.74 25.64 14.26
CA MET V 66 -23.93 25.75 15.12
C MET V 66 -25.16 26.05 14.28
N PRO V 67 -26.14 25.14 14.22
CA PRO V 67 -27.39 25.45 13.53
C PRO V 67 -28.23 26.44 14.32
N ALA V 68 -28.97 27.27 13.57
CA ALA V 68 -29.79 28.29 14.20
C ALA V 68 -30.98 27.68 14.95
N GLN V 69 -31.45 26.52 14.52
CA GLN V 69 -32.51 25.79 15.18
C GLN V 69 -32.10 24.35 15.39
N PRO V 70 -32.65 23.67 16.40
CA PRO V 70 -32.32 22.26 16.60
C PRO V 70 -32.64 21.44 15.36
N VAL V 71 -31.72 20.55 15.02
CA VAL V 71 -31.86 19.68 13.86
C VAL V 71 -31.75 18.24 14.32
N GLN V 72 -32.37 17.33 13.56
CA GLN V 72 -32.50 15.94 13.95
C GLN V 72 -31.32 15.13 13.41
N LEU V 73 -30.57 14.50 14.32
CA LEU V 73 -29.36 13.77 13.94
C LEU V 73 -29.42 12.28 14.27
N TYR V 74 -30.42 11.84 15.04
CA TYR V 74 -30.51 10.45 15.48
C TYR V 74 -29.23 10.03 16.20
N GLU V 75 -28.82 10.86 17.16
CA GLU V 75 -27.60 10.61 17.91
C GLU V 75 -27.71 9.31 18.68
N PRO V 76 -26.59 8.64 18.95
CA PRO V 76 -26.65 7.37 19.67
C PRO V 76 -27.18 7.56 21.08
N SER V 77 -27.91 6.54 21.55
CA SER V 77 -28.42 6.56 22.92
C SER V 77 -27.28 6.40 23.91
N ALA V 78 -27.39 7.10 25.05
CA ALA V 78 -26.43 6.98 26.14
C ALA V 78 -26.65 5.72 26.99
N ASP V 79 -27.28 4.69 26.42
CA ASP V 79 -27.55 3.45 27.14
C ASP V 79 -26.69 2.28 26.68
N ALA V 80 -26.20 2.30 25.45
CA ALA V 80 -25.38 1.21 24.92
C ALA V 80 -24.31 1.79 24.01
N ASP V 81 -23.55 0.89 23.38
CA ASP V 81 -22.41 1.28 22.57
C ASP V 81 -22.86 1.80 21.21
N ASP V 82 -21.89 2.27 20.43
CA ASP V 82 -22.13 2.68 19.05
C ASP V 82 -22.13 1.47 18.12
N GLN W 7 -16.08 13.51 -9.88
CA GLN W 7 -15.49 14.69 -9.24
C GLN W 7 -16.15 14.96 -7.89
N ASN W 8 -15.38 15.55 -6.98
CA ASN W 8 -15.90 15.94 -5.69
C ASN W 8 -16.24 17.42 -5.68
N LEU W 9 -16.44 17.97 -4.49
CA LEU W 9 -16.86 19.36 -4.39
C LEU W 9 -15.70 20.31 -4.63
N GLN W 10 -14.56 20.06 -3.99
CA GLN W 10 -13.41 20.97 -4.12
C GLN W 10 -12.91 21.04 -5.55
N ASP W 11 -12.78 19.88 -6.21
CA ASP W 11 -12.31 19.87 -7.60
C ASP W 11 -13.30 20.54 -8.52
N THR W 12 -14.60 20.27 -8.33
CA THR W 12 -15.61 20.93 -9.16
C THR W 12 -15.62 22.43 -8.93
N PHE W 13 -15.52 22.86 -7.68
CA PHE W 13 -15.50 24.28 -7.37
C PHE W 13 -14.28 24.97 -7.96
N LEU W 14 -13.11 24.35 -7.81
CA LEU W 14 -11.87 24.97 -8.29
C LEU W 14 -11.79 24.92 -9.81
N ASN W 15 -12.21 23.81 -10.42
CA ASN W 15 -12.19 23.71 -11.88
C ASN W 15 -13.16 24.70 -12.52
N SER W 16 -14.35 24.84 -11.93
CA SER W 16 -15.33 25.77 -12.49
C SER W 16 -14.83 27.21 -12.43
N VAL W 17 -14.17 27.58 -11.33
CA VAL W 17 -13.76 28.97 -11.16
C VAL W 17 -12.45 29.27 -11.88
N ARG W 18 -11.67 28.24 -12.21
CA ARG W 18 -10.44 28.47 -12.98
C ARG W 18 -10.70 28.50 -14.48
N LYS W 19 -11.66 27.70 -14.96
CA LYS W 19 -11.99 27.72 -16.39
C LYS W 19 -12.76 28.99 -16.77
N SER W 20 -13.50 29.56 -15.83
CA SER W 20 -14.22 30.80 -16.05
C SER W 20 -13.39 32.03 -15.75
N LYS W 21 -12.20 31.86 -15.13
CA LYS W 21 -11.34 32.97 -14.75
C LYS W 21 -12.10 33.98 -13.88
N THR W 22 -12.97 33.46 -13.02
CA THR W 22 -13.79 34.33 -12.19
C THR W 22 -12.93 35.00 -11.12
N PRO W 23 -13.06 36.30 -10.91
CA PRO W 23 -12.33 36.95 -9.81
C PRO W 23 -12.84 36.44 -8.47
N LEU W 24 -11.92 36.26 -7.53
CA LEU W 24 -12.24 35.70 -6.23
C LEU W 24 -11.56 36.47 -5.11
N THR W 25 -11.95 36.14 -3.89
CA THR W 25 -11.34 36.67 -2.68
C THR W 25 -10.96 35.49 -1.80
N ILE W 26 -9.66 35.20 -1.73
CA ILE W 26 -9.16 34.11 -0.89
C ILE W 26 -8.91 34.68 0.50
N PHE W 27 -9.53 34.07 1.51
CA PHE W 27 -9.33 34.46 2.90
C PHE W 27 -8.42 33.43 3.56
N LEU W 28 -7.39 33.92 4.23
CA LEU W 28 -6.41 33.05 4.88
C LEU W 28 -6.69 32.93 6.37
N VAL W 29 -6.16 31.86 6.96
CA VAL W 29 -6.40 31.56 8.37
C VAL W 29 -5.90 32.68 9.27
N ASN W 30 -4.97 33.50 8.81
CA ASN W 30 -4.48 34.64 9.58
C ASN W 30 -5.25 35.91 9.32
N GLY W 31 -6.37 35.83 8.60
CA GLY W 31 -7.17 37.01 8.32
C GLY W 31 -6.64 37.89 7.20
N VAL W 32 -5.78 37.35 6.34
CA VAL W 32 -5.23 38.11 5.22
C VAL W 32 -6.15 37.94 4.01
N LYS W 33 -6.38 39.05 3.30
CA LYS W 33 -7.22 39.03 2.11
C LYS W 33 -6.36 38.85 0.87
N LEU W 34 -6.77 37.92 0.01
CA LEU W 34 -6.11 37.70 -1.28
C LEU W 34 -7.17 37.80 -2.36
N GLN W 35 -6.94 38.68 -3.33
CA GLN W 35 -7.84 38.86 -4.46
C GLN W 35 -7.11 38.52 -5.75
N GLY W 36 -7.83 37.88 -6.67
CA GLY W 36 -7.22 37.49 -7.93
C GLY W 36 -8.01 36.36 -8.57
N VAL W 37 -7.36 35.71 -9.54
CA VAL W 37 -7.96 34.64 -10.33
C VAL W 37 -7.11 33.39 -10.17
N VAL W 38 -7.76 32.25 -9.96
CA VAL W 38 -7.07 30.97 -9.87
C VAL W 38 -6.76 30.50 -11.29
N SER W 39 -5.47 30.29 -11.58
CA SER W 39 -5.04 29.84 -12.89
C SER W 39 -4.69 28.35 -12.94
N TRP W 40 -4.40 27.74 -11.79
CA TRP W 40 -3.99 26.35 -11.71
C TRP W 40 -4.02 25.94 -10.25
N PHE W 41 -4.49 24.72 -9.98
CA PHE W 41 -4.55 24.23 -8.61
C PHE W 41 -4.04 22.79 -8.55
N ASP W 42 -3.33 22.49 -7.46
CA ASP W 42 -2.80 21.17 -7.13
C ASP W 42 -3.58 20.64 -5.93
N ASN W 43 -3.32 19.37 -5.58
CA ASN W 43 -3.90 18.76 -4.39
C ASN W 43 -3.73 19.65 -3.17
N PHE W 44 -2.55 20.26 -3.00
CA PHE W 44 -2.21 20.98 -1.79
C PHE W 44 -2.17 22.50 -1.96
N CYS W 45 -2.25 23.01 -3.19
CA CYS W 45 -2.07 24.44 -3.38
C CYS W 45 -2.85 24.90 -4.61
N VAL W 46 -2.94 26.22 -4.75
CA VAL W 46 -3.52 26.87 -5.92
C VAL W 46 -2.59 28.00 -6.32
N LEU W 47 -2.60 28.32 -7.62
CA LEU W 47 -1.81 29.45 -8.14
C LEU W 47 -2.77 30.61 -8.39
N LEU W 48 -2.66 31.64 -7.57
CA LEU W 48 -3.51 32.82 -7.64
C LEU W 48 -2.78 33.91 -8.40
N ARG W 49 -3.42 34.45 -9.44
CA ARG W 49 -2.83 35.52 -10.24
C ARG W 49 -3.52 36.83 -9.89
N ARG W 50 -2.72 37.86 -9.65
CA ARG W 50 -3.23 39.17 -9.24
C ARG W 50 -2.26 40.24 -9.70
N ASP W 51 -2.78 41.23 -10.45
CA ASP W 51 -1.96 42.31 -11.01
C ASP W 51 -0.86 41.78 -11.91
N GLY W 52 -1.09 40.63 -12.54
CA GLY W 52 -0.13 40.01 -13.42
C GLY W 52 0.86 39.07 -12.75
N GLN W 53 1.11 39.26 -11.45
CA GLN W 53 2.06 38.43 -10.72
C GLN W 53 1.32 37.29 -10.02
N SER W 54 1.78 36.07 -10.26
CA SER W 54 1.17 34.87 -9.67
C SER W 54 2.01 34.38 -8.50
N GLN W 55 1.35 33.91 -7.45
CA GLN W 55 2.01 33.38 -6.28
C GLN W 55 1.33 32.10 -5.83
N LEU W 56 2.10 31.24 -5.20
CA LEU W 56 1.62 29.93 -4.75
C LEU W 56 0.97 30.07 -3.38
N VAL W 57 -0.28 29.65 -3.26
CA VAL W 57 -1.04 29.71 -2.02
C VAL W 57 -1.35 28.29 -1.58
N TYR W 58 -0.97 27.94 -0.35
CA TYR W 58 -1.20 26.61 0.19
C TYR W 58 -2.63 26.51 0.72
N LYS W 59 -3.27 25.38 0.39
CA LYS W 59 -4.67 25.19 0.79
C LYS W 59 -4.82 25.15 2.30
N HIS W 60 -3.83 24.61 3.01
CA HIS W 60 -3.91 24.54 4.46
C HIS W 60 -3.89 25.91 5.12
N ALA W 61 -3.54 26.96 4.38
CA ALA W 61 -3.60 28.33 4.87
C ALA W 61 -4.86 29.07 4.43
N ILE W 62 -5.67 28.46 3.58
CA ILE W 62 -6.90 29.07 3.09
C ILE W 62 -8.05 28.72 4.03
N SER W 63 -8.84 29.73 4.41
CA SER W 63 -10.05 29.49 5.18
C SER W 63 -11.26 29.35 4.25
N THR W 64 -11.57 30.40 3.48
CA THR W 64 -12.70 30.40 2.57
C THR W 64 -12.28 30.95 1.22
N ILE W 65 -13.03 30.56 0.20
CA ILE W 65 -12.84 31.04 -1.17
C ILE W 65 -14.19 31.55 -1.64
N MET W 66 -14.29 32.85 -1.89
CA MET W 66 -15.55 33.48 -2.25
C MET W 66 -15.44 34.13 -3.62
N PRO W 67 -16.17 33.66 -4.62
CA PRO W 67 -16.16 34.32 -5.93
C PRO W 67 -16.84 35.69 -5.85
N ALA W 68 -16.30 36.64 -6.63
CA ALA W 68 -16.85 37.99 -6.61
C ALA W 68 -18.23 38.04 -7.24
N GLN W 69 -18.45 37.27 -8.29
CA GLN W 69 -19.75 37.25 -8.96
C GLN W 69 -20.05 35.86 -9.50
N ASN X 8 3.07 18.21 -10.80
CA ASN X 8 1.91 19.01 -10.41
C ASN X 8 2.28 20.48 -10.27
N LEU X 9 1.38 21.27 -9.69
CA LEU X 9 1.62 22.71 -9.57
C LEU X 9 2.72 23.00 -8.55
N GLN X 10 2.65 22.37 -7.37
CA GLN X 10 3.62 22.63 -6.32
C GLN X 10 5.02 22.25 -6.78
N ASP X 11 5.16 21.08 -7.39
CA ASP X 11 6.47 20.64 -7.85
C ASP X 11 6.98 21.52 -8.98
N THR X 12 6.11 21.90 -9.91
CA THR X 12 6.52 22.79 -11.00
C THR X 12 6.94 24.14 -10.46
N PHE X 13 6.15 24.71 -9.53
CA PHE X 13 6.47 26.01 -8.96
C PHE X 13 7.80 25.95 -8.21
N LEU X 14 7.94 24.97 -7.32
CA LEU X 14 9.13 24.92 -6.46
C LEU X 14 10.39 24.59 -7.26
N ASN X 15 10.30 23.66 -8.20
CA ASN X 15 11.48 23.33 -9.01
C ASN X 15 11.86 24.47 -9.94
N SER X 16 10.89 25.27 -10.37
CA SER X 16 11.19 26.39 -11.26
C SER X 16 11.96 27.49 -10.52
N VAL X 17 11.48 27.87 -9.34
CA VAL X 17 12.16 28.92 -8.58
C VAL X 17 13.45 28.41 -7.94
N ARG X 18 13.62 27.10 -7.85
CA ARG X 18 14.88 26.55 -7.36
C ARG X 18 15.94 26.51 -8.45
N LYS X 19 15.61 25.92 -9.60
CA LYS X 19 16.56 25.84 -10.70
C LYS X 19 16.90 27.22 -11.26
N SER X 20 15.98 28.17 -11.15
CA SER X 20 16.24 29.54 -11.60
C SER X 20 16.77 30.43 -10.49
N LYS X 21 16.83 29.93 -9.25
CA LYS X 21 17.32 30.70 -8.10
C LYS X 21 16.57 32.02 -7.98
N THR X 22 15.26 31.99 -8.19
CA THR X 22 14.46 33.21 -8.17
C THR X 22 14.35 33.73 -6.75
N PRO X 23 14.64 35.01 -6.50
CA PRO X 23 14.39 35.57 -5.17
C PRO X 23 12.90 35.63 -4.90
N LEU X 24 12.51 35.21 -3.70
CA LEU X 24 11.11 35.11 -3.34
C LEU X 24 10.87 35.71 -1.97
N THR X 25 9.59 35.84 -1.63
CA THR X 25 9.16 36.22 -0.29
C THR X 25 8.13 35.20 0.15
N ILE X 26 8.49 34.36 1.10
CA ILE X 26 7.54 33.42 1.68
C ILE X 26 6.82 34.13 2.83
N PHE X 27 5.50 34.06 2.81
CA PHE X 27 4.67 34.67 3.85
C PHE X 27 4.13 33.56 4.73
N LEU X 28 4.39 33.66 6.03
CA LEU X 28 4.00 32.61 6.95
C LEU X 28 2.60 32.86 7.48
N VAL X 29 2.05 31.82 8.12
CA VAL X 29 0.70 31.92 8.67
C VAL X 29 0.65 32.88 9.85
N ASN X 30 1.77 33.05 10.55
CA ASN X 30 1.82 33.96 11.69
C ASN X 30 2.16 35.39 11.28
N GLY X 31 2.14 35.70 9.99
CA GLY X 31 2.34 37.04 9.50
C GLY X 31 3.78 37.40 9.16
N VAL X 32 4.75 36.63 9.65
CA VAL X 32 6.15 36.97 9.39
C VAL X 32 6.48 36.73 7.93
N LYS X 33 7.37 37.57 7.40
CA LYS X 33 7.80 37.49 6.00
C LYS X 33 9.28 37.14 5.96
N LEU X 34 9.62 36.12 5.17
CA LEU X 34 11.00 35.67 5.01
C LEU X 34 11.42 35.83 3.55
N GLN X 35 12.62 36.34 3.36
CA GLN X 35 13.18 36.57 2.03
C GLN X 35 14.35 35.63 1.78
N GLY X 36 14.62 35.39 0.50
CA GLY X 36 15.75 34.57 0.11
C GLY X 36 15.43 33.78 -1.15
N VAL X 37 16.21 32.71 -1.32
CA VAL X 37 16.08 31.83 -2.47
C VAL X 37 15.92 30.41 -1.97
N VAL X 38 15.03 29.65 -2.58
CA VAL X 38 14.82 28.25 -2.22
C VAL X 38 15.91 27.41 -2.86
N SER X 39 16.63 26.64 -2.04
CA SER X 39 17.71 25.79 -2.52
C SER X 39 17.36 24.32 -2.54
N TRP X 40 16.28 23.91 -1.88
CA TRP X 40 15.95 22.51 -1.68
C TRP X 40 14.54 22.44 -1.08
N PHE X 41 13.81 21.39 -1.45
CA PHE X 41 12.47 21.20 -0.92
C PHE X 41 12.12 19.72 -0.99
N ASP X 42 11.30 19.28 -0.04
CA ASP X 42 10.78 17.91 -0.05
C ASP X 42 9.29 17.92 0.25
N ASN X 43 8.79 16.87 0.92
CA ASN X 43 7.37 16.76 1.19
C ASN X 43 6.89 17.86 2.13
N PHE X 44 7.63 18.11 3.21
CA PHE X 44 7.15 18.96 4.28
C PHE X 44 7.93 20.26 4.46
N CYS X 45 9.12 20.38 3.88
CA CYS X 45 10.02 21.47 4.22
C CYS X 45 10.46 22.21 2.97
N VAL X 46 11.07 23.37 3.19
CA VAL X 46 11.68 24.20 2.16
C VAL X 46 12.93 24.84 2.76
N LEU X 47 14.06 24.71 2.07
CA LEU X 47 15.32 25.28 2.53
C LEU X 47 15.48 26.66 1.92
N LEU X 48 15.42 27.69 2.75
CA LEU X 48 15.56 29.07 2.32
C LEU X 48 16.98 29.56 2.59
N ARG X 49 17.63 30.08 1.57
CA ARG X 49 19.00 30.56 1.67
C ARG X 49 19.07 32.04 1.35
N ARG X 50 19.63 32.82 2.27
CA ARG X 50 19.89 34.24 2.05
C ARG X 50 21.24 34.56 2.66
N ASP X 51 22.21 34.87 1.79
CA ASP X 51 23.59 35.18 2.20
C ASP X 51 24.24 34.00 2.93
N GLY X 52 24.36 32.89 2.20
CA GLY X 52 25.08 31.72 2.67
C GLY X 52 24.46 30.96 3.83
N GLN X 53 23.48 31.52 4.52
CA GLN X 53 22.87 30.86 5.66
C GLN X 53 21.67 30.02 5.22
N SER X 54 21.58 28.82 5.78
CA SER X 54 20.48 27.91 5.49
C SER X 54 19.36 28.07 6.52
N GLN X 55 18.14 27.85 6.06
CA GLN X 55 16.96 28.16 6.88
C GLN X 55 15.84 27.19 6.50
N LEU X 56 15.55 26.24 7.38
CA LEU X 56 14.61 25.15 7.10
C LEU X 56 13.20 25.60 7.48
N VAL X 57 12.39 25.94 6.48
CA VAL X 57 11.01 26.39 6.70
C VAL X 57 10.08 25.21 6.47
N TYR X 58 9.12 25.03 7.37
CA TYR X 58 8.11 24.00 7.21
C TYR X 58 6.96 24.52 6.37
N LYS X 59 6.51 23.68 5.43
CA LYS X 59 5.45 24.10 4.51
C LYS X 59 4.15 24.39 5.24
N HIS X 60 3.86 23.65 6.32
CA HIS X 60 2.61 23.86 7.05
C HIS X 60 2.54 25.25 7.68
N ALA X 61 3.68 25.90 7.88
CA ALA X 61 3.70 27.27 8.38
C ALA X 61 3.65 28.30 7.26
N ILE X 62 3.73 27.88 6.01
CA ILE X 62 3.79 28.79 4.88
C ILE X 62 2.37 29.10 4.42
N SER X 63 2.08 30.39 4.22
CA SER X 63 0.80 30.82 3.65
CA SER X 63 0.80 30.82 3.66
C SER X 63 0.90 30.97 2.14
N THR X 64 1.74 31.89 1.68
CA THR X 64 1.95 32.14 0.26
C THR X 64 3.44 32.25 -0.03
N ILE X 65 3.79 32.10 -1.31
CA ILE X 65 5.15 32.27 -1.80
C ILE X 65 5.09 33.16 -3.03
N MET X 66 5.63 34.37 -2.93
CA MET X 66 5.57 35.33 -4.01
C MET X 66 6.96 35.59 -4.56
N PRO X 67 7.21 35.31 -5.84
CA PRO X 67 8.53 35.60 -6.43
C PRO X 67 8.72 37.09 -6.61
N ALA X 68 9.98 37.53 -6.44
CA ALA X 68 10.29 38.94 -6.60
C ALA X 68 10.06 39.40 -8.03
N GLN X 69 10.36 38.54 -9.00
CA GLN X 69 10.10 38.81 -10.40
C GLN X 69 9.21 37.71 -10.97
N PRO X 70 8.34 38.04 -11.93
CA PRO X 70 7.43 37.03 -12.47
C PRO X 70 8.18 35.86 -13.10
N VAL X 71 7.61 34.67 -12.94
CA VAL X 71 8.21 33.43 -13.42
C VAL X 71 7.24 32.79 -14.40
N GLN X 72 7.79 32.15 -15.42
CA GLN X 72 7.01 31.37 -16.38
C GLN X 72 7.00 29.91 -15.95
N LEU X 73 5.81 29.36 -15.74
CA LEU X 73 5.67 28.06 -15.07
C LEU X 73 5.24 26.95 -16.02
N TYR X 74 5.42 27.13 -17.33
CA TYR X 74 5.02 26.10 -18.27
C TYR X 74 6.22 25.34 -18.82
#